data_7S8B
#
_entry.id   7S8B
#
_cell.length_a   1.00
_cell.length_b   1.00
_cell.length_c   1.00
_cell.angle_alpha   90.00
_cell.angle_beta   90.00
_cell.angle_gamma   90.00
#
_symmetry.space_group_name_H-M   'P 1'
#
loop_
_entity.id
_entity.type
_entity.pdbx_description
1 polymer 'Transient receptor potential cation channel subfamily V member 6'
2 non-polymer 'CHOLESTEROL HEMISUCCINATE'
3 non-polymer 1,2-DIOLEOYL-SN-GLYCERO-3-PHOSPHOCHOLINE
4 non-polymer '(2S)-3-(hexadecanoyloxy)-2-[(9Z)-octadec-9-enoyloxy]propyl 2-(trimethylammonio)ethyl phosphate'
5 non-polymer 'CALCIUM ION'
6 non-polymer 'ruthenium(6+) azanide pentaamino(oxido)ruthenium (1/4/2)'
#
_entity_poly.entity_id   1
_entity_poly.type   'polypeptide(L)'
_entity_poly.pdbx_seq_one_letter_code
;MGLSLPKEKGLILCLWSKFCRWFQRRESWAQSRDEQNLLQQKRIWESPLLLAAKDNDVQALNKLLKYEDCKVHQRGAMGE
TALHIAALYDNLEAAMVLMEAAPELVFEPMTSELYEGQTALHIAVVNQNMNLVRALLARRASVSARATGTAFRRSPCNLI
YFGEHPLSFAACVNSEEIVRLLIEHGADIRAQDSLGNTVLHILILQPNKTFACQMYNLLLSYDRHGDHLQPLDLVPNHQG
LTPFKLAGVEGNTVMFQHLMQKRKHTQWTYGPLTSTLYDLTEIDSSGDEQSLLELIITTKKREARQILDQTPVKELVSLK
WKRYGRPYFCMLGAIYLLYIICFTMCCIYRPLKPRTNNRTSPRDNTLLQQKLLQEAYMTPKDDIRLVGELVTVIGAIIIL
LVEVPDIFRMGVTRFFGQTILGGPFHVLIITYAFMVLVTMVMRLISASGEVVPMSFALVLGWCNVMYFARGFQMLGPFTI
MIQKMIFGDLMRFCWLMAVVILGFASAFYIIFQTEDPEELGHFYDYPMALFSTFELFLTIIDGPANYNVDLPFMYSITYA
AFAIIATLLMLNLLIAMMGDTHWRVAHERDELWRAQIVATTVMLERKLPRCLWPRSGICGREYGLGDRWFLRVEDRQDLN
RQRIQRYAQAFHTRGSEDLDKDSVEKLVPRGSAAAWSHPQFEK
;
_entity_poly.pdbx_strand_id   A,B,C,D
#
# COMPACT_ATOMS: atom_id res chain seq x y z
N GLU A 27 -27.17 27.31 -17.71
CA GLU A 27 -25.94 28.06 -17.95
C GLU A 27 -26.23 29.54 -18.14
N SER A 28 -27.39 29.83 -18.71
CA SER A 28 -27.73 31.22 -19.03
C SER A 28 -28.06 32.02 -17.79
N TRP A 29 -28.50 31.37 -16.71
CA TRP A 29 -28.78 32.11 -15.50
C TRP A 29 -27.51 32.53 -14.78
N ALA A 30 -26.50 31.65 -14.79
CA ALA A 30 -25.17 32.05 -14.33
C ALA A 30 -24.53 33.02 -15.31
N GLN A 31 -24.92 32.98 -16.59
CA GLN A 31 -24.51 34.00 -17.54
C GLN A 31 -25.24 35.31 -17.30
N SER A 32 -26.53 35.24 -16.96
CA SER A 32 -27.27 36.44 -16.62
C SER A 32 -26.77 37.03 -15.31
N ARG A 33 -26.41 36.17 -14.35
CA ARG A 33 -25.89 36.65 -13.08
C ARG A 33 -24.48 37.22 -13.23
N ASP A 34 -23.69 36.67 -14.14
CA ASP A 34 -22.40 37.28 -14.43
C ASP A 34 -22.54 38.60 -15.17
N GLU A 35 -23.59 38.78 -15.96
CA GLU A 35 -23.78 40.06 -16.64
C GLU A 35 -24.30 41.15 -15.72
N GLN A 36 -25.10 40.79 -14.71
CA GLN A 36 -25.68 41.79 -13.83
C GLN A 36 -24.64 42.40 -12.90
N ASN A 37 -23.63 41.62 -12.51
CA ASN A 37 -22.56 42.18 -11.70
C ASN A 37 -21.68 43.13 -12.52
N LEU A 38 -21.53 42.88 -13.81
CA LEU A 38 -20.79 43.81 -14.67
C LEU A 38 -21.64 45.00 -15.06
N LEU A 39 -22.93 44.79 -15.30
CA LEU A 39 -23.84 45.90 -15.57
C LEU A 39 -24.03 46.77 -14.33
N GLN A 40 -23.80 46.23 -13.13
CA GLN A 40 -23.86 47.06 -11.93
C GLN A 40 -22.68 48.02 -11.88
N GLN A 41 -21.51 47.57 -12.31
CA GLN A 41 -20.30 48.40 -12.29
C GLN A 41 -20.31 49.48 -13.36
N LYS A 42 -21.18 49.39 -14.36
CA LYS A 42 -21.31 50.45 -15.35
C LYS A 42 -22.36 51.47 -14.96
N ARG A 43 -23.43 51.08 -14.26
CA ARG A 43 -24.48 52.01 -13.88
C ARG A 43 -24.07 52.99 -12.80
N ILE A 44 -22.85 52.89 -12.26
CA ILE A 44 -22.36 53.90 -11.34
C ILE A 44 -21.81 55.10 -12.10
N TRP A 45 -21.09 54.85 -13.20
CA TRP A 45 -20.17 55.82 -13.78
C TRP A 45 -20.85 56.95 -14.55
N GLU A 46 -22.15 56.87 -14.84
CA GLU A 46 -22.77 57.89 -15.69
C GLU A 46 -23.54 58.95 -14.90
N SER A 47 -23.36 59.03 -13.58
CA SER A 47 -24.06 60.06 -12.81
C SER A 47 -23.19 60.60 -11.68
N PRO A 48 -23.33 61.88 -11.33
CA PRO A 48 -22.58 62.40 -10.17
C PRO A 48 -23.25 62.15 -8.83
N LEU A 49 -24.58 62.02 -8.80
CA LEU A 49 -25.30 61.85 -7.54
C LEU A 49 -25.10 60.47 -6.92
N LEU A 50 -24.78 59.47 -7.75
CA LEU A 50 -24.42 58.14 -7.28
C LEU A 50 -22.92 57.95 -7.23
N LEU A 51 -22.15 58.99 -7.55
CA LEU A 51 -20.69 58.94 -7.55
C LEU A 51 -20.11 59.49 -6.27
N ALA A 52 -20.69 60.57 -5.74
CA ALA A 52 -20.22 61.15 -4.49
C ALA A 52 -20.62 60.31 -3.28
N ALA A 53 -21.59 59.42 -3.44
CA ALA A 53 -21.98 58.48 -2.40
C ALA A 53 -21.35 57.11 -2.58
N LYS A 54 -20.38 56.97 -3.48
CA LYS A 54 -19.57 55.77 -3.57
C LYS A 54 -18.21 55.93 -2.90
N ASP A 55 -17.51 57.03 -3.20
CA ASP A 55 -16.24 57.34 -2.58
C ASP A 55 -16.42 58.47 -1.56
N ASN A 56 -15.33 58.86 -0.91
CA ASN A 56 -15.38 59.88 0.13
C ASN A 56 -15.26 61.29 -0.45
N ASP A 57 -16.11 61.64 -1.41
CA ASP A 57 -16.12 62.98 -1.97
C ASP A 57 -17.41 63.64 -1.51
N VAL A 58 -17.35 64.29 -0.35
CA VAL A 58 -18.53 64.92 0.22
C VAL A 58 -18.75 66.35 -0.28
N GLN A 59 -17.70 67.00 -0.79
CA GLN A 59 -17.78 68.43 -1.10
C GLN A 59 -18.56 68.68 -2.39
N ALA A 60 -18.39 67.80 -3.38
CA ALA A 60 -19.15 67.93 -4.62
C ALA A 60 -20.63 67.64 -4.39
N LEU A 61 -20.93 66.77 -3.42
CA LEU A 61 -22.31 66.42 -3.13
C LEU A 61 -23.07 67.61 -2.54
N ASN A 62 -22.38 68.48 -1.78
CA ASN A 62 -23.00 69.71 -1.34
C ASN A 62 -23.21 70.69 -2.48
N LYS A 63 -22.46 70.54 -3.57
CA LYS A 63 -22.69 71.31 -4.78
C LYS A 63 -23.76 70.68 -5.66
N LEU A 64 -23.93 69.35 -5.55
CA LEU A 64 -24.96 68.66 -6.33
C LEU A 64 -26.37 68.96 -5.84
N LEU A 65 -26.53 69.40 -4.60
CA LEU A 65 -27.86 69.53 -4.02
C LEU A 65 -28.41 70.95 -4.04
N LYS A 66 -27.60 71.95 -3.73
CA LYS A 66 -28.12 73.29 -3.50
C LYS A 66 -28.27 74.11 -4.77
N TYR A 67 -27.54 73.81 -5.83
CA TYR A 67 -27.59 74.64 -7.04
C TYR A 67 -28.81 74.31 -7.90
N GLU A 68 -28.91 73.08 -8.38
CA GLU A 68 -29.97 72.72 -9.32
C GLU A 68 -31.19 72.09 -8.65
N ASP A 69 -31.07 71.68 -7.38
CA ASP A 69 -32.14 71.06 -6.58
C ASP A 69 -32.71 69.81 -7.27
N CYS A 70 -31.82 68.86 -7.55
CA CYS A 70 -32.19 67.67 -8.29
C CYS A 70 -32.85 66.63 -7.39
N LYS A 71 -33.53 65.68 -8.02
CA LYS A 71 -34.15 64.58 -7.29
C LYS A 71 -33.11 63.52 -6.95
N VAL A 72 -33.21 62.95 -5.75
CA VAL A 72 -32.17 62.08 -5.22
C VAL A 72 -32.51 60.60 -5.29
N HIS A 73 -33.72 60.24 -5.70
CA HIS A 73 -34.13 58.84 -5.73
C HIS A 73 -33.77 58.16 -7.06
N GLN A 74 -32.52 58.31 -7.48
CA GLN A 74 -32.03 57.69 -8.70
C GLN A 74 -31.56 56.28 -8.40
N ARG A 75 -32.03 55.32 -9.19
CA ARG A 75 -31.81 53.91 -8.94
C ARG A 75 -30.66 53.37 -9.78
N GLY A 76 -29.93 52.41 -9.22
CA GLY A 76 -28.87 51.71 -9.93
C GLY A 76 -29.38 50.51 -10.70
N ALA A 77 -28.53 49.50 -10.82
CA ALA A 77 -28.85 48.32 -11.63
C ALA A 77 -29.85 47.41 -10.93
N MET A 78 -29.68 47.21 -9.62
CA MET A 78 -30.59 46.41 -8.82
C MET A 78 -31.73 47.23 -8.25
N GLY A 79 -32.08 48.35 -8.88
CA GLY A 79 -33.14 49.21 -8.38
C GLY A 79 -32.84 49.84 -7.04
N GLU A 80 -31.58 49.99 -6.67
CA GLU A 80 -31.21 50.45 -5.34
C GLU A 80 -30.76 51.89 -5.38
N THR A 81 -30.87 52.54 -4.23
CA THR A 81 -30.38 53.90 -4.07
C THR A 81 -28.86 53.90 -3.91
N ALA A 82 -28.29 55.09 -3.79
CA ALA A 82 -26.85 55.23 -3.62
C ALA A 82 -26.37 54.80 -2.24
N LEU A 83 -27.29 54.60 -1.29
CA LEU A 83 -26.93 54.19 0.06
C LEU A 83 -26.39 52.76 0.10
N HIS A 84 -26.94 51.88 -0.75
CA HIS A 84 -26.49 50.50 -0.75
C HIS A 84 -25.08 50.37 -1.28
N ILE A 85 -24.66 51.29 -2.14
CA ILE A 85 -23.28 51.32 -2.60
C ILE A 85 -22.36 51.81 -1.48
N ALA A 86 -22.87 52.70 -0.63
CA ALA A 86 -22.09 53.18 0.50
C ALA A 86 -21.87 52.08 1.53
N ALA A 87 -22.91 51.30 1.83
CA ALA A 87 -22.79 50.20 2.78
C ALA A 87 -21.89 49.10 2.27
N LEU A 88 -21.85 48.90 0.96
CA LEU A 88 -21.08 47.84 0.34
C LEU A 88 -19.61 48.21 0.21
N TYR A 89 -19.27 49.47 0.46
CA TYR A 89 -17.88 49.92 0.44
C TYR A 89 -17.54 50.76 1.67
N ASP A 90 -18.36 50.70 2.73
CA ASP A 90 -18.14 51.30 4.05
C ASP A 90 -18.03 52.82 4.01
N ASN A 91 -19.08 53.51 3.58
CA ASN A 91 -19.06 54.95 3.42
C ASN A 91 -20.15 55.58 4.27
N LEU A 92 -19.75 56.46 5.20
CA LEU A 92 -20.67 57.01 6.20
C LEU A 92 -20.88 58.51 6.09
N GLU A 93 -19.99 59.22 5.39
CA GLU A 93 -19.86 60.65 5.60
C GLU A 93 -20.76 61.48 4.69
N ALA A 94 -20.83 61.13 3.40
CA ALA A 94 -21.70 61.88 2.49
C ALA A 94 -23.18 61.56 2.75
N ALA A 95 -23.48 60.35 3.23
CA ALA A 95 -24.86 59.92 3.44
C ALA A 95 -25.52 60.63 4.60
N MET A 96 -24.77 61.34 5.43
CA MET A 96 -25.38 62.17 6.47
C MET A 96 -26.11 63.36 5.86
N VAL A 97 -25.48 64.02 4.87
CA VAL A 97 -26.10 65.14 4.17
C VAL A 97 -27.26 64.64 3.31
N LEU A 98 -27.21 63.38 2.90
CA LEU A 98 -28.35 62.72 2.28
C LEU A 98 -29.55 62.67 3.21
N MET A 99 -29.31 62.56 4.52
CA MET A 99 -30.40 62.41 5.48
C MET A 99 -30.83 63.74 6.08
N GLU A 100 -29.97 64.75 6.07
CA GLU A 100 -30.41 66.08 6.46
C GLU A 100 -31.25 66.73 5.37
N ALA A 101 -31.10 66.27 4.12
CA ALA A 101 -31.89 66.78 3.00
C ALA A 101 -33.04 65.86 2.61
N ALA A 102 -32.81 64.55 2.55
CA ALA A 102 -33.85 63.57 2.24
C ALA A 102 -33.83 62.49 3.32
N PRO A 103 -34.53 62.72 4.44
CA PRO A 103 -34.45 61.77 5.58
C PRO A 103 -35.10 60.43 5.31
N GLU A 104 -35.96 60.32 4.30
CA GLU A 104 -36.72 59.12 4.00
C GLU A 104 -35.92 58.04 3.26
N LEU A 105 -34.59 58.18 3.16
CA LEU A 105 -33.76 57.27 2.37
C LEU A 105 -33.53 55.91 3.04
N VAL A 106 -33.80 55.80 4.35
CA VAL A 106 -33.43 54.63 5.13
C VAL A 106 -34.22 53.40 4.70
N PHE A 107 -35.51 53.57 4.42
CA PHE A 107 -36.42 52.44 4.35
C PHE A 107 -36.39 51.69 3.02
N GLU A 108 -35.98 52.35 1.94
CA GLU A 108 -36.28 51.86 0.60
C GLU A 108 -35.39 50.68 0.23
N PRO A 109 -35.93 49.49 0.06
CA PRO A 109 -35.11 48.31 -0.16
C PRO A 109 -34.70 48.22 -1.63
N MET A 110 -34.01 47.13 -1.97
CA MET A 110 -33.74 46.87 -3.37
C MET A 110 -35.01 46.37 -4.06
N THR A 111 -35.33 47.00 -5.19
CA THR A 111 -36.48 46.60 -5.99
C THR A 111 -36.09 45.72 -7.17
N SER A 112 -34.98 44.98 -7.02
CA SER A 112 -34.47 44.05 -8.01
C SER A 112 -35.16 42.70 -7.97
N GLU A 113 -34.53 41.71 -8.59
CA GLU A 113 -35.03 40.35 -8.60
C GLU A 113 -33.96 39.30 -8.30
N LEU A 114 -32.71 39.70 -8.06
CA LEU A 114 -31.64 38.82 -7.59
C LEU A 114 -31.31 39.02 -6.12
N TYR A 115 -31.18 40.27 -5.69
CA TYR A 115 -31.08 40.63 -4.28
C TYR A 115 -32.35 41.39 -3.97
N GLU A 116 -33.45 40.69 -3.78
CA GLU A 116 -34.76 41.31 -3.65
C GLU A 116 -35.09 41.50 -2.18
N GLY A 117 -35.48 42.72 -1.83
CA GLY A 117 -35.81 43.03 -0.46
C GLY A 117 -34.62 43.23 0.45
N GLN A 118 -33.41 43.14 -0.07
CA GLN A 118 -32.24 43.47 0.72
C GLN A 118 -32.17 44.97 0.91
N THR A 119 -32.00 45.40 2.14
CA THR A 119 -31.90 46.82 2.45
C THR A 119 -30.47 47.13 2.86
N ALA A 120 -30.23 48.39 3.20
CA ALA A 120 -28.90 48.84 3.60
C ALA A 120 -28.47 48.28 4.94
N LEU A 121 -29.41 47.78 5.74
CA LEU A 121 -29.04 47.21 7.03
C LEU A 121 -28.38 45.85 6.87
N HIS A 122 -28.85 45.03 5.91
CA HIS A 122 -28.23 43.73 5.65
C HIS A 122 -26.78 43.86 5.25
N ILE A 123 -26.46 44.82 4.39
CA ILE A 123 -25.11 44.98 3.86
C ILE A 123 -24.14 45.43 4.95
N ALA A 124 -24.58 46.35 5.80
CA ALA A 124 -23.75 46.81 6.90
C ALA A 124 -23.60 45.76 7.99
N VAL A 125 -24.49 44.78 8.02
CA VAL A 125 -24.37 43.69 8.98
C VAL A 125 -23.28 42.71 8.55
N VAL A 126 -23.31 42.24 7.30
CA VAL A 126 -22.32 41.24 6.87
C VAL A 126 -20.94 41.83 6.67
N ASN A 127 -20.83 43.11 6.36
CA ASN A 127 -19.51 43.76 6.38
C ASN A 127 -19.15 44.26 7.76
N GLN A 128 -20.07 44.14 8.71
CA GLN A 128 -19.89 44.42 10.13
C GLN A 128 -19.50 45.87 10.38
N ASN A 129 -20.38 46.75 9.92
CA ASN A 129 -20.35 48.16 10.27
C ASN A 129 -21.24 48.37 11.49
N MET A 130 -20.74 49.16 12.44
CA MET A 130 -21.50 49.40 13.66
C MET A 130 -22.00 50.82 13.81
N ASN A 131 -21.25 51.82 13.32
CA ASN A 131 -21.66 53.21 13.49
C ASN A 131 -22.84 53.58 12.61
N LEU A 132 -23.09 52.82 11.53
CA LEU A 132 -24.24 53.13 10.68
C LEU A 132 -25.54 52.77 11.38
N VAL A 133 -25.52 51.76 12.25
CA VAL A 133 -26.70 51.36 13.00
C VAL A 133 -27.13 52.46 13.97
N ARG A 134 -26.17 53.17 14.57
CA ARG A 134 -26.52 54.24 15.50
C ARG A 134 -27.12 55.46 14.82
N ALA A 135 -26.85 55.66 13.53
CA ALA A 135 -27.40 56.82 12.81
C ALA A 135 -28.72 56.50 12.12
N LEU A 136 -28.85 55.28 11.58
CA LEU A 136 -30.12 54.87 10.99
C LEU A 136 -31.21 54.76 12.05
N LEU A 137 -30.94 54.02 13.14
CA LEU A 137 -31.96 53.73 14.13
C LEU A 137 -32.33 54.95 14.96
N ALA A 138 -31.48 55.98 15.00
CA ALA A 138 -31.90 57.25 15.57
C ALA A 138 -32.94 57.94 14.71
N ARG A 139 -32.97 57.64 13.41
CA ARG A 139 -33.99 58.16 12.50
C ARG A 139 -35.07 57.12 12.19
N ARG A 140 -35.34 56.22 13.15
CA ARG A 140 -36.38 55.19 13.09
C ARG A 140 -36.20 54.24 11.90
N ALA A 141 -35.11 53.47 11.95
CA ALA A 141 -34.81 52.51 10.90
C ALA A 141 -35.63 51.22 11.08
N SER A 142 -35.42 50.27 10.17
CA SER A 142 -36.17 49.02 10.11
C SER A 142 -35.24 47.83 10.30
N VAL A 143 -35.65 46.90 11.17
CA VAL A 143 -34.85 45.70 11.47
C VAL A 143 -35.59 44.42 11.12
N SER A 144 -36.84 44.49 10.70
CA SER A 144 -37.61 43.31 10.33
C SER A 144 -37.76 43.18 8.83
N ALA A 145 -36.70 43.44 8.08
CA ALA A 145 -36.72 43.34 6.62
C ALA A 145 -36.29 41.95 6.18
N ARG A 146 -36.88 41.48 5.08
CA ARG A 146 -36.71 40.12 4.63
C ARG A 146 -36.08 40.11 3.24
N ALA A 147 -34.79 39.78 3.17
CA ALA A 147 -34.11 39.58 1.90
C ALA A 147 -34.55 38.23 1.34
N THR A 148 -35.58 38.25 0.50
CA THR A 148 -36.08 37.04 -0.14
C THR A 148 -35.49 36.82 -1.53
N GLY A 149 -34.44 37.55 -1.89
CA GLY A 149 -33.88 37.44 -3.22
C GLY A 149 -33.20 36.10 -3.44
N THR A 150 -32.92 35.82 -4.72
CA THR A 150 -32.45 34.50 -5.08
C THR A 150 -30.98 34.27 -4.73
N ALA A 151 -30.23 35.32 -4.45
CA ALA A 151 -28.84 35.17 -4.04
C ALA A 151 -28.68 34.78 -2.59
N PHE A 152 -29.77 34.70 -1.83
CA PHE A 152 -29.72 34.39 -0.41
C PHE A 152 -30.39 33.06 -0.10
N ARG A 153 -30.92 32.38 -1.10
CA ARG A 153 -31.65 31.15 -0.87
C ARG A 153 -30.67 30.00 -0.71
N ARG A 154 -31.19 28.85 -0.27
CA ARG A 154 -30.36 27.67 -0.08
C ARG A 154 -30.35 26.91 -1.40
N SER A 155 -29.28 27.07 -2.17
CA SER A 155 -29.12 26.42 -3.46
C SER A 155 -27.63 26.41 -3.76
N PRO A 156 -27.13 25.42 -4.51
CA PRO A 156 -25.68 25.32 -4.75
C PRO A 156 -25.10 26.42 -5.64
N CYS A 157 -25.93 27.23 -6.28
CA CYS A 157 -25.41 28.38 -7.00
C CYS A 157 -24.88 29.45 -6.05
N ASN A 158 -25.46 29.56 -4.86
CA ASN A 158 -25.06 30.56 -3.90
C ASN A 158 -24.04 29.95 -2.95
N LEU A 159 -22.91 30.62 -2.79
CA LEU A 159 -21.85 30.13 -1.91
C LEU A 159 -22.06 30.49 -0.46
N ILE A 160 -23.10 31.27 -0.14
CA ILE A 160 -23.51 31.51 1.23
C ILE A 160 -24.98 31.14 1.35
N TYR A 161 -25.38 30.74 2.54
CA TYR A 161 -26.78 30.70 2.92
C TYR A 161 -26.89 31.30 4.31
N PHE A 162 -27.50 32.48 4.40
CA PHE A 162 -27.57 33.20 5.66
C PHE A 162 -28.97 33.33 6.20
N GLY A 163 -30.01 33.22 5.36
CA GLY A 163 -31.38 33.40 5.79
C GLY A 163 -32.05 34.55 5.06
N GLU A 164 -32.90 35.28 5.79
CA GLU A 164 -33.60 36.44 5.25
C GLU A 164 -33.57 37.67 6.14
N HIS A 165 -33.36 37.52 7.42
CA HIS A 165 -33.49 38.60 8.38
C HIS A 165 -32.13 39.13 8.78
N PRO A 166 -32.05 40.39 9.25
CA PRO A 166 -30.74 40.92 9.68
C PRO A 166 -30.17 40.27 10.93
N LEU A 167 -31.00 39.67 11.80
CA LEU A 167 -30.46 38.84 12.87
C LEU A 167 -29.74 37.62 12.32
N SER A 168 -30.30 37.04 11.26
CA SER A 168 -29.75 35.83 10.67
C SER A 168 -28.38 36.10 10.04
N PHE A 169 -28.18 37.29 9.49
CA PHE A 169 -26.91 37.58 8.82
C PHE A 169 -25.80 37.79 9.85
N ALA A 170 -26.10 38.51 10.94
CA ALA A 170 -25.09 38.80 11.96
C ALA A 170 -24.70 37.56 12.73
N ALA A 171 -25.62 36.61 12.87
CA ALA A 171 -25.31 35.35 13.51
C ALA A 171 -24.31 34.54 12.69
N CYS A 172 -24.37 34.66 11.36
CA CYS A 172 -23.59 33.82 10.47
C CYS A 172 -22.22 34.38 10.11
N VAL A 173 -22.01 35.69 10.27
CA VAL A 173 -20.67 36.26 10.09
C VAL A 173 -19.99 36.37 11.46
N ASN A 174 -20.63 35.80 12.48
CA ASN A 174 -20.12 35.71 13.86
C ASN A 174 -19.87 37.10 14.45
N SER A 175 -20.95 37.86 14.61
CA SER A 175 -20.91 39.19 15.19
C SER A 175 -21.82 39.25 16.41
N GLU A 176 -21.24 39.17 17.60
CA GLU A 176 -22.02 39.19 18.84
C GLU A 176 -22.62 40.57 19.10
N GLU A 177 -21.91 41.63 18.70
CA GLU A 177 -22.34 43.00 19.00
C GLU A 177 -23.61 43.35 18.26
N ILE A 178 -23.72 42.98 16.99
CA ILE A 178 -24.90 43.28 16.21
C ILE A 178 -26.08 42.40 16.61
N VAL A 179 -25.82 41.22 17.20
CA VAL A 179 -26.90 40.39 17.74
C VAL A 179 -27.57 41.07 18.92
N ARG A 180 -26.78 41.69 19.80
CA ARG A 180 -27.38 42.40 20.92
C ARG A 180 -27.89 43.77 20.53
N LEU A 181 -27.39 44.32 19.43
CA LEU A 181 -27.80 45.64 18.96
C LEU A 181 -29.13 45.60 18.23
N LEU A 182 -29.57 44.42 17.81
CA LEU A 182 -30.88 44.27 17.18
C LEU A 182 -31.98 43.94 18.19
N ILE A 183 -31.66 43.15 19.22
CA ILE A 183 -32.66 42.83 20.24
C ILE A 183 -33.02 44.07 21.03
N GLU A 184 -32.07 45.00 21.20
CA GLU A 184 -32.41 46.31 21.76
C GLU A 184 -33.33 47.12 20.84
N HIS A 185 -33.31 46.84 19.54
CA HIS A 185 -34.05 47.65 18.57
C HIS A 185 -35.25 46.93 17.98
N GLY A 186 -35.82 45.97 18.69
CA GLY A 186 -37.11 45.43 18.31
C GLY A 186 -37.02 44.32 17.29
N ALA A 187 -36.00 43.47 17.41
CA ALA A 187 -35.87 42.33 16.51
C ALA A 187 -36.73 41.18 17.02
N ASP A 188 -36.52 39.99 16.44
CA ASP A 188 -37.30 38.81 16.79
C ASP A 188 -36.48 37.57 16.46
N ILE A 189 -36.24 36.73 17.46
CA ILE A 189 -35.42 35.55 17.23
C ILE A 189 -36.27 34.37 16.75
N ARG A 190 -37.58 34.43 16.94
CA ARG A 190 -38.46 33.37 16.48
C ARG A 190 -38.89 33.54 15.02
N ALA A 191 -38.24 34.44 14.28
CA ALA A 191 -38.56 34.68 12.88
C ALA A 191 -37.93 33.62 11.99
N GLN A 192 -38.61 33.33 10.88
CA GLN A 192 -38.24 32.22 10.03
C GLN A 192 -38.06 32.65 8.58
N ASP A 193 -37.41 31.78 7.81
CA ASP A 193 -37.24 31.99 6.38
C ASP A 193 -38.51 31.61 5.64
N SER A 194 -38.43 31.60 4.31
CA SER A 194 -39.46 30.97 3.49
C SER A 194 -39.37 29.46 3.56
N LEU A 195 -38.21 28.92 3.92
CA LEU A 195 -38.04 27.49 4.18
C LEU A 195 -38.50 27.10 5.58
N GLY A 196 -38.79 28.06 6.44
CA GLY A 196 -39.18 27.79 7.80
C GLY A 196 -38.03 27.69 8.79
N ASN A 197 -36.80 27.83 8.32
CA ASN A 197 -35.65 27.80 9.20
C ASN A 197 -35.62 29.02 10.10
N THR A 198 -35.56 28.79 11.41
CA THR A 198 -35.29 29.87 12.34
C THR A 198 -33.81 30.19 12.28
N VAL A 199 -33.38 31.14 13.11
CA VAL A 199 -31.97 31.48 13.12
C VAL A 199 -31.14 30.36 13.76
N LEU A 200 -31.76 29.52 14.60
CA LEU A 200 -31.00 28.42 15.19
C LEU A 200 -30.73 27.31 14.18
N HIS A 201 -31.66 27.10 13.23
CA HIS A 201 -31.46 26.18 12.12
C HIS A 201 -30.30 26.60 11.24
N ILE A 202 -30.15 27.91 11.02
CA ILE A 202 -29.22 28.40 10.02
C ILE A 202 -27.78 28.29 10.52
N LEU A 203 -27.56 28.39 11.83
CA LEU A 203 -26.21 28.21 12.37
C LEU A 203 -25.70 26.79 12.17
N ILE A 204 -26.59 25.80 12.19
CA ILE A 204 -26.21 24.41 11.93
C ILE A 204 -25.78 24.22 10.49
N LEU A 205 -26.29 25.04 9.58
CA LEU A 205 -25.94 24.93 8.17
C LEU A 205 -24.65 25.64 7.81
N GLN A 206 -23.92 26.21 8.78
CA GLN A 206 -22.81 27.08 8.41
C GLN A 206 -21.53 26.27 8.19
N PRO A 207 -20.62 26.74 7.34
CA PRO A 207 -19.37 25.99 7.15
C PRO A 207 -18.39 26.11 8.30
N ASN A 208 -18.60 27.04 9.22
CA ASN A 208 -17.64 27.30 10.29
C ASN A 208 -18.29 26.84 11.60
N LYS A 209 -17.97 25.61 11.99
CA LYS A 209 -18.78 24.85 12.94
C LYS A 209 -18.67 25.39 14.36
N THR A 210 -17.45 25.67 14.81
CA THR A 210 -17.22 26.00 16.21
C THR A 210 -17.77 27.38 16.56
N PHE A 211 -17.68 28.32 15.62
CA PHE A 211 -18.28 29.65 15.84
C PHE A 211 -19.81 29.57 15.88
N ALA A 212 -20.39 28.57 15.23
CA ALA A 212 -21.83 28.40 15.29
C ALA A 212 -22.28 27.91 16.66
N CYS A 213 -21.42 27.18 17.38
CA CYS A 213 -21.76 26.74 18.72
C CYS A 213 -21.90 27.92 19.67
N GLN A 214 -21.05 28.94 19.52
CA GLN A 214 -21.09 30.09 20.42
C GLN A 214 -22.28 30.98 20.12
N MET A 215 -22.63 31.13 18.83
CA MET A 215 -23.84 31.84 18.46
C MET A 215 -25.08 31.13 18.96
N TYR A 216 -25.06 29.79 18.91
CA TYR A 216 -26.19 29.01 19.39
C TYR A 216 -26.43 29.24 20.88
N ASN A 217 -25.36 29.28 21.70
CA ASN A 217 -25.54 29.58 23.11
C ASN A 217 -25.93 31.04 23.36
N LEU A 218 -25.50 31.94 22.47
CA LEU A 218 -25.87 33.35 22.64
C LEU A 218 -27.32 33.60 22.26
N LEU A 219 -27.77 32.99 21.17
CA LEU A 219 -29.09 33.29 20.65
C LEU A 219 -30.20 32.55 21.39
N LEU A 220 -29.91 31.36 21.92
CA LEU A 220 -30.92 30.59 22.64
C LEU A 220 -31.24 31.20 24.00
N SER A 221 -30.33 31.98 24.56
CA SER A 221 -30.47 32.57 25.88
C SER A 221 -31.39 33.80 25.91
N TYR A 222 -32.23 33.99 24.89
CA TYR A 222 -33.19 35.09 24.82
C TYR A 222 -34.61 34.58 24.61
N ASP A 223 -35.02 33.51 25.30
CA ASP A 223 -36.44 33.10 25.19
C ASP A 223 -37.32 33.99 26.06
N ARG A 224 -37.19 33.86 27.39
CA ARG A 224 -37.66 34.81 28.40
C ARG A 224 -39.15 35.15 28.32
N HIS A 225 -39.98 34.22 27.87
CA HIS A 225 -41.43 34.44 27.79
C HIS A 225 -42.16 33.15 28.11
N GLY A 226 -42.99 33.18 29.14
CA GLY A 226 -43.74 32.02 29.58
C GLY A 226 -45.11 31.88 28.95
N ASP A 227 -45.67 32.98 28.45
CA ASP A 227 -46.98 32.90 27.79
C ASP A 227 -46.89 32.21 26.44
N HIS A 228 -45.79 32.42 25.72
CA HIS A 228 -45.51 31.61 24.54
C HIS A 228 -45.06 30.22 25.00
N LEU A 229 -45.53 29.20 24.30
CA LEU A 229 -45.32 27.83 24.74
C LEU A 229 -44.12 27.17 24.11
N GLN A 230 -43.65 27.65 22.97
CA GLN A 230 -42.68 26.85 22.22
C GLN A 230 -41.27 27.31 22.51
N PRO A 231 -40.39 26.40 22.91
CA PRO A 231 -38.97 26.74 22.98
C PRO A 231 -38.39 26.94 21.59
N LEU A 232 -37.37 27.79 21.49
CA LEU A 232 -36.77 28.10 20.19
C LEU A 232 -36.01 26.93 19.58
N ASP A 233 -35.45 26.06 20.42
CA ASP A 233 -34.76 24.89 19.91
C ASP A 233 -35.71 23.73 19.61
N LEU A 234 -37.01 23.90 19.81
CA LEU A 234 -38.03 22.93 19.44
C LEU A 234 -38.79 23.31 18.19
N VAL A 235 -38.60 24.52 17.67
CA VAL A 235 -39.38 25.02 16.53
C VAL A 235 -38.93 24.35 15.25
N PRO A 236 -39.84 23.70 14.52
CA PRO A 236 -39.43 23.02 13.28
C PRO A 236 -39.51 23.90 12.04
N ASN A 237 -38.64 23.59 11.09
CA ASN A 237 -38.76 24.15 9.75
C ASN A 237 -39.80 23.34 8.97
N HIS A 238 -39.93 23.61 7.67
CA HIS A 238 -41.02 23.06 6.88
C HIS A 238 -40.86 21.58 6.57
N GLN A 239 -39.66 21.02 6.75
CA GLN A 239 -39.48 19.59 6.71
C GLN A 239 -39.76 18.93 8.05
N GLY A 240 -40.28 19.67 9.01
CA GLY A 240 -40.61 19.11 10.31
C GLY A 240 -39.41 18.73 11.14
N LEU A 241 -38.28 19.40 10.94
CA LEU A 241 -37.04 19.04 11.60
C LEU A 241 -36.72 20.09 12.64
N THR A 242 -36.32 19.65 13.82
CA THR A 242 -35.79 20.55 14.85
C THR A 242 -34.38 20.98 14.45
N PRO A 243 -33.75 21.91 15.20
CA PRO A 243 -32.30 22.08 15.00
C PRO A 243 -31.49 20.84 15.35
N PHE A 244 -31.92 20.07 16.35
CA PHE A 244 -31.22 18.84 16.72
C PHE A 244 -31.24 17.83 15.59
N LYS A 245 -32.40 17.62 14.98
CA LYS A 245 -32.49 16.71 13.85
C LYS A 245 -31.82 17.28 12.61
N LEU A 246 -31.80 18.62 12.47
CA LEU A 246 -31.08 19.21 11.34
C LEU A 246 -29.58 19.02 11.48
N ALA A 247 -29.06 18.99 12.71
CA ALA A 247 -27.66 18.62 12.89
C ALA A 247 -27.41 17.17 12.54
N GLY A 248 -28.40 16.31 12.73
CA GLY A 248 -28.25 14.91 12.35
C GLY A 248 -28.24 14.69 10.85
N VAL A 249 -29.18 15.33 10.14
CA VAL A 249 -29.32 15.17 8.69
C VAL A 249 -28.10 15.72 7.95
N GLU A 250 -27.49 16.79 8.44
CA GLU A 250 -26.44 17.48 7.72
C GLU A 250 -25.03 16.99 8.05
N GLY A 251 -24.90 16.08 9.01
CA GLY A 251 -23.58 15.62 9.38
C GLY A 251 -22.79 16.58 10.24
N ASN A 252 -23.45 17.53 10.90
CA ASN A 252 -22.78 18.48 11.77
C ASN A 252 -22.58 17.80 13.11
N THR A 253 -21.42 17.15 13.27
CA THR A 253 -21.22 16.32 14.46
C THR A 253 -20.89 17.14 15.70
N VAL A 254 -20.30 18.32 15.56
CA VAL A 254 -19.95 19.06 16.77
C VAL A 254 -21.13 19.85 17.30
N MET A 255 -22.08 20.19 16.44
CA MET A 255 -23.35 20.69 16.92
C MET A 255 -24.26 19.57 17.38
N PHE A 256 -24.01 18.34 16.96
CA PHE A 256 -24.80 17.22 17.47
C PHE A 256 -24.43 16.90 18.92
N GLN A 257 -23.13 16.83 19.21
CA GLN A 257 -22.65 16.53 20.56
C GLN A 257 -22.99 17.66 21.53
N HIS A 258 -22.91 18.90 21.04
CA HIS A 258 -23.28 20.06 21.84
C HIS A 258 -24.76 20.06 22.17
N LEU A 259 -25.61 19.74 21.20
CA LEU A 259 -27.04 19.65 21.45
C LEU A 259 -27.40 18.47 22.35
N MET A 260 -26.51 17.50 22.50
CA MET A 260 -26.82 16.31 23.25
C MET A 260 -26.78 16.54 24.76
N GLN A 261 -26.09 17.59 25.23
CA GLN A 261 -26.06 17.89 26.66
C GLN A 261 -27.38 18.42 27.19
N LYS A 262 -28.25 18.94 26.33
CA LYS A 262 -29.62 19.24 26.75
C LYS A 262 -30.40 17.96 27.00
N ARG A 263 -29.93 16.83 26.48
CA ARG A 263 -30.67 15.59 26.49
C ARG A 263 -29.98 14.50 27.31
N LYS A 264 -28.93 14.85 28.05
CA LYS A 264 -28.30 13.94 29.00
C LYS A 264 -28.82 14.21 30.41
N HIS A 265 -28.56 13.26 31.29
CA HIS A 265 -28.74 13.44 32.73
C HIS A 265 -27.78 12.50 33.45
N THR A 266 -26.90 13.05 34.26
CA THR A 266 -25.88 12.28 34.97
C THR A 266 -26.49 11.74 36.27
N GLN A 267 -26.66 10.42 36.34
CA GLN A 267 -27.29 9.81 37.51
C GLN A 267 -26.36 9.82 38.72
N TRP A 268 -25.13 9.35 38.54
CA TRP A 268 -24.14 9.29 39.61
C TRP A 268 -22.76 9.20 39.01
N THR A 269 -21.76 9.50 39.83
CA THR A 269 -20.36 9.35 39.47
C THR A 269 -19.68 8.53 40.56
N TYR A 270 -19.07 7.43 40.16
CA TYR A 270 -18.45 6.49 41.08
C TYR A 270 -16.99 6.35 40.67
N GLY A 271 -16.14 7.22 41.21
CA GLY A 271 -14.76 7.31 40.85
C GLY A 271 -14.56 7.55 39.37
N PRO A 272 -13.99 6.56 38.68
CA PRO A 272 -13.86 6.64 37.23
C PRO A 272 -15.13 6.34 36.46
N LEU A 273 -16.21 5.91 37.12
CA LEU A 273 -17.44 5.55 36.43
C LEU A 273 -18.46 6.67 36.54
N THR A 274 -19.32 6.77 35.53
CA THR A 274 -20.54 7.55 35.65
C THR A 274 -21.65 6.90 34.84
N SER A 275 -22.88 7.09 35.32
CA SER A 275 -24.07 6.53 34.71
C SER A 275 -24.87 7.68 34.09
N THR A 276 -24.90 7.74 32.77
CA THR A 276 -25.56 8.81 32.06
C THR A 276 -26.85 8.27 31.45
N LEU A 277 -27.91 9.05 31.56
CA LEU A 277 -29.21 8.68 31.04
C LEU A 277 -29.53 9.60 29.87
N TYR A 278 -29.81 9.02 28.71
CA TYR A 278 -30.02 9.76 27.47
C TYR A 278 -31.50 9.85 27.13
N ASP A 279 -31.91 11.00 26.60
CA ASP A 279 -33.33 11.32 26.50
C ASP A 279 -34.02 10.49 25.42
N LEU A 280 -33.37 10.31 24.27
CA LEU A 280 -33.71 9.28 23.28
C LEU A 280 -35.08 9.50 22.64
N THR A 281 -35.67 10.68 22.81
CA THR A 281 -37.02 10.98 22.35
C THR A 281 -37.04 11.34 20.88
N GLU A 282 -36.13 12.21 20.46
CA GLU A 282 -36.03 12.61 19.06
C GLU A 282 -35.03 11.78 18.28
N ILE A 283 -34.40 10.78 18.89
CA ILE A 283 -33.45 9.93 18.21
C ILE A 283 -34.11 8.62 17.77
N ASP A 284 -34.96 8.07 18.62
CA ASP A 284 -35.69 6.85 18.30
C ASP A 284 -37.07 7.23 17.77
N SER A 285 -37.76 6.25 17.20
CA SER A 285 -39.01 6.49 16.51
C SER A 285 -40.19 6.53 17.47
N SER A 286 -41.16 7.42 17.19
CA SER A 286 -42.33 7.60 18.03
C SER A 286 -43.62 7.54 17.23
N GLY A 287 -43.66 6.74 16.16
CA GLY A 287 -44.88 6.56 15.40
C GLY A 287 -44.78 6.99 13.96
N ASP A 288 -45.67 7.90 13.54
CA ASP A 288 -45.66 8.38 12.17
C ASP A 288 -44.69 9.54 11.94
N GLU A 289 -44.24 10.19 13.01
CA GLU A 289 -43.25 11.25 12.88
C GLU A 289 -41.89 10.66 12.55
N GLN A 290 -41.16 11.31 11.64
CA GLN A 290 -39.89 10.78 11.19
C GLN A 290 -38.80 11.02 12.22
N SER A 291 -37.83 10.10 12.26
CA SER A 291 -36.90 10.00 13.37
C SER A 291 -35.47 10.09 12.89
N LEU A 292 -34.55 10.22 13.84
CA LEU A 292 -33.16 10.53 13.52
C LEU A 292 -32.44 9.36 12.86
N LEU A 293 -32.73 8.13 13.32
CA LEU A 293 -32.11 6.96 12.71
C LEU A 293 -32.56 6.78 11.26
N GLU A 294 -33.85 6.97 11.00
CA GLU A 294 -34.35 6.84 9.64
C GLU A 294 -33.96 8.02 8.76
N LEU A 295 -33.71 9.19 9.34
CA LEU A 295 -33.31 10.34 8.53
C LEU A 295 -31.87 10.23 8.05
N ILE A 296 -30.96 9.70 8.88
CA ILE A 296 -29.57 9.54 8.48
C ILE A 296 -29.45 8.57 7.33
N ILE A 297 -30.22 7.48 7.37
CA ILE A 297 -30.19 6.47 6.32
C ILE A 297 -30.78 7.02 5.03
N THR A 298 -31.96 7.64 5.12
CA THR A 298 -32.70 8.04 3.93
C THR A 298 -32.36 9.43 3.45
N THR A 299 -31.27 10.02 3.93
CA THR A 299 -30.82 11.28 3.36
C THR A 299 -29.70 11.00 2.37
N LYS A 300 -29.54 11.93 1.42
CA LYS A 300 -28.55 11.81 0.37
C LYS A 300 -27.14 12.14 0.85
N LYS A 301 -27.00 12.72 2.04
CA LYS A 301 -25.71 13.19 2.51
C LYS A 301 -24.94 12.06 3.19
N ARG A 302 -23.62 12.08 3.00
CA ARG A 302 -22.77 11.02 3.52
C ARG A 302 -22.10 11.37 4.84
N GLU A 303 -22.03 12.65 5.20
CA GLU A 303 -21.44 13.04 6.47
C GLU A 303 -22.35 12.76 7.65
N ALA A 304 -23.62 12.45 7.39
CA ALA A 304 -24.54 12.06 8.45
C ALA A 304 -24.21 10.72 9.06
N ARG A 305 -23.48 9.85 8.36
CA ARG A 305 -23.12 8.55 8.88
C ARG A 305 -22.07 8.59 9.98
N GLN A 306 -21.38 9.73 10.16
CA GLN A 306 -20.49 9.86 11.30
C GLN A 306 -21.28 9.97 12.60
N ILE A 307 -22.49 10.54 12.54
CA ILE A 307 -23.37 10.68 13.69
C ILE A 307 -23.88 9.34 14.17
N LEU A 308 -23.85 8.34 13.30
CA LEU A 308 -24.32 7.00 13.62
C LEU A 308 -23.38 6.27 14.58
N ASP A 309 -22.22 6.87 14.89
CA ASP A 309 -21.24 6.39 15.86
C ASP A 309 -21.24 7.17 17.17
N GLN A 310 -22.18 8.09 17.39
CA GLN A 310 -22.14 8.96 18.56
C GLN A 310 -22.77 8.27 19.78
N THR A 311 -22.53 8.86 20.95
CA THR A 311 -22.81 8.28 22.27
C THR A 311 -24.26 7.99 22.69
N PRO A 312 -25.32 8.57 22.11
CA PRO A 312 -26.63 7.95 22.34
C PRO A 312 -27.05 7.01 21.22
N VAL A 313 -26.40 7.10 20.06
CA VAL A 313 -26.89 6.49 18.83
C VAL A 313 -26.20 5.17 18.56
N LYS A 314 -24.90 5.11 18.82
CA LYS A 314 -24.14 3.88 18.68
C LYS A 314 -24.63 2.80 19.64
N GLU A 315 -25.01 3.19 20.84
CA GLU A 315 -25.51 2.23 21.82
C GLU A 315 -26.93 1.82 21.52
N LEU A 316 -27.75 2.75 21.02
CA LEU A 316 -29.13 2.46 20.66
C LEU A 316 -29.19 1.46 19.51
N VAL A 317 -28.31 1.60 18.52
CA VAL A 317 -28.32 0.71 17.37
C VAL A 317 -27.86 -0.68 17.76
N SER A 318 -26.73 -0.78 18.47
CA SER A 318 -26.24 -2.06 18.97
C SER A 318 -27.20 -2.71 19.94
N LEU A 319 -28.07 -1.93 20.59
CA LEU A 319 -29.07 -2.49 21.48
C LEU A 319 -30.12 -3.26 20.69
N LYS A 320 -30.77 -2.60 19.74
CA LYS A 320 -31.87 -3.22 19.02
C LYS A 320 -31.42 -4.17 17.92
N TRP A 321 -30.16 -4.13 17.49
CA TRP A 321 -29.70 -5.19 16.59
C TRP A 321 -29.37 -6.46 17.34
N LYS A 322 -28.62 -6.35 18.44
CA LYS A 322 -28.22 -7.53 19.21
C LYS A 322 -29.39 -8.20 19.91
N ARG A 323 -30.47 -7.48 20.16
CA ARG A 323 -31.60 -8.03 20.90
C ARG A 323 -32.76 -8.41 20.00
N TYR A 324 -33.08 -7.62 18.99
CA TYR A 324 -34.26 -7.90 18.20
C TYR A 324 -33.96 -7.95 16.71
N GLY A 325 -32.99 -7.17 16.24
CA GLY A 325 -32.69 -7.11 14.83
C GLY A 325 -32.08 -8.38 14.28
N ARG A 326 -30.95 -8.78 14.85
CA ARG A 326 -30.25 -9.99 14.40
C ARG A 326 -31.04 -11.29 14.56
N PRO A 327 -31.80 -11.55 15.67
CA PRO A 327 -32.64 -12.76 15.66
C PRO A 327 -33.72 -12.79 14.60
N TYR A 328 -34.37 -11.66 14.32
CA TYR A 328 -35.42 -11.62 13.33
C TYR A 328 -34.86 -11.70 11.92
N PHE A 329 -33.69 -11.12 11.71
CA PHE A 329 -33.06 -11.16 10.40
C PHE A 329 -32.53 -12.56 10.09
N CYS A 330 -32.23 -13.35 11.12
CA CYS A 330 -31.85 -14.74 10.89
C CYS A 330 -33.04 -15.66 10.73
N MET A 331 -34.17 -15.35 11.35
CA MET A 331 -35.38 -16.12 11.10
C MET A 331 -36.02 -15.76 9.77
N LEU A 332 -35.72 -14.57 9.27
CA LEU A 332 -36.21 -14.17 7.96
C LEU A 332 -35.36 -14.77 6.85
N GLY A 333 -34.06 -14.91 7.08
CA GLY A 333 -33.17 -15.55 6.14
C GLY A 333 -33.24 -17.05 6.16
N ALA A 334 -33.69 -17.66 7.26
CA ALA A 334 -33.90 -19.09 7.29
C ALA A 334 -35.21 -19.47 6.61
N ILE A 335 -36.22 -18.59 6.67
CA ILE A 335 -37.44 -18.83 5.91
C ILE A 335 -37.20 -18.62 4.43
N TYR A 336 -36.43 -17.58 4.07
CA TYR A 336 -36.17 -17.29 2.67
C TYR A 336 -35.36 -18.40 2.02
N LEU A 337 -34.44 -18.98 2.77
CA LEU A 337 -33.60 -20.05 2.24
C LEU A 337 -34.42 -21.31 1.99
N LEU A 338 -35.35 -21.64 2.88
CA LEU A 338 -36.23 -22.77 2.65
C LEU A 338 -37.20 -22.52 1.51
N TYR A 339 -37.61 -21.28 1.33
CA TYR A 339 -38.52 -20.92 0.24
C TYR A 339 -37.85 -21.08 -1.12
N ILE A 340 -36.58 -20.74 -1.22
CA ILE A 340 -35.87 -20.85 -2.49
C ILE A 340 -35.49 -22.30 -2.76
N ILE A 341 -35.18 -23.07 -1.73
CA ILE A 341 -34.94 -24.50 -1.88
C ILE A 341 -36.22 -25.21 -2.32
N CYS A 342 -37.37 -24.76 -1.83
CA CYS A 342 -38.63 -25.27 -2.33
C CYS A 342 -38.88 -24.87 -3.77
N PHE A 343 -38.57 -23.62 -4.11
CA PHE A 343 -38.68 -23.16 -5.50
C PHE A 343 -37.72 -23.89 -6.43
N THR A 344 -36.51 -24.20 -5.95
CA THR A 344 -35.52 -24.87 -6.80
C THR A 344 -35.95 -26.28 -7.13
N MET A 345 -36.58 -26.99 -6.19
CA MET A 345 -37.07 -28.33 -6.47
C MET A 345 -38.21 -28.33 -7.47
N CYS A 346 -39.04 -27.29 -7.50
CA CYS A 346 -40.14 -27.24 -8.45
C CYS A 346 -39.64 -27.02 -9.87
N CYS A 347 -38.48 -26.40 -10.02
CA CYS A 347 -37.89 -26.22 -11.34
C CYS A 347 -37.13 -27.46 -11.78
N ILE A 348 -36.51 -28.17 -10.84
CA ILE A 348 -35.82 -29.42 -11.17
C ILE A 348 -36.82 -30.49 -11.57
N TYR A 349 -38.01 -30.48 -10.99
CA TYR A 349 -39.03 -31.47 -11.30
C TYR A 349 -40.11 -30.93 -12.21
N ARG A 350 -39.80 -29.92 -13.02
CA ARG A 350 -40.78 -29.32 -13.92
C ARG A 350 -41.24 -30.33 -14.97
N PRO A 351 -42.49 -30.24 -15.43
CA PRO A 351 -43.08 -31.33 -16.23
C PRO A 351 -42.53 -31.37 -17.65
N LEU A 352 -41.93 -32.48 -18.02
CA LEU A 352 -41.31 -32.62 -19.32
C LEU A 352 -41.69 -33.97 -19.91
N LYS A 353 -41.85 -34.02 -21.22
CA LYS A 353 -42.23 -35.24 -21.93
C LYS A 353 -41.37 -35.36 -23.15
N PRO A 354 -41.25 -36.57 -23.73
CA PRO A 354 -40.56 -36.73 -25.01
C PRO A 354 -41.20 -35.92 -26.13
N ARG A 355 -40.36 -35.42 -27.03
CA ARG A 355 -40.81 -34.53 -28.08
C ARG A 355 -41.70 -35.25 -29.08
N THR A 356 -42.64 -34.52 -29.67
CA THR A 356 -43.65 -35.10 -30.54
C THR A 356 -43.21 -35.10 -32.00
N ASN A 357 -42.91 -33.94 -32.55
CA ASN A 357 -42.43 -33.91 -33.93
C ASN A 357 -40.98 -34.39 -34.00
N ASN A 358 -40.57 -34.77 -35.19
CA ASN A 358 -39.20 -35.22 -35.35
C ASN A 358 -38.26 -34.01 -35.47
N ARG A 359 -36.96 -34.27 -35.40
CA ARG A 359 -36.00 -33.17 -35.48
C ARG A 359 -35.95 -32.62 -36.90
N THR A 360 -35.71 -31.33 -37.00
CA THR A 360 -35.81 -30.63 -38.27
C THR A 360 -34.49 -30.55 -39.01
N SER A 361 -33.38 -30.85 -38.34
CA SER A 361 -32.04 -30.63 -38.85
C SER A 361 -31.06 -31.37 -37.95
N PRO A 362 -29.84 -31.66 -38.42
CA PRO A 362 -28.85 -32.27 -37.52
C PRO A 362 -28.33 -31.32 -36.45
N ARG A 363 -28.60 -30.03 -36.53
CA ARG A 363 -28.27 -29.11 -35.45
C ARG A 363 -29.35 -29.07 -34.37
N ASP A 364 -30.43 -29.82 -34.51
CA ASP A 364 -31.50 -29.81 -33.53
C ASP A 364 -31.14 -30.78 -32.42
N ASN A 365 -30.99 -30.26 -31.20
CA ASN A 365 -30.50 -31.05 -30.08
C ASN A 365 -31.59 -31.45 -29.11
N THR A 366 -32.80 -30.95 -29.29
CA THR A 366 -33.85 -31.07 -28.31
C THR A 366 -34.39 -32.50 -28.25
N LEU A 367 -34.44 -33.06 -27.05
CA LEU A 367 -35.07 -34.36 -26.86
C LEU A 367 -36.45 -34.26 -26.26
N LEU A 368 -36.71 -33.23 -25.47
CA LEU A 368 -37.85 -33.18 -24.58
C LEU A 368 -38.57 -31.86 -24.77
N GLN A 369 -39.86 -31.86 -24.49
CA GLN A 369 -40.59 -30.62 -24.42
C GLN A 369 -41.46 -30.65 -23.19
N GLN A 370 -42.00 -29.50 -22.82
CA GLN A 370 -42.78 -29.43 -21.60
C GLN A 370 -44.21 -29.88 -21.85
N LYS A 371 -44.84 -30.37 -20.79
CA LYS A 371 -46.19 -30.89 -20.87
C LYS A 371 -47.20 -29.76 -20.88
N LEU A 372 -48.39 -30.07 -21.37
CA LEU A 372 -49.52 -29.16 -21.27
C LEU A 372 -50.08 -29.21 -19.85
N LEU A 373 -50.97 -28.24 -19.54
CA LEU A 373 -51.56 -28.18 -18.20
C LEU A 373 -52.44 -29.38 -17.91
N GLN A 374 -53.11 -29.93 -18.93
CA GLN A 374 -53.96 -31.09 -18.72
C GLN A 374 -53.14 -32.35 -18.46
N GLU A 375 -51.88 -32.35 -18.86
CA GLU A 375 -50.99 -33.49 -18.73
C GLU A 375 -50.04 -33.38 -17.55
N ALA A 376 -49.83 -32.17 -17.04
CA ALA A 376 -48.80 -31.93 -16.05
C ALA A 376 -49.24 -32.16 -14.61
N TYR A 377 -50.51 -32.51 -14.37
CA TYR A 377 -50.95 -32.87 -13.02
C TYR A 377 -51.82 -34.11 -13.12
N MET A 378 -51.16 -35.29 -13.19
CA MET A 378 -51.86 -36.55 -13.38
C MET A 378 -51.23 -37.70 -12.60
N THR A 379 -50.46 -37.41 -11.55
CA THR A 379 -49.83 -38.45 -10.75
C THR A 379 -49.65 -37.90 -9.34
N PRO A 380 -49.54 -38.77 -8.33
CA PRO A 380 -49.17 -38.30 -6.98
C PRO A 380 -47.81 -37.62 -6.90
N LYS A 381 -46.92 -37.85 -7.86
CA LYS A 381 -45.65 -37.14 -7.88
C LYS A 381 -45.82 -35.70 -8.34
N ASP A 382 -46.90 -35.40 -9.06
CA ASP A 382 -47.21 -34.04 -9.46
C ASP A 382 -47.82 -33.22 -8.35
N ASP A 383 -48.58 -33.84 -7.46
CA ASP A 383 -49.25 -33.09 -6.41
C ASP A 383 -48.31 -32.72 -5.28
N ILE A 384 -47.21 -33.44 -5.09
CA ILE A 384 -46.15 -32.95 -4.22
C ILE A 384 -45.51 -31.71 -4.84
N ARG A 385 -45.41 -31.67 -6.16
CA ARG A 385 -44.87 -30.48 -6.81
C ARG A 385 -45.85 -29.32 -6.81
N LEU A 386 -47.16 -29.62 -6.85
CA LEU A 386 -48.16 -28.57 -6.84
C LEU A 386 -48.19 -27.82 -5.51
N VAL A 387 -47.89 -28.52 -4.41
CA VAL A 387 -47.76 -27.87 -3.11
C VAL A 387 -46.60 -26.87 -3.13
N GLY A 388 -45.45 -27.30 -3.63
CA GLY A 388 -44.32 -26.41 -3.71
C GLY A 388 -44.50 -25.30 -4.71
N GLU A 389 -45.22 -25.57 -5.80
CA GLU A 389 -45.49 -24.51 -6.77
C GLU A 389 -46.46 -23.50 -6.20
N LEU A 390 -47.44 -23.94 -5.42
CA LEU A 390 -48.39 -23.00 -4.83
C LEU A 390 -47.72 -22.20 -3.72
N VAL A 391 -46.84 -22.83 -2.93
CA VAL A 391 -46.02 -22.12 -1.95
C VAL A 391 -45.16 -21.07 -2.63
N THR A 392 -44.56 -21.42 -3.76
CA THR A 392 -43.74 -20.48 -4.51
C THR A 392 -44.56 -19.30 -5.02
N VAL A 393 -45.77 -19.58 -5.54
CA VAL A 393 -46.64 -18.53 -6.04
C VAL A 393 -47.15 -17.64 -4.91
N ILE A 394 -47.55 -18.26 -3.79
CA ILE A 394 -48.00 -17.51 -2.62
C ILE A 394 -46.87 -16.63 -2.08
N GLY A 395 -45.64 -17.14 -2.10
CA GLY A 395 -44.51 -16.35 -1.64
C GLY A 395 -44.23 -15.14 -2.51
N ALA A 396 -44.37 -15.29 -3.83
CA ALA A 396 -44.11 -14.17 -4.73
C ALA A 396 -45.18 -13.10 -4.63
N ILE A 397 -46.42 -13.47 -4.29
CA ILE A 397 -47.45 -12.48 -4.07
C ILE A 397 -47.20 -11.70 -2.79
N ILE A 398 -46.78 -12.38 -1.71
CA ILE A 398 -46.47 -11.71 -0.45
C ILE A 398 -45.23 -10.82 -0.59
N ILE A 399 -44.31 -11.16 -1.47
CA ILE A 399 -43.20 -10.26 -1.78
C ILE A 399 -43.70 -9.02 -2.49
N LEU A 400 -44.66 -9.19 -3.40
CA LEU A 400 -45.21 -8.01 -4.09
C LEU A 400 -46.26 -7.28 -3.27
N LEU A 401 -46.73 -7.83 -2.16
CA LEU A 401 -47.66 -7.09 -1.31
C LEU A 401 -46.99 -6.25 -0.24
N VAL A 402 -45.69 -6.43 0.00
CA VAL A 402 -45.00 -5.66 1.01
C VAL A 402 -43.92 -4.77 0.40
N GLU A 403 -43.82 -4.73 -0.93
CA GLU A 403 -42.78 -3.96 -1.59
C GLU A 403 -43.37 -3.03 -2.65
N VAL A 404 -44.40 -3.48 -3.34
CA VAL A 404 -45.10 -2.67 -4.33
C VAL A 404 -46.11 -1.70 -3.69
N PRO A 405 -46.91 -2.03 -2.67
CA PRO A 405 -47.73 -0.98 -2.03
C PRO A 405 -46.93 0.07 -1.27
N ASP A 406 -45.62 -0.10 -1.11
CA ASP A 406 -44.78 0.91 -0.47
C ASP A 406 -44.09 1.81 -1.47
N ILE A 407 -44.71 2.06 -2.62
CA ILE A 407 -44.30 3.15 -3.50
C ILE A 407 -45.45 4.07 -3.88
N PHE A 408 -46.70 3.66 -3.71
CA PHE A 408 -47.82 4.48 -4.17
C PHE A 408 -48.19 5.54 -3.14
N ARG A 409 -47.90 5.28 -1.86
CA ARG A 409 -47.88 6.33 -0.85
C ARG A 409 -46.51 6.95 -0.73
N MET A 410 -45.46 6.24 -1.16
CA MET A 410 -44.09 6.70 -1.12
C MET A 410 -43.78 7.33 -2.49
N GLY A 411 -42.52 7.51 -2.85
CA GLY A 411 -42.20 7.91 -4.21
C GLY A 411 -42.42 6.77 -5.17
N VAL A 412 -43.13 7.05 -6.28
CA VAL A 412 -43.57 6.01 -7.20
C VAL A 412 -42.38 5.38 -7.92
N THR A 413 -41.55 6.21 -8.57
CA THR A 413 -40.27 5.75 -9.07
C THR A 413 -39.13 6.66 -8.63
N ARG A 414 -39.42 7.73 -7.91
CA ARG A 414 -38.41 8.71 -7.51
C ARG A 414 -37.80 8.40 -6.15
N PHE A 415 -38.62 8.40 -5.10
CA PHE A 415 -38.06 8.19 -3.76
C PHE A 415 -37.77 6.73 -3.51
N PHE A 416 -38.52 5.82 -4.14
CA PHE A 416 -38.06 4.44 -4.23
C PHE A 416 -36.82 4.36 -5.11
N GLY A 417 -36.78 5.17 -6.18
CA GLY A 417 -35.64 5.17 -7.08
C GLY A 417 -34.36 5.71 -6.46
N GLN A 418 -34.48 6.60 -5.48
CA GLN A 418 -33.29 7.08 -4.77
C GLN A 418 -32.68 5.97 -3.92
N THR A 419 -33.54 5.20 -3.23
CA THR A 419 -33.16 4.12 -2.33
C THR A 419 -32.49 2.94 -3.02
N ILE A 420 -32.38 2.93 -4.36
CA ILE A 420 -31.80 1.80 -5.06
C ILE A 420 -30.30 1.73 -4.83
N LEU A 421 -29.63 2.87 -4.62
CA LEU A 421 -28.22 2.85 -4.31
C LEU A 421 -27.96 2.27 -2.91
N GLY A 422 -28.90 2.45 -1.99
CA GLY A 422 -28.81 1.75 -0.73
C GLY A 422 -29.12 0.28 -0.88
N GLY A 423 -30.16 -0.06 -1.65
CA GLY A 423 -30.49 -1.44 -1.90
C GLY A 423 -30.84 -1.80 -3.33
N PRO A 424 -30.01 -2.63 -3.96
CA PRO A 424 -30.44 -3.32 -5.18
C PRO A 424 -31.30 -4.54 -4.91
N PHE A 425 -31.30 -5.06 -3.68
CA PHE A 425 -32.09 -6.24 -3.37
C PHE A 425 -33.58 -5.95 -3.32
N HIS A 426 -33.98 -4.68 -3.23
CA HIS A 426 -35.38 -4.33 -3.50
C HIS A 426 -35.74 -4.70 -4.92
N VAL A 427 -34.89 -4.31 -5.87
CA VAL A 427 -35.16 -4.58 -7.28
C VAL A 427 -35.08 -6.07 -7.55
N LEU A 428 -34.11 -6.74 -6.93
CA LEU A 428 -33.89 -8.16 -7.17
C LEU A 428 -35.03 -9.02 -6.64
N ILE A 429 -35.61 -8.66 -5.51
CA ILE A 429 -36.67 -9.49 -4.96
C ILE A 429 -38.00 -9.23 -5.66
N ILE A 430 -38.17 -8.05 -6.26
CA ILE A 430 -39.36 -7.79 -7.06
C ILE A 430 -39.21 -8.41 -8.44
N THR A 431 -38.00 -8.40 -8.98
CA THR A 431 -37.73 -9.05 -10.27
C THR A 431 -37.86 -10.56 -10.15
N TYR A 432 -37.44 -11.12 -9.01
CA TYR A 432 -37.71 -12.52 -8.70
C TYR A 432 -39.20 -12.81 -8.72
N ALA A 433 -39.98 -12.03 -7.95
CA ALA A 433 -41.41 -12.27 -7.83
C ALA A 433 -42.15 -11.97 -9.12
N PHE A 434 -41.61 -11.08 -9.95
CA PHE A 434 -42.17 -10.89 -11.29
C PHE A 434 -41.96 -12.14 -12.14
N MET A 435 -40.75 -12.71 -12.11
CA MET A 435 -40.45 -13.87 -12.95
C MET A 435 -41.13 -15.14 -12.46
N VAL A 436 -41.49 -15.21 -11.18
CA VAL A 436 -42.27 -16.33 -10.70
C VAL A 436 -43.67 -16.30 -11.29
N LEU A 437 -44.29 -15.12 -11.28
CA LEU A 437 -45.68 -15.01 -11.71
C LEU A 437 -45.81 -15.06 -13.23
N VAL A 438 -44.77 -14.68 -13.97
CA VAL A 438 -44.77 -14.92 -15.41
C VAL A 438 -44.72 -16.41 -15.69
N THR A 439 -43.92 -17.15 -14.93
CA THR A 439 -43.91 -18.61 -15.04
C THR A 439 -45.25 -19.21 -14.65
N MET A 440 -45.94 -18.61 -13.69
CA MET A 440 -47.28 -19.03 -13.33
C MET A 440 -48.25 -18.84 -14.50
N VAL A 441 -48.21 -17.67 -15.12
CA VAL A 441 -49.09 -17.39 -16.26
C VAL A 441 -48.79 -18.32 -17.43
N MET A 442 -47.52 -18.53 -17.71
CA MET A 442 -47.12 -19.43 -18.80
C MET A 442 -47.47 -20.89 -18.48
N ARG A 443 -47.50 -21.26 -17.21
CA ARG A 443 -47.99 -22.58 -16.85
C ARG A 443 -49.51 -22.67 -16.99
N LEU A 444 -50.22 -21.57 -16.73
CA LEU A 444 -51.68 -21.58 -16.82
C LEU A 444 -52.16 -21.62 -18.26
N ILE A 445 -51.46 -21.00 -19.19
CA ILE A 445 -51.93 -20.89 -20.57
C ILE A 445 -51.15 -21.79 -21.51
N SER A 446 -50.31 -22.69 -20.96
CA SER A 446 -49.48 -23.64 -21.71
C SER A 446 -48.56 -22.96 -22.72
N ALA A 447 -48.01 -21.81 -22.34
CA ALA A 447 -47.09 -21.11 -23.21
C ALA A 447 -45.74 -21.81 -23.20
N SER A 448 -45.09 -21.82 -24.35
CA SER A 448 -43.80 -22.46 -24.50
C SER A 448 -42.69 -21.50 -24.09
N GLY A 449 -41.73 -22.01 -23.34
CA GLY A 449 -40.56 -21.23 -23.00
C GLY A 449 -40.50 -20.84 -21.54
N GLU A 450 -40.96 -21.73 -20.65
CA GLU A 450 -40.94 -21.45 -19.22
C GLU A 450 -39.53 -21.44 -18.66
N VAL A 451 -38.56 -22.02 -19.38
CA VAL A 451 -37.17 -21.97 -18.95
C VAL A 451 -36.63 -20.55 -18.98
N VAL A 452 -37.22 -19.66 -19.76
CA VAL A 452 -36.73 -18.28 -19.82
C VAL A 452 -37.10 -17.55 -18.53
N PRO A 453 -38.36 -17.49 -18.03
CA PRO A 453 -38.55 -16.84 -16.73
C PRO A 453 -38.02 -17.62 -15.55
N MET A 454 -37.95 -18.96 -15.63
CA MET A 454 -37.42 -19.73 -14.52
C MET A 454 -35.93 -19.50 -14.30
N SER A 455 -35.16 -19.40 -15.39
CA SER A 455 -33.70 -19.27 -15.25
C SER A 455 -33.33 -17.92 -14.68
N PHE A 456 -34.04 -16.86 -15.07
CA PHE A 456 -33.93 -15.59 -14.37
C PHE A 456 -34.29 -15.74 -12.90
N ALA A 457 -35.37 -16.46 -12.61
CA ALA A 457 -35.85 -16.58 -11.25
C ALA A 457 -34.91 -17.42 -10.39
N LEU A 458 -34.26 -18.45 -10.95
CA LEU A 458 -33.29 -19.22 -10.17
C LEU A 458 -32.07 -18.39 -9.84
N VAL A 459 -31.62 -17.55 -10.77
CA VAL A 459 -30.45 -16.74 -10.52
C VAL A 459 -30.79 -15.59 -9.59
N LEU A 460 -31.93 -14.91 -9.84
CA LEU A 460 -32.37 -13.81 -8.99
C LEU A 460 -32.69 -14.29 -7.58
N GLY A 461 -33.38 -15.43 -7.46
CA GLY A 461 -33.80 -15.91 -6.16
C GLY A 461 -32.64 -16.40 -5.30
N TRP A 462 -31.67 -17.07 -5.91
CA TRP A 462 -30.54 -17.52 -5.13
C TRP A 462 -29.56 -16.41 -4.81
N CYS A 463 -29.31 -15.48 -5.74
CA CYS A 463 -28.40 -14.38 -5.42
C CYS A 463 -28.98 -13.38 -4.44
N ASN A 464 -30.28 -13.44 -4.14
CA ASN A 464 -30.87 -12.68 -3.04
C ASN A 464 -30.54 -13.23 -1.67
N VAL A 465 -29.96 -14.42 -1.57
CA VAL A 465 -29.49 -14.93 -0.29
C VAL A 465 -28.32 -14.08 0.19
N MET A 466 -27.56 -13.47 -0.73
CA MET A 466 -26.48 -12.55 -0.39
C MET A 466 -26.96 -11.30 0.35
N TYR A 467 -28.26 -10.99 0.29
CA TYR A 467 -28.79 -9.92 1.13
C TYR A 467 -28.65 -10.24 2.62
N PHE A 468 -28.81 -11.50 2.99
CA PHE A 468 -28.76 -11.88 4.39
C PHE A 468 -27.34 -12.04 4.91
N ALA A 469 -26.35 -11.82 4.06
CA ALA A 469 -24.96 -11.77 4.49
C ALA A 469 -24.68 -10.59 5.42
N ARG A 470 -25.48 -9.52 5.35
CA ARG A 470 -25.23 -8.34 6.17
C ARG A 470 -25.55 -8.57 7.63
N GLY A 471 -26.30 -9.61 7.96
CA GLY A 471 -26.55 -9.95 9.34
C GLY A 471 -25.50 -10.83 9.98
N PHE A 472 -24.26 -10.78 9.48
CA PHE A 472 -23.16 -11.56 10.03
C PHE A 472 -21.91 -10.70 10.04
N GLN A 473 -21.06 -10.94 11.04
CA GLN A 473 -19.80 -10.21 11.17
C GLN A 473 -18.85 -10.51 10.03
N MET A 474 -18.83 -11.77 9.59
CA MET A 474 -17.88 -12.21 8.56
C MET A 474 -18.27 -11.71 7.18
N LEU A 475 -19.56 -11.75 6.86
CA LEU A 475 -19.98 -11.62 5.48
C LEU A 475 -20.46 -10.22 5.13
N GLY A 476 -20.75 -9.41 6.12
CA GLY A 476 -21.26 -8.08 5.90
C GLY A 476 -20.37 -7.12 5.15
N PRO A 477 -19.17 -6.82 5.67
CA PRO A 477 -18.26 -5.91 4.94
C PRO A 477 -17.73 -6.48 3.64
N PHE A 478 -17.73 -7.79 3.45
CA PHE A 478 -17.29 -8.34 2.17
C PHE A 478 -18.36 -8.14 1.10
N THR A 479 -19.64 -8.21 1.49
CA THR A 479 -20.71 -8.16 0.51
C THR A 479 -20.95 -6.74 -0.01
N ILE A 480 -20.58 -5.72 0.76
CA ILE A 480 -20.65 -4.33 0.30
C ILE A 480 -19.58 -4.06 -0.76
N MET A 481 -18.41 -4.69 -0.61
CA MET A 481 -17.36 -4.60 -1.62
C MET A 481 -17.82 -5.08 -2.99
N ILE A 482 -18.72 -6.06 -3.02
CA ILE A 482 -19.23 -6.58 -4.28
C ILE A 482 -20.05 -5.53 -5.03
N GLN A 483 -20.91 -4.81 -4.31
CA GLN A 483 -21.75 -3.78 -4.93
C GLN A 483 -20.94 -2.63 -5.47
N LYS A 484 -19.95 -2.18 -4.71
CA LYS A 484 -19.22 -0.98 -5.12
C LYS A 484 -18.21 -1.26 -6.21
N MET A 485 -17.92 -2.52 -6.51
CA MET A 485 -17.11 -2.80 -7.67
C MET A 485 -17.92 -3.13 -8.91
N ILE A 486 -19.15 -3.64 -8.78
CA ILE A 486 -19.95 -3.85 -9.98
C ILE A 486 -20.49 -2.53 -10.52
N PHE A 487 -20.92 -1.62 -9.65
CA PHE A 487 -21.40 -0.34 -10.13
C PHE A 487 -20.29 0.70 -10.20
N GLY A 488 -19.05 0.27 -10.00
CA GLY A 488 -17.91 1.10 -10.27
C GLY A 488 -17.03 0.45 -11.32
N ASP A 489 -16.02 -0.27 -10.85
CA ASP A 489 -14.92 -0.71 -11.71
C ASP A 489 -15.29 -1.85 -12.64
N LEU A 490 -16.30 -2.66 -12.31
CA LEU A 490 -16.66 -3.72 -13.25
C LEU A 490 -17.42 -3.14 -14.43
N MET A 491 -18.35 -2.22 -14.18
CA MET A 491 -19.08 -1.55 -15.24
C MET A 491 -18.16 -0.65 -16.04
N ARG A 492 -17.16 -0.06 -15.37
CA ARG A 492 -16.13 0.72 -16.03
C ARG A 492 -15.31 -0.16 -16.97
N PHE A 493 -14.96 -1.37 -16.53
CA PHE A 493 -14.23 -2.30 -17.37
C PHE A 493 -15.07 -2.83 -18.53
N CYS A 494 -16.38 -3.00 -18.31
CA CYS A 494 -17.24 -3.63 -19.31
C CYS A 494 -17.41 -2.78 -20.56
N TRP A 495 -17.39 -1.45 -20.44
CA TRP A 495 -17.45 -0.60 -21.63
C TRP A 495 -16.21 -0.79 -22.48
N LEU A 496 -15.04 -0.80 -21.84
CA LEU A 496 -13.80 -0.96 -22.56
C LEU A 496 -13.66 -2.38 -23.08
N MET A 497 -14.23 -3.34 -22.35
CA MET A 497 -14.24 -4.73 -22.79
C MET A 497 -15.13 -4.92 -24.01
N ALA A 498 -16.29 -4.26 -24.03
CA ALA A 498 -17.22 -4.40 -25.16
C ALA A 498 -16.64 -3.86 -26.45
N VAL A 499 -15.83 -2.80 -26.35
CA VAL A 499 -15.15 -2.20 -27.48
C VAL A 499 -14.15 -3.18 -28.09
N VAL A 500 -13.33 -3.81 -27.24
CA VAL A 500 -12.33 -4.75 -27.71
C VAL A 500 -12.99 -6.01 -28.25
N ILE A 501 -14.04 -6.49 -27.58
CA ILE A 501 -14.77 -7.67 -28.04
C ILE A 501 -15.39 -7.43 -29.41
N LEU A 502 -16.02 -6.27 -29.61
CA LEU A 502 -16.68 -5.97 -30.89
C LEU A 502 -15.69 -5.87 -32.05
N GLY A 503 -14.50 -5.36 -31.81
CA GLY A 503 -13.54 -5.23 -32.89
C GLY A 503 -12.88 -6.54 -33.26
N PHE A 504 -12.57 -7.35 -32.26
CA PHE A 504 -11.92 -8.62 -32.54
C PHE A 504 -12.89 -9.70 -32.97
N ALA A 505 -14.14 -9.67 -32.48
CA ALA A 505 -15.12 -10.65 -32.95
C ALA A 505 -15.44 -10.44 -34.42
N SER A 506 -15.46 -9.18 -34.86
CA SER A 506 -15.73 -8.86 -36.25
C SER A 506 -14.57 -9.27 -37.14
N ALA A 507 -13.33 -9.10 -36.65
CA ALA A 507 -12.17 -9.59 -37.39
C ALA A 507 -12.14 -11.11 -37.42
N PHE A 508 -12.35 -11.76 -36.28
CA PHE A 508 -12.42 -13.23 -36.22
C PHE A 508 -13.54 -13.78 -37.09
N TYR A 509 -14.67 -13.07 -37.17
CA TYR A 509 -15.76 -13.48 -38.04
C TYR A 509 -15.34 -13.47 -39.51
N ILE A 510 -14.74 -12.37 -39.97
CA ILE A 510 -14.42 -12.27 -41.39
C ILE A 510 -13.17 -13.05 -41.76
N ILE A 511 -12.29 -13.36 -40.81
CA ILE A 511 -11.14 -14.21 -41.09
C ILE A 511 -11.59 -15.64 -41.38
N PHE A 512 -12.50 -16.17 -40.58
CA PHE A 512 -13.00 -17.52 -40.75
C PHE A 512 -14.28 -17.58 -41.58
N GLN A 513 -14.61 -16.50 -42.27
CA GLN A 513 -15.84 -16.43 -43.05
C GLN A 513 -15.75 -17.26 -44.32
N THR A 514 -14.54 -17.52 -44.81
CA THR A 514 -14.29 -18.34 -45.99
C THR A 514 -13.85 -19.76 -45.67
N GLU A 515 -13.85 -20.15 -44.41
CA GLU A 515 -13.35 -21.46 -44.01
C GLU A 515 -14.50 -22.43 -43.86
N ASP A 516 -14.16 -23.67 -43.54
CA ASP A 516 -15.15 -24.68 -43.21
C ASP A 516 -15.37 -24.68 -41.70
N PRO A 517 -16.58 -24.38 -41.22
CA PRO A 517 -16.80 -24.33 -39.76
C PRO A 517 -16.85 -25.69 -39.10
N GLU A 518 -16.93 -26.77 -39.88
CA GLU A 518 -16.92 -28.11 -39.31
C GLU A 518 -15.61 -28.42 -38.61
N GLU A 519 -14.53 -27.81 -39.07
CA GLU A 519 -13.24 -28.01 -38.49
C GLU A 519 -12.86 -26.95 -37.47
N LEU A 520 -13.53 -25.79 -37.51
CA LEU A 520 -13.33 -24.76 -36.48
C LEU A 520 -14.59 -23.88 -36.48
N GLY A 521 -15.46 -24.09 -35.49
CA GLY A 521 -16.77 -23.50 -35.50
C GLY A 521 -17.02 -22.36 -34.56
N HIS A 522 -15.97 -21.81 -33.93
CA HIS A 522 -16.11 -20.78 -32.91
C HIS A 522 -16.74 -19.51 -33.45
N PHE A 523 -16.59 -19.25 -34.74
CA PHE A 523 -17.03 -17.98 -35.31
C PHE A 523 -17.96 -18.24 -36.49
N TYR A 524 -18.81 -19.27 -36.41
CA TYR A 524 -19.54 -19.74 -37.58
C TYR A 524 -20.60 -18.75 -38.04
N ASP A 525 -21.25 -18.05 -37.13
CA ASP A 525 -22.03 -16.88 -37.49
C ASP A 525 -21.67 -15.74 -36.55
N TYR A 526 -22.25 -14.58 -36.79
CA TYR A 526 -21.79 -13.38 -36.09
C TYR A 526 -22.21 -13.30 -34.62
N PRO A 527 -23.40 -13.76 -34.19
CA PRO A 527 -23.62 -13.85 -32.74
C PRO A 527 -22.77 -14.90 -32.03
N MET A 528 -22.39 -16.00 -32.69
CA MET A 528 -21.48 -16.92 -32.04
C MET A 528 -20.08 -16.35 -31.95
N ALA A 529 -19.65 -15.61 -32.98
CA ALA A 529 -18.35 -14.97 -32.97
C ALA A 529 -18.23 -13.95 -31.84
N LEU A 530 -19.33 -13.24 -31.55
CA LEU A 530 -19.35 -12.32 -30.40
C LEU A 530 -19.26 -13.08 -29.09
N PHE A 531 -20.00 -14.19 -28.98
CA PHE A 531 -19.99 -14.95 -27.74
C PHE A 531 -18.67 -15.68 -27.55
N SER A 532 -18.06 -16.14 -28.64
CA SER A 532 -16.78 -16.83 -28.53
C SER A 532 -15.67 -15.87 -28.14
N THR A 533 -15.69 -14.65 -28.69
CA THR A 533 -14.67 -13.66 -28.40
C THR A 533 -14.77 -13.18 -26.96
N PHE A 534 -16.00 -13.05 -26.46
CA PHE A 534 -16.23 -12.77 -25.05
C PHE A 534 -15.62 -13.85 -24.16
N GLU A 535 -15.86 -15.11 -24.49
CA GLU A 535 -15.28 -16.22 -23.74
C GLU A 535 -13.77 -16.27 -23.89
N LEU A 536 -13.26 -15.92 -25.08
CA LEU A 536 -11.82 -15.85 -25.28
C LEU A 536 -11.18 -14.71 -24.53
N PHE A 537 -11.90 -13.59 -24.39
CA PHE A 537 -11.41 -12.45 -23.62
C PHE A 537 -11.15 -12.85 -22.17
N LEU A 538 -12.10 -13.54 -21.58
CA LEU A 538 -12.02 -14.01 -20.21
C LEU A 538 -11.17 -15.27 -20.07
N THR A 539 -10.70 -15.83 -21.19
CA THR A 539 -9.91 -17.07 -21.27
C THR A 539 -10.63 -18.25 -20.64
N ILE A 540 -11.96 -18.26 -20.72
CA ILE A 540 -12.74 -19.33 -20.14
C ILE A 540 -13.06 -20.42 -21.14
N ILE A 541 -12.84 -20.19 -22.43
CA ILE A 541 -12.77 -21.29 -23.38
C ILE A 541 -11.36 -21.31 -23.94
N ASP A 542 -10.97 -22.47 -24.44
CA ASP A 542 -9.59 -22.66 -24.84
C ASP A 542 -9.34 -21.97 -26.17
N GLY A 543 -10.26 -22.11 -27.09
CA GLY A 543 -10.21 -21.30 -28.26
C GLY A 543 -9.25 -21.77 -29.33
N PRO A 544 -9.56 -21.36 -30.55
CA PRO A 544 -9.41 -22.10 -31.80
C PRO A 544 -8.03 -22.64 -32.13
N ALA A 545 -8.01 -23.95 -32.30
CA ALA A 545 -6.84 -24.66 -32.81
C ALA A 545 -7.35 -25.92 -33.48
N ASN A 546 -6.72 -26.30 -34.58
CA ASN A 546 -7.02 -27.61 -35.13
C ASN A 546 -5.79 -28.50 -35.27
N TYR A 547 -4.72 -27.98 -35.88
CA TYR A 547 -3.39 -28.55 -36.14
C TYR A 547 -3.40 -29.61 -37.22
N ASN A 548 -4.57 -30.06 -37.64
CA ASN A 548 -4.68 -30.92 -38.81
C ASN A 548 -4.95 -30.11 -40.06
N VAL A 549 -5.22 -28.82 -39.93
CA VAL A 549 -5.65 -28.01 -41.04
C VAL A 549 -4.89 -26.68 -40.99
N ASP A 550 -4.81 -26.02 -42.14
CA ASP A 550 -4.20 -24.70 -42.19
C ASP A 550 -5.22 -23.65 -41.77
N LEU A 551 -4.95 -22.99 -40.67
CA LEU A 551 -5.74 -21.83 -40.31
C LEU A 551 -5.25 -20.62 -41.10
N PRO A 552 -6.09 -19.60 -41.30
CA PRO A 552 -5.61 -18.39 -41.97
C PRO A 552 -4.52 -17.71 -41.17
N PHE A 553 -3.56 -17.10 -41.88
CA PHE A 553 -2.45 -16.49 -41.18
C PHE A 553 -2.88 -15.25 -40.41
N MET A 554 -3.97 -14.60 -40.84
CA MET A 554 -4.48 -13.47 -40.09
C MET A 554 -5.04 -13.87 -38.73
N TYR A 555 -5.48 -15.12 -38.58
CA TYR A 555 -5.93 -15.59 -37.27
C TYR A 555 -4.81 -15.58 -36.25
N SER A 556 -3.63 -16.06 -36.62
CA SER A 556 -2.52 -16.09 -35.67
C SER A 556 -2.02 -14.70 -35.33
N ILE A 557 -2.16 -13.74 -36.24
CA ILE A 557 -1.78 -12.36 -35.93
C ILE A 557 -2.82 -11.72 -35.04
N THR A 558 -4.10 -11.93 -35.35
CA THR A 558 -5.16 -11.24 -34.65
C THR A 558 -5.37 -11.83 -33.27
N TYR A 559 -5.23 -13.14 -33.12
CA TYR A 559 -5.46 -13.74 -31.81
C TYR A 559 -4.27 -13.51 -30.88
N ALA A 560 -3.07 -13.37 -31.41
CA ALA A 560 -1.93 -13.00 -30.57
C ALA A 560 -2.10 -11.58 -30.05
N ALA A 561 -2.55 -10.68 -30.92
CA ALA A 561 -2.84 -9.32 -30.52
C ALA A 561 -4.02 -9.26 -29.55
N PHE A 562 -5.05 -10.09 -29.78
CA PHE A 562 -6.19 -10.17 -28.88
C PHE A 562 -5.79 -10.69 -27.51
N ALA A 563 -4.92 -11.70 -27.46
CA ALA A 563 -4.51 -12.30 -26.20
C ALA A 563 -3.62 -11.37 -25.37
N ILE A 564 -2.81 -10.54 -26.01
CA ILE A 564 -2.02 -9.58 -25.25
C ILE A 564 -2.92 -8.51 -24.67
N ILE A 565 -3.85 -7.98 -25.48
CA ILE A 565 -4.76 -6.93 -25.02
C ILE A 565 -5.70 -7.45 -23.94
N ALA A 566 -6.19 -8.69 -24.08
CA ALA A 566 -7.13 -9.23 -23.12
C ALA A 566 -6.48 -9.48 -21.76
N THR A 567 -5.25 -9.97 -21.73
CA THR A 567 -4.59 -10.14 -20.45
C THR A 567 -4.06 -8.84 -19.86
N LEU A 568 -3.63 -7.88 -20.71
CA LEU A 568 -3.41 -6.50 -20.28
C LEU A 568 -4.62 -5.90 -19.59
N LEU A 569 -5.79 -6.00 -20.25
CA LEU A 569 -7.01 -5.45 -19.68
C LEU A 569 -7.44 -6.19 -18.42
N MET A 570 -7.34 -7.53 -18.43
CA MET A 570 -7.74 -8.32 -17.26
C MET A 570 -6.86 -8.01 -16.06
N LEU A 571 -5.56 -7.85 -16.28
CA LEU A 571 -4.68 -7.45 -15.19
C LEU A 571 -4.87 -6.00 -14.80
N ASN A 572 -5.47 -5.17 -15.66
CA ASN A 572 -5.80 -3.79 -15.33
C ASN A 572 -7.07 -3.69 -14.50
N LEU A 573 -8.04 -4.58 -14.72
CA LEU A 573 -9.20 -4.66 -13.84
C LEU A 573 -8.80 -5.05 -12.44
N LEU A 574 -7.78 -5.89 -12.32
CA LEU A 574 -7.27 -6.31 -11.02
C LEU A 574 -6.63 -5.15 -10.28
N ILE A 575 -6.02 -4.22 -11.02
CA ILE A 575 -5.51 -2.98 -10.44
C ILE A 575 -6.64 -2.19 -9.82
N ALA A 576 -7.64 -1.84 -10.65
CA ALA A 576 -8.65 -0.87 -10.30
C ALA A 576 -9.51 -1.35 -9.16
N MET A 577 -9.66 -2.66 -9.01
CA MET A 577 -10.31 -3.21 -7.84
C MET A 577 -9.45 -3.13 -6.59
N MET A 578 -8.16 -2.85 -6.70
CA MET A 578 -7.35 -2.65 -5.51
C MET A 578 -7.15 -1.21 -5.11
N GLY A 579 -7.26 -0.26 -6.03
CA GLY A 579 -7.44 1.11 -5.60
C GLY A 579 -8.84 1.40 -5.13
N ASP A 580 -9.81 0.56 -5.52
CA ASP A 580 -11.20 0.78 -5.11
C ASP A 580 -11.38 0.41 -3.66
N THR A 581 -10.75 -0.67 -3.23
CA THR A 581 -11.05 -1.18 -1.91
C THR A 581 -10.16 -0.55 -0.86
N HIS A 582 -8.85 -0.78 -0.97
CA HIS A 582 -7.92 -0.39 0.08
C HIS A 582 -7.74 1.13 0.16
N TRP A 583 -8.06 1.86 -0.90
CA TRP A 583 -7.94 3.31 -0.86
C TRP A 583 -9.27 4.03 -0.84
N ARG A 584 -10.40 3.34 -1.05
CA ARG A 584 -11.68 3.99 -0.85
C ARG A 584 -12.57 3.26 0.15
N VAL A 585 -12.75 1.94 0.03
CA VAL A 585 -13.79 1.30 0.81
C VAL A 585 -13.27 0.18 1.71
N ALA A 586 -11.98 0.18 2.04
CA ALA A 586 -11.53 -0.68 3.14
C ALA A 586 -11.40 0.08 4.45
N HIS A 587 -11.20 1.39 4.39
CA HIS A 587 -11.17 2.18 5.62
C HIS A 587 -12.56 2.31 6.22
N GLU A 588 -13.59 2.19 5.39
CA GLU A 588 -14.97 2.32 5.80
C GLU A 588 -15.75 1.02 5.65
N ARG A 589 -15.09 -0.13 5.89
CA ARG A 589 -15.81 -1.40 5.85
C ARG A 589 -16.79 -1.51 7.01
N ASP A 590 -16.31 -1.25 8.22
CA ASP A 590 -17.18 -1.33 9.39
C ASP A 590 -18.25 -0.23 9.37
N GLU A 591 -17.89 0.99 8.92
CA GLU A 591 -18.84 2.09 8.89
C GLU A 591 -19.93 1.88 7.86
N LEU A 592 -19.59 1.36 6.68
CA LEU A 592 -20.62 1.03 5.71
C LEU A 592 -21.44 -0.19 6.15
N TRP A 593 -20.85 -1.08 6.93
CA TRP A 593 -21.60 -2.24 7.37
C TRP A 593 -22.45 -1.92 8.58
N ARG A 594 -21.99 -1.05 9.47
CA ARG A 594 -22.82 -0.63 10.60
C ARG A 594 -24.00 0.21 10.11
N ALA A 595 -23.80 0.99 9.06
CA ALA A 595 -24.91 1.70 8.45
C ALA A 595 -25.90 0.75 7.78
N GLN A 596 -25.43 -0.39 7.27
CA GLN A 596 -26.35 -1.42 6.79
C GLN A 596 -27.13 -2.07 7.90
N ILE A 597 -26.56 -2.18 9.10
CA ILE A 597 -27.32 -2.71 10.23
C ILE A 597 -28.42 -1.73 10.64
N VAL A 598 -28.13 -0.42 10.58
CA VAL A 598 -29.13 0.58 10.91
C VAL A 598 -30.26 0.58 9.88
N ALA A 599 -29.90 0.58 8.59
CA ALA A 599 -30.90 0.52 7.53
C ALA A 599 -31.72 -0.75 7.58
N THR A 600 -31.12 -1.85 8.00
CA THR A 600 -31.90 -3.07 8.16
C THR A 600 -32.78 -3.01 9.39
N THR A 601 -32.26 -2.49 10.51
CA THR A 601 -33.02 -2.50 11.75
C THR A 601 -34.19 -1.52 11.69
N VAL A 602 -34.01 -0.38 11.02
CA VAL A 602 -35.10 0.55 10.80
C VAL A 602 -36.17 -0.07 9.91
N MET A 603 -35.75 -0.73 8.83
CA MET A 603 -36.68 -1.35 7.90
C MET A 603 -37.43 -2.50 8.55
N LEU A 604 -36.73 -3.31 9.35
CA LEU A 604 -37.28 -4.51 9.94
C LEU A 604 -38.11 -4.23 11.18
N GLU A 605 -38.29 -2.96 11.54
CA GLU A 605 -39.19 -2.54 12.59
C GLU A 605 -40.45 -1.88 12.02
N ARG A 606 -40.29 -1.15 10.92
CA ARG A 606 -41.42 -0.49 10.28
C ARG A 606 -42.33 -1.49 9.58
N LYS A 607 -41.76 -2.56 9.02
CA LYS A 607 -42.54 -3.60 8.35
C LYS A 607 -42.70 -4.84 9.21
N LEU A 608 -42.90 -4.63 10.51
CA LEU A 608 -43.05 -5.69 11.49
C LEU A 608 -44.01 -5.15 12.55
N PRO A 609 -44.84 -6.01 13.19
CA PRO A 609 -45.86 -5.47 14.10
C PRO A 609 -45.35 -4.85 15.39
N ARG A 610 -46.29 -4.33 16.18
CA ARG A 610 -45.94 -3.63 17.40
C ARG A 610 -45.69 -4.58 18.57
N CYS A 611 -46.47 -5.67 18.64
CA CYS A 611 -46.40 -6.57 19.78
C CYS A 611 -45.13 -7.41 19.78
N LEU A 612 -44.53 -7.63 18.60
CA LEU A 612 -43.28 -8.40 18.50
C LEU A 612 -42.05 -7.57 18.80
N TRP A 613 -42.17 -6.25 18.79
CA TRP A 613 -41.00 -5.36 18.89
C TRP A 613 -41.15 -4.48 20.12
N PRO A 614 -40.51 -4.83 21.24
CA PRO A 614 -40.45 -3.90 22.38
C PRO A 614 -39.70 -2.63 22.01
N ARG A 615 -40.18 -1.51 22.54
CA ARG A 615 -39.56 -0.22 22.25
C ARG A 615 -38.25 -0.09 23.02
N SER A 616 -37.25 0.49 22.38
CA SER A 616 -35.93 0.56 22.97
C SER A 616 -35.86 1.64 24.05
N GLY A 617 -35.06 1.38 25.06
CA GLY A 617 -34.96 2.26 26.19
C GLY A 617 -35.90 1.85 27.33
N ILE A 618 -35.82 2.61 28.40
CA ILE A 618 -36.64 2.38 29.59
C ILE A 618 -37.63 3.52 29.67
N CYS A 619 -38.91 3.21 29.72
CA CYS A 619 -39.94 4.23 29.81
C CYS A 619 -40.00 4.77 31.23
N GLY A 620 -40.28 6.06 31.35
CA GLY A 620 -40.57 6.67 32.63
C GLY A 620 -41.95 6.31 33.14
N ARG A 621 -42.52 7.22 33.93
CA ARG A 621 -43.85 7.19 34.58
C ARG A 621 -43.89 6.18 35.73
N GLU A 622 -42.89 5.30 35.83
CA GLU A 622 -42.60 4.53 37.02
C GLU A 622 -41.32 5.01 37.69
N TYR A 623 -40.74 6.10 37.21
CA TYR A 623 -39.50 6.61 37.78
C TYR A 623 -39.51 8.13 37.90
N GLY A 624 -40.65 8.78 37.71
CA GLY A 624 -40.72 10.22 37.83
C GLY A 624 -40.03 10.96 36.70
N LEU A 625 -40.00 10.36 35.51
CA LEU A 625 -39.24 10.91 34.40
C LEU A 625 -40.11 11.36 33.23
N GLY A 626 -41.41 11.11 33.28
CA GLY A 626 -42.31 11.48 32.20
C GLY A 626 -42.77 10.28 31.39
N ASP A 627 -43.35 10.59 30.23
CA ASP A 627 -43.73 9.56 29.27
C ASP A 627 -42.63 9.28 28.25
N ARG A 628 -41.39 9.56 28.61
CA ARG A 628 -40.24 9.41 27.75
C ARG A 628 -39.58 8.05 27.95
N TRP A 629 -38.88 7.60 26.91
CA TRP A 629 -38.08 6.39 26.94
C TRP A 629 -36.62 6.78 26.99
N PHE A 630 -35.88 6.25 27.96
CA PHE A 630 -34.52 6.67 28.25
C PHE A 630 -33.51 5.56 28.04
N LEU A 631 -32.32 5.91 27.58
CA LEU A 631 -31.23 4.95 27.45
C LEU A 631 -30.13 5.29 28.44
N ARG A 632 -29.71 4.29 29.20
CA ARG A 632 -28.67 4.45 30.20
C ARG A 632 -27.34 3.96 29.65
N VAL A 633 -26.30 4.78 29.78
CA VAL A 633 -24.95 4.43 29.34
C VAL A 633 -24.02 4.64 30.50
N GLU A 634 -23.37 3.57 30.94
CA GLU A 634 -22.38 3.62 32.00
C GLU A 634 -21.01 3.43 31.38
N ASP A 635 -20.14 4.43 31.53
CA ASP A 635 -18.81 4.39 30.98
C ASP A 635 -17.75 4.59 32.05
N ARG A 636 -16.49 4.52 31.63
CA ARG A 636 -15.34 4.78 32.48
C ARG A 636 -14.53 5.92 31.89
N GLN A 637 -14.19 6.90 32.73
CA GLN A 637 -13.55 8.14 32.29
C GLN A 637 -12.03 8.08 32.31
N ASP A 638 -11.45 7.04 32.91
CA ASP A 638 -10.01 6.82 33.02
C ASP A 638 -9.27 7.98 33.69
N GLU B 27 -29.44 -10.68 28.60
CA GLU B 27 -29.89 -9.30 28.34
C GLU B 27 -30.72 -8.76 29.49
N SER B 28 -31.43 -9.67 30.17
CA SER B 28 -32.34 -9.25 31.23
C SER B 28 -31.58 -8.83 32.48
N TRP B 29 -30.36 -9.33 32.67
CA TRP B 29 -29.60 -8.91 33.85
C TRP B 29 -29.06 -7.50 33.67
N ALA B 30 -28.61 -7.16 32.45
CA ALA B 30 -28.29 -5.77 32.15
C ALA B 30 -29.54 -4.91 32.10
N GLN B 31 -30.70 -5.51 31.82
CA GLN B 31 -31.96 -4.81 31.93
C GLN B 31 -32.36 -4.64 33.39
N SER B 32 -32.11 -5.66 34.22
CA SER B 32 -32.36 -5.53 35.65
C SER B 32 -31.40 -4.55 36.28
N ARG B 33 -30.14 -4.53 35.83
CA ARG B 33 -29.17 -3.59 36.36
C ARG B 33 -29.45 -2.17 35.90
N ASP B 34 -30.00 -2.01 34.69
CA ASP B 34 -30.42 -0.67 34.26
C ASP B 34 -31.66 -0.21 35.02
N GLU B 35 -32.52 -1.13 35.45
CA GLU B 35 -33.70 -0.71 36.22
C GLU B 35 -33.37 -0.36 37.66
N GLN B 36 -32.36 -1.01 38.25
CA GLN B 36 -32.03 -0.75 39.64
C GLN B 36 -31.38 0.61 39.83
N ASN B 37 -30.63 1.08 38.85
CA ASN B 37 -30.08 2.42 38.94
C ASN B 37 -31.15 3.49 38.79
N LEU B 38 -32.21 3.22 38.03
CA LEU B 38 -33.31 4.16 37.94
C LEU B 38 -34.25 4.04 39.14
N LEU B 39 -34.47 2.83 39.64
CA LEU B 39 -35.22 2.65 40.88
C LEU B 39 -34.50 3.21 42.08
N GLN B 40 -33.18 3.34 42.03
CA GLN B 40 -32.44 4.00 43.11
C GLN B 40 -32.74 5.49 43.15
N GLN B 41 -32.85 6.11 41.98
CA GLN B 41 -33.11 7.54 41.87
C GLN B 41 -34.54 7.91 42.25
N LYS B 42 -35.45 6.96 42.30
CA LYS B 42 -36.81 7.23 42.76
C LYS B 42 -36.97 7.03 44.26
N ARG B 43 -36.23 6.07 44.85
CA ARG B 43 -36.36 5.80 46.28
C ARG B 43 -35.78 6.89 47.17
N ILE B 44 -35.17 7.94 46.60
CA ILE B 44 -34.73 9.07 47.39
C ILE B 44 -35.90 10.03 47.65
N TRP B 45 -36.73 10.26 46.63
CA TRP B 45 -37.62 11.41 46.58
C TRP B 45 -38.84 11.33 47.48
N GLU B 46 -39.15 10.17 48.06
CA GLU B 46 -40.39 10.06 48.82
C GLU B 46 -40.18 10.17 50.33
N SER B 47 -39.03 10.63 50.80
CA SER B 47 -38.81 10.78 52.23
C SER B 47 -37.96 12.00 52.55
N PRO B 48 -38.20 12.65 53.69
CA PRO B 48 -37.34 13.78 54.09
C PRO B 48 -36.07 13.37 54.80
N LEU B 49 -36.06 12.22 55.49
CA LEU B 49 -34.90 11.80 56.27
C LEU B 49 -33.75 11.32 55.40
N LEU B 50 -34.05 10.87 54.18
CA LEU B 50 -33.03 10.53 53.19
C LEU B 50 -32.79 11.65 52.20
N LEU B 51 -33.47 12.78 52.38
CA LEU B 51 -33.37 13.94 51.51
C LEU B 51 -32.40 14.98 52.05
N ALA B 52 -32.43 15.19 53.37
CA ALA B 52 -31.52 16.14 54.00
C ALA B 52 -30.10 15.60 54.08
N ALA B 53 -29.93 14.29 53.95
CA ALA B 53 -28.61 13.67 53.90
C ALA B 53 -28.14 13.40 52.48
N LYS B 54 -28.84 13.93 51.47
CA LYS B 54 -28.34 13.91 50.10
C LYS B 54 -27.71 15.24 49.69
N ASP B 55 -28.40 16.34 49.97
CA ASP B 55 -27.90 17.68 49.69
C ASP B 55 -27.47 18.35 50.99
N ASN B 56 -26.99 19.57 50.89
CA ASN B 56 -26.49 20.31 52.06
C ASN B 56 -27.60 21.06 52.77
N ASP B 57 -28.66 20.37 53.15
CA ASP B 57 -29.75 20.98 53.90
C ASP B 57 -29.70 20.39 55.31
N VAL B 58 -28.93 21.02 56.19
CA VAL B 58 -28.77 20.52 57.54
C VAL B 58 -29.85 21.03 58.49
N GLN B 59 -30.51 22.15 58.16
CA GLN B 59 -31.41 22.79 59.12
C GLN B 59 -32.72 22.04 59.25
N ALA B 60 -33.24 21.50 58.15
CA ALA B 60 -34.46 20.71 58.20
C ALA B 60 -34.22 19.39 58.93
N LEU B 61 -33.00 18.86 58.86
CA LEU B 61 -32.68 17.61 59.53
C LEU B 61 -32.71 17.76 61.04
N ASN B 62 -32.36 18.94 61.56
CA ASN B 62 -32.52 19.20 62.97
C ASN B 62 -33.99 19.34 63.36
N LYS B 63 -34.86 19.65 62.40
CA LYS B 63 -36.29 19.65 62.62
C LYS B 63 -36.88 18.26 62.45
N LEU B 64 -36.24 17.41 61.64
CA LEU B 64 -36.71 16.04 61.44
C LEU B 64 -36.49 15.16 62.65
N LEU B 65 -35.57 15.52 63.54
CA LEU B 65 -35.19 14.62 64.63
C LEU B 65 -35.85 14.95 65.96
N LYS B 66 -35.94 16.22 66.33
CA LYS B 66 -36.34 16.58 67.69
C LYS B 66 -37.86 16.64 67.89
N TYR B 67 -38.63 16.86 66.82
CA TYR B 67 -40.08 17.03 66.99
C TYR B 67 -40.79 15.69 67.12
N GLU B 68 -40.71 14.84 66.11
CA GLU B 68 -41.47 13.59 66.11
C GLU B 68 -40.68 12.40 66.62
N ASP B 69 -39.35 12.51 66.73
CA ASP B 69 -38.44 11.47 67.22
C ASP B 69 -38.56 10.19 66.39
N CYS B 70 -38.35 10.34 65.09
CA CYS B 70 -38.54 9.23 64.16
C CYS B 70 -37.31 8.31 64.14
N LYS B 71 -37.53 7.11 63.61
CA LYS B 71 -36.44 6.14 63.46
C LYS B 71 -35.62 6.48 62.22
N VAL B 72 -34.29 6.33 62.34
CA VAL B 72 -33.37 6.80 61.30
C VAL B 72 -32.82 5.69 60.41
N HIS B 73 -33.13 4.43 60.70
CA HIS B 73 -32.58 3.32 59.90
C HIS B 73 -33.47 2.99 58.70
N GLN B 74 -33.81 4.01 57.92
CA GLN B 74 -34.63 3.81 56.73
C GLN B 74 -33.72 3.49 55.55
N ARG B 75 -34.05 2.42 54.83
CA ARG B 75 -33.20 1.88 53.79
C ARG B 75 -33.67 2.36 52.41
N GLY B 76 -32.70 2.53 51.51
CA GLY B 76 -32.97 2.86 50.13
C GLY B 76 -33.18 1.63 49.27
N ALA B 77 -32.80 1.75 48.00
CA ALA B 77 -33.05 0.68 47.02
C ALA B 77 -32.10 -0.48 47.21
N MET B 78 -30.82 -0.20 47.48
CA MET B 78 -29.82 -1.22 47.73
C MET B 78 -29.72 -1.59 49.21
N GLY B 79 -30.80 -1.38 49.97
CA GLY B 79 -30.79 -1.66 51.39
C GLY B 79 -29.83 -0.82 52.19
N GLU B 80 -29.47 0.37 51.70
CA GLU B 80 -28.45 1.18 52.33
C GLU B 80 -29.07 2.33 53.09
N THR B 81 -28.32 2.83 54.07
CA THR B 81 -28.72 4.01 54.82
C THR B 81 -28.48 5.27 54.00
N ALA B 82 -28.85 6.41 54.57
CA ALA B 82 -28.64 7.69 53.91
C ALA B 82 -27.18 8.11 53.85
N LEU B 83 -26.30 7.45 54.61
CA LEU B 83 -24.88 7.80 54.62
C LEU B 83 -24.21 7.45 53.30
N HIS B 84 -24.64 6.36 52.66
CA HIS B 84 -24.01 5.96 51.40
C HIS B 84 -24.34 6.93 50.28
N ILE B 85 -25.48 7.60 50.37
CA ILE B 85 -25.82 8.66 49.42
C ILE B 85 -24.95 9.88 49.67
N ALA B 86 -24.60 10.13 50.94
CA ALA B 86 -23.74 11.26 51.26
C ALA B 86 -22.32 11.04 50.74
N ALA B 87 -21.80 9.82 50.90
CA ALA B 87 -20.45 9.50 50.40
C ALA B 87 -20.38 9.53 48.89
N LEU B 88 -21.47 9.19 48.22
CA LEU B 88 -21.53 9.12 46.77
C LEU B 88 -21.71 10.49 46.13
N TYR B 89 -22.00 11.51 46.94
CA TYR B 89 -22.11 12.88 46.46
C TYR B 89 -21.34 13.86 47.34
N ASP B 90 -20.42 13.37 48.18
CA ASP B 90 -19.48 14.15 48.98
C ASP B 90 -20.15 15.07 50.00
N ASN B 91 -20.89 14.49 50.94
CA ASN B 91 -21.67 15.27 51.90
C ASN B 91 -21.23 14.90 53.32
N LEU B 92 -20.74 15.88 54.07
CA LEU B 92 -20.14 15.64 55.38
C LEU B 92 -20.91 16.27 56.54
N GLU B 93 -21.77 17.25 56.27
CA GLU B 93 -22.19 18.17 57.31
C GLU B 93 -23.42 17.71 58.07
N ALA B 94 -24.44 17.22 57.36
CA ALA B 94 -25.63 16.72 58.06
C ALA B 94 -25.37 15.41 58.78
N ALA B 95 -24.43 14.60 58.26
CA ALA B 95 -24.16 13.29 58.84
C ALA B 95 -23.45 13.36 60.18
N MET B 96 -22.96 14.53 60.58
CA MET B 96 -22.43 14.70 61.93
C MET B 96 -23.53 14.63 62.97
N VAL B 97 -24.65 15.31 62.70
CA VAL B 97 -25.81 15.28 63.60
C VAL B 97 -26.45 13.89 63.58
N LEU B 98 -26.28 13.15 62.47
CA LEU B 98 -26.63 11.74 62.44
C LEU B 98 -25.85 10.93 63.46
N MET B 99 -24.61 11.32 63.74
CA MET B 99 -23.75 10.56 64.62
C MET B 99 -23.81 11.05 66.06
N GLU B 100 -24.19 12.31 66.28
CA GLU B 100 -24.44 12.75 67.65
C GLU B 100 -25.76 12.20 68.18
N ALA B 101 -26.68 11.83 67.29
CA ALA B 101 -27.95 11.25 67.68
C ALA B 101 -27.99 9.73 67.54
N ALA B 102 -27.47 9.19 66.43
CA ALA B 102 -27.39 7.74 66.22
C ALA B 102 -25.97 7.38 65.84
N PRO B 103 -25.10 7.16 66.83
CA PRO B 103 -23.67 6.93 66.54
C PRO B 103 -23.37 5.61 65.85
N GLU B 104 -24.30 4.66 65.89
CA GLU B 104 -24.11 3.32 65.34
C GLU B 104 -24.26 3.23 63.83
N LEU B 105 -24.32 4.36 63.12
CA LEU B 105 -24.58 4.38 61.69
C LEU B 105 -23.38 3.96 60.83
N VAL B 106 -22.18 3.94 61.41
CA VAL B 106 -20.94 3.76 60.65
C VAL B 106 -20.85 2.35 60.05
N PHE B 107 -21.27 1.34 60.82
CA PHE B 107 -20.92 -0.03 60.51
C PHE B 107 -21.78 -0.67 59.43
N GLU B 108 -23.01 -0.20 59.26
CA GLU B 108 -24.04 -0.99 58.56
C GLU B 108 -23.81 -0.97 57.06
N PRO B 109 -23.49 -2.10 56.46
CA PRO B 109 -23.13 -2.12 55.04
C PRO B 109 -24.39 -2.14 54.18
N MET B 110 -24.18 -2.24 52.86
CA MET B 110 -25.32 -2.45 51.97
C MET B 110 -25.80 -3.88 52.09
N THR B 111 -27.11 -4.03 52.29
CA THR B 111 -27.75 -5.34 52.38
C THR B 111 -28.40 -5.73 51.05
N SER B 112 -27.87 -5.22 49.95
CA SER B 112 -28.35 -5.50 48.60
C SER B 112 -27.77 -6.80 48.05
N GLU B 113 -27.87 -6.95 46.72
CA GLU B 113 -27.32 -8.10 46.03
C GLU B 113 -26.53 -7.74 44.77
N LEU B 114 -26.41 -6.46 44.43
CA LEU B 114 -25.54 -5.98 43.35
C LEU B 114 -24.28 -5.31 43.88
N TYR B 115 -24.41 -4.43 44.86
CA TYR B 115 -23.28 -3.88 45.60
C TYR B 115 -23.42 -4.42 47.02
N GLU B 116 -23.01 -5.67 47.21
CA GLU B 116 -23.25 -6.37 48.47
C GLU B 116 -22.04 -6.24 49.37
N GLY B 117 -22.26 -5.82 50.60
CA GLY B 117 -21.19 -5.64 51.54
C GLY B 117 -20.38 -4.38 51.34
N GLN B 118 -20.73 -3.56 50.37
CA GLN B 118 -20.06 -2.27 50.24
C GLN B 118 -20.55 -1.36 51.35
N THR B 119 -19.61 -0.74 52.03
CA THR B 119 -19.91 0.18 53.11
C THR B 119 -19.59 1.61 52.67
N ALA B 120 -19.80 2.55 53.58
CA ALA B 120 -19.55 3.96 53.27
C ALA B 120 -18.07 4.27 53.14
N LEU B 121 -17.19 3.39 53.62
CA LEU B 121 -15.77 3.64 53.50
C LEU B 121 -15.28 3.39 52.08
N HIS B 122 -15.83 2.38 51.39
CA HIS B 122 -15.47 2.11 50.00
C HIS B 122 -15.79 3.29 49.10
N ILE B 123 -16.95 3.91 49.28
CA ILE B 123 -17.40 4.98 48.40
C ILE B 123 -16.55 6.22 48.59
N ALA B 124 -16.20 6.55 49.83
CA ALA B 124 -15.35 7.70 50.10
C ALA B 124 -13.91 7.45 49.67
N VAL B 125 -13.52 6.21 49.50
CA VAL B 125 -12.19 5.90 49.00
C VAL B 125 -12.08 6.16 47.51
N VAL B 126 -13.01 5.62 46.71
CA VAL B 126 -12.91 5.79 45.25
C VAL B 126 -13.25 7.21 44.80
N ASN B 127 -14.07 7.94 45.55
CA ASN B 127 -14.24 9.36 45.25
C ASN B 127 -13.18 10.20 45.92
N GLN B 128 -12.33 9.58 46.74
CA GLN B 128 -11.15 10.17 47.39
C GLN B 128 -11.53 11.32 48.30
N ASN B 129 -12.37 11.00 49.28
CA ASN B 129 -12.66 11.87 50.40
C ASN B 129 -11.71 11.50 51.53
N MET B 130 -11.16 12.52 52.17
CA MET B 130 -10.21 12.29 53.25
C MET B 130 -10.73 12.69 54.63
N ASN B 131 -11.54 13.75 54.71
CA ASN B 131 -12.01 14.21 56.01
C ASN B 131 -13.04 13.27 56.64
N LEU B 132 -13.71 12.45 55.83
CA LEU B 132 -14.68 11.51 56.37
C LEU B 132 -13.98 10.39 57.15
N VAL B 133 -12.77 10.03 56.74
CA VAL B 133 -12.00 9.00 57.43
C VAL B 133 -11.62 9.44 58.84
N ARG B 134 -11.32 10.74 59.03
CA ARG B 134 -10.96 11.23 60.35
C ARG B 134 -12.14 11.26 61.32
N ALA B 135 -13.37 11.34 60.81
CA ALA B 135 -14.54 11.38 61.68
C ALA B 135 -15.13 10.01 61.94
N LEU B 136 -15.09 9.12 60.94
CA LEU B 136 -15.54 7.75 61.15
C LEU B 136 -14.61 7.01 62.11
N LEU B 137 -13.30 7.05 61.84
CA LEU B 137 -12.34 6.26 62.61
C LEU B 137 -12.13 6.79 64.02
N ALA B 138 -12.50 8.05 64.28
CA ALA B 138 -12.54 8.52 65.66
C ALA B 138 -13.69 7.88 66.43
N ARG B 139 -14.74 7.43 65.73
CA ARG B 139 -15.85 6.70 66.34
C ARG B 139 -15.76 5.19 66.10
N ARG B 140 -14.53 4.67 65.98
CA ARG B 140 -14.20 3.25 65.82
C ARG B 140 -14.87 2.65 64.57
N ALA B 141 -14.41 3.11 63.41
CA ALA B 141 -14.92 2.62 62.13
C ALA B 141 -14.28 1.29 61.75
N SER B 142 -14.68 0.76 60.60
CA SER B 142 -14.24 -0.55 60.11
C SER B 142 -13.49 -0.41 58.79
N VAL B 143 -12.34 -1.08 58.69
CA VAL B 143 -11.51 -1.03 57.49
C VAL B 143 -11.32 -2.40 56.85
N SER B 144 -11.82 -3.47 57.47
CA SER B 144 -11.70 -4.81 56.92
C SER B 144 -13.02 -5.30 56.34
N ALA B 145 -13.72 -4.44 55.62
CA ALA B 145 -14.99 -4.80 55.01
C ALA B 145 -14.77 -5.31 53.59
N ARG B 146 -15.61 -6.26 53.18
CA ARG B 146 -15.42 -6.97 51.91
C ARG B 146 -16.61 -6.73 51.01
N ALA B 147 -16.46 -5.87 50.01
CA ALA B 147 -17.47 -5.68 48.98
C ALA B 147 -17.43 -6.88 48.04
N THR B 148 -18.25 -7.88 48.34
CA THR B 148 -18.36 -9.08 47.51
C THR B 148 -19.48 -9.00 46.48
N GLY B 149 -20.05 -7.82 46.26
CA GLY B 149 -21.15 -7.69 45.34
C GLY B 149 -20.75 -7.90 43.89
N THR B 150 -21.75 -8.10 43.05
CA THR B 150 -21.49 -8.50 41.67
C THR B 150 -20.97 -7.37 40.80
N ALA B 151 -21.11 -6.13 41.23
CA ALA B 151 -20.59 -5.00 40.47
C ALA B 151 -19.10 -4.79 40.66
N PHE B 152 -18.46 -5.58 41.52
CA PHE B 152 -17.04 -5.42 41.81
C PHE B 152 -16.24 -6.63 41.37
N ARG B 153 -16.89 -7.63 40.80
CA ARG B 153 -16.20 -8.85 40.42
C ARG B 153 -15.49 -8.66 39.09
N ARG B 154 -14.65 -9.62 38.74
CA ARG B 154 -13.91 -9.55 37.48
C ARG B 154 -14.78 -10.22 36.42
N SER B 155 -15.47 -9.42 35.62
CA SER B 155 -16.35 -9.90 34.56
C SER B 155 -16.52 -8.76 33.58
N PRO B 156 -16.73 -9.04 32.28
CA PRO B 156 -16.81 -7.96 31.28
C PRO B 156 -18.03 -7.07 31.40
N CYS B 157 -19.02 -7.43 32.23
CA CYS B 157 -20.12 -6.52 32.47
C CYS B 157 -19.69 -5.32 33.29
N ASN B 158 -18.70 -5.49 34.17
CA ASN B 158 -18.23 -4.42 35.03
C ASN B 158 -17.05 -3.74 34.35
N LEU B 159 -17.11 -2.41 34.25
CA LEU B 159 -16.04 -1.65 33.61
C LEU B 159 -14.90 -1.33 34.56
N ILE B 160 -15.02 -1.70 35.83
CA ILE B 160 -13.92 -1.62 36.78
C ILE B 160 -13.75 -2.99 37.41
N TYR B 161 -12.53 -3.31 37.81
CA TYR B 161 -12.27 -4.39 38.74
C TYR B 161 -11.27 -3.87 39.76
N PHE B 162 -11.74 -3.70 41.00
CA PHE B 162 -10.91 -3.12 42.03
C PHE B 162 -10.57 -4.08 43.17
N GLY B 163 -11.36 -5.14 43.36
CA GLY B 163 -11.14 -6.08 44.44
C GLY B 163 -12.33 -6.13 45.38
N GLU B 164 -12.05 -6.27 46.67
CA GLU B 164 -13.08 -6.31 47.71
C GLU B 164 -12.80 -5.45 48.92
N HIS B 165 -11.57 -5.10 49.18
CA HIS B 165 -11.17 -4.42 50.40
C HIS B 165 -10.94 -2.94 50.15
N PRO B 166 -11.04 -2.10 51.19
CA PRO B 166 -10.80 -0.66 50.98
C PRO B 166 -9.36 -0.30 50.67
N LEU B 167 -8.38 -1.13 51.04
CA LEU B 167 -7.02 -0.93 50.54
C LEU B 167 -6.95 -1.14 49.04
N SER B 168 -7.69 -2.12 48.54
CA SER B 168 -7.66 -2.44 47.12
C SER B 168 -8.25 -1.32 46.29
N PHE B 169 -9.25 -0.60 46.81
CA PHE B 169 -9.88 0.45 46.03
C PHE B 169 -8.98 1.67 45.93
N ALA B 170 -8.33 2.05 47.03
CA ALA B 170 -7.46 3.22 47.05
C ALA B 170 -6.20 3.01 46.23
N ALA B 171 -5.74 1.77 46.14
CA ALA B 171 -4.60 1.47 45.30
C ALA B 171 -4.93 1.66 43.83
N CYS B 172 -6.18 1.43 43.44
CA CYS B 172 -6.57 1.42 42.03
C CYS B 172 -7.04 2.76 41.51
N VAL B 173 -7.45 3.68 42.38
CA VAL B 173 -7.76 5.04 41.95
C VAL B 173 -6.54 5.93 42.16
N ASN B 174 -5.41 5.30 42.51
CA ASN B 174 -4.10 5.95 42.69
C ASN B 174 -4.13 7.03 43.77
N SER B 175 -4.39 6.59 45.00
CA SER B 175 -4.43 7.49 46.16
C SER B 175 -3.43 7.01 47.21
N GLU B 176 -2.27 7.68 47.26
CA GLU B 176 -1.22 7.31 48.20
C GLU B 176 -1.61 7.63 49.64
N GLU B 177 -2.37 8.70 49.85
CA GLU B 177 -2.73 9.17 51.18
C GLU B 177 -3.62 8.17 51.90
N ILE B 178 -4.62 7.63 51.20
CA ILE B 178 -5.54 6.68 51.80
C ILE B 178 -4.87 5.32 52.01
N VAL B 179 -3.83 5.00 51.24
CA VAL B 179 -3.06 3.77 51.47
C VAL B 179 -2.32 3.84 52.81
N ARG B 180 -1.74 4.99 53.13
CA ARG B 180 -1.07 5.11 54.41
C ARG B 180 -2.05 5.38 55.55
N LEU B 181 -3.25 5.87 55.23
CA LEU B 181 -4.24 6.16 56.23
C LEU B 181 -4.98 4.91 56.69
N LEU B 182 -4.89 3.82 55.94
CA LEU B 182 -5.48 2.55 56.35
C LEU B 182 -4.51 1.68 57.13
N ILE B 183 -3.22 1.71 56.78
CA ILE B 183 -2.22 0.93 57.52
C ILE B 183 -2.06 1.48 58.93
N GLU B 184 -2.25 2.79 59.12
CA GLU B 184 -2.33 3.34 60.46
C GLU B 184 -3.56 2.85 61.21
N HIS B 185 -4.61 2.45 60.51
CA HIS B 185 -5.88 2.10 61.15
C HIS B 185 -6.20 0.62 61.10
N GLY B 186 -5.18 -0.23 61.01
CA GLY B 186 -5.38 -1.64 61.22
C GLY B 186 -5.81 -2.38 59.98
N ALA B 187 -5.27 -2.01 58.82
CA ALA B 187 -5.59 -2.69 57.58
C ALA B 187 -4.70 -3.93 57.44
N ASP B 188 -4.70 -4.52 56.26
CA ASP B 188 -3.94 -5.73 55.99
C ASP B 188 -3.65 -5.81 54.50
N ILE B 189 -2.37 -5.87 54.14
CA ILE B 189 -2.01 -5.90 52.72
C ILE B 189 -2.01 -7.33 52.18
N ARG B 190 -1.94 -8.33 53.05
CA ARG B 190 -1.96 -9.72 52.62
C ARG B 190 -3.38 -10.25 52.44
N ALA B 191 -4.39 -9.39 52.43
CA ALA B 191 -5.77 -9.79 52.25
C ALA B 191 -6.09 -10.04 50.79
N GLN B 192 -7.00 -10.97 50.54
CA GLN B 192 -7.27 -11.45 49.19
C GLN B 192 -8.76 -11.36 48.85
N ASP B 193 -9.03 -11.46 47.55
CA ASP B 193 -10.40 -11.49 47.05
C ASP B 193 -10.98 -12.88 47.23
N SER B 194 -12.18 -13.08 46.66
CA SER B 194 -12.71 -14.42 46.49
C SER B 194 -12.00 -15.17 45.38
N LEU B 195 -11.37 -14.45 44.46
CA LEU B 195 -10.51 -15.04 43.43
C LEU B 195 -9.12 -15.36 43.95
N GLY B 196 -8.77 -14.89 45.15
CA GLY B 196 -7.45 -15.08 45.70
C GLY B 196 -6.45 -14.01 45.34
N ASN B 197 -6.84 -13.02 44.55
CA ASN B 197 -5.95 -11.93 44.19
C ASN B 197 -5.66 -11.06 45.41
N THR B 198 -4.39 -10.88 45.71
CA THR B 198 -4.00 -9.89 46.68
C THR B 198 -4.07 -8.51 46.04
N VAL B 199 -3.70 -7.48 46.79
CA VAL B 199 -3.74 -6.15 46.22
C VAL B 199 -2.64 -5.96 45.18
N LEU B 200 -1.57 -6.75 45.25
CA LEU B 200 -0.51 -6.62 44.25
C LEU B 200 -0.94 -7.22 42.91
N HIS B 201 -1.75 -8.27 42.94
CA HIS B 201 -2.34 -8.83 41.74
C HIS B 201 -3.25 -7.84 41.03
N ILE B 202 -4.00 -7.04 41.80
CA ILE B 202 -5.05 -6.22 41.22
C ILE B 202 -4.45 -5.02 40.50
N LEU B 203 -3.30 -4.51 40.94
CA LEU B 203 -2.64 -3.41 40.24
C LEU B 203 -2.19 -3.80 38.84
N ILE B 204 -1.80 -5.06 38.67
CA ILE B 204 -1.41 -5.57 37.35
C ILE B 204 -2.60 -5.61 36.40
N LEU B 205 -3.81 -5.77 36.93
CA LEU B 205 -5.01 -5.82 36.11
C LEU B 205 -5.55 -4.44 35.74
N GLN B 206 -4.86 -3.35 36.11
CA GLN B 206 -5.50 -2.06 35.94
C GLN B 206 -5.27 -1.51 34.54
N PRO B 207 -6.17 -0.67 34.02
CA PRO B 207 -5.94 -0.09 32.68
C PRO B 207 -4.89 0.98 32.65
N ASN B 208 -4.46 1.52 33.78
CA ASN B 208 -3.55 2.65 33.83
C ASN B 208 -2.22 2.12 34.38
N LYS B 209 -1.31 1.79 33.46
CA LYS B 209 -0.19 0.90 33.76
C LYS B 209 0.86 1.57 34.63
N THR B 210 1.22 2.81 34.29
CA THR B 210 2.37 3.46 34.92
C THR B 210 2.06 3.84 36.37
N PHE B 211 0.81 4.24 36.64
CA PHE B 211 0.41 4.51 38.01
C PHE B 211 0.37 3.25 38.86
N ALA B 212 0.17 2.10 38.23
CA ALA B 212 0.20 0.84 38.97
C ALA B 212 1.61 0.47 39.40
N CYS B 213 2.63 0.92 38.66
CA CYS B 213 4.01 0.67 39.05
C CYS B 213 4.36 1.39 40.35
N GLN B 214 3.85 2.61 40.53
CA GLN B 214 4.16 3.38 41.73
C GLN B 214 3.42 2.84 42.94
N MET B 215 2.18 2.40 42.76
CA MET B 215 1.46 1.72 43.83
C MET B 215 2.12 0.42 44.22
N TYR B 216 2.67 -0.30 43.23
CA TYR B 216 3.35 -1.55 43.51
C TYR B 216 4.59 -1.33 44.38
N ASN B 217 5.37 -0.28 44.11
CA ASN B 217 6.51 0.03 44.98
C ASN B 217 6.07 0.56 46.34
N LEU B 218 4.91 1.23 46.41
CA LEU B 218 4.44 1.74 47.69
C LEU B 218 3.90 0.62 48.56
N LEU B 219 3.14 -0.30 47.98
CA LEU B 219 2.45 -1.32 48.75
C LEU B 219 3.37 -2.47 49.14
N LEU B 220 4.37 -2.79 48.32
CA LEU B 220 5.28 -3.88 48.63
C LEU B 220 6.24 -3.54 49.78
N SER B 221 6.46 -2.26 50.02
CA SER B 221 7.39 -1.79 51.04
C SER B 221 6.82 -1.85 52.47
N TYR B 222 5.78 -2.63 52.70
CA TYR B 222 5.19 -2.83 54.01
C TYR B 222 5.11 -4.31 54.39
N ASP B 223 6.16 -5.09 54.13
CA ASP B 223 6.15 -6.48 54.60
C ASP B 223 6.49 -6.54 56.09
N ARG B 224 7.74 -6.24 56.43
CA ARG B 224 8.22 -5.89 57.77
C ARG B 224 7.91 -6.93 58.86
N HIS B 225 7.85 -8.22 58.50
CA HIS B 225 7.57 -9.29 59.46
C HIS B 225 8.37 -10.52 59.08
N GLY B 226 9.23 -10.98 59.99
CA GLY B 226 10.07 -12.14 59.75
C GLY B 226 9.47 -13.45 60.20
N ASP B 227 8.51 -13.40 61.12
CA ASP B 227 7.86 -14.64 61.57
C ASP B 227 6.95 -15.22 60.50
N HIS B 228 6.28 -14.36 59.74
CA HIS B 228 5.60 -14.80 58.54
C HIS B 228 6.62 -15.10 57.46
N LEU B 229 6.39 -16.19 56.73
CA LEU B 229 7.39 -16.68 55.79
C LEU B 229 7.18 -16.19 54.36
N GLN B 230 5.98 -15.78 54.01
CA GLN B 230 5.71 -15.57 52.59
C GLN B 230 5.87 -14.11 52.22
N PRO B 231 6.68 -13.81 51.20
CA PRO B 231 6.70 -12.46 50.65
C PRO B 231 5.40 -12.16 49.92
N LEU B 232 5.01 -10.88 49.90
CA LEU B 232 3.75 -10.50 49.29
C LEU B 232 3.76 -10.63 47.77
N ASP B 233 4.91 -10.48 47.14
CA ASP B 233 4.99 -10.67 45.70
C ASP B 233 5.16 -12.13 45.30
N LEU B 234 5.19 -13.06 46.26
CA LEU B 234 5.20 -14.49 46.00
C LEU B 234 3.85 -15.15 46.24
N VAL B 235 2.88 -14.44 46.79
CA VAL B 235 1.59 -15.02 47.18
C VAL B 235 0.76 -15.29 45.94
N PRO B 236 0.30 -16.52 45.72
CA PRO B 236 -0.49 -16.81 44.52
C PRO B 236 -1.99 -16.64 44.72
N ASN B 237 -2.65 -16.30 43.63
CA ASN B 237 -4.11 -16.35 43.58
C ASN B 237 -4.54 -17.79 43.31
N HIS B 238 -5.84 -18.00 43.07
CA HIS B 238 -6.38 -19.36 43.01
C HIS B 238 -6.02 -20.09 41.73
N GLN B 239 -5.54 -19.40 40.71
CA GLN B 239 -4.95 -20.04 39.55
C GLN B 239 -3.48 -20.36 39.75
N GLY B 240 -2.96 -20.19 40.96
CA GLY B 240 -1.57 -20.50 41.25
C GLY B 240 -0.58 -19.57 40.59
N LEU B 241 -0.97 -18.33 40.36
CA LEU B 241 -0.14 -17.38 39.62
C LEU B 241 0.37 -16.34 40.60
N THR B 242 1.65 -16.01 40.50
CA THR B 242 2.23 -14.90 41.24
C THR B 242 1.78 -13.59 40.58
N PRO B 243 2.09 -12.43 41.17
CA PRO B 243 1.95 -11.19 40.38
C PRO B 243 2.84 -11.14 39.15
N PHE B 244 4.04 -11.71 39.23
CA PHE B 244 4.94 -11.74 38.08
C PHE B 244 4.35 -12.54 36.92
N LYS B 245 3.82 -13.72 37.22
CA LYS B 245 3.18 -14.52 36.18
C LYS B 245 1.87 -13.91 35.73
N LEU B 246 1.17 -13.18 36.62
CA LEU B 246 -0.05 -12.50 36.20
C LEU B 246 0.26 -11.35 35.24
N ALA B 247 1.42 -10.71 35.39
CA ALA B 247 1.83 -9.73 34.39
C ALA B 247 2.16 -10.39 33.07
N GLY B 248 2.62 -11.64 33.09
CA GLY B 248 2.89 -12.36 31.85
C GLY B 248 1.63 -12.77 31.11
N VAL B 249 0.65 -13.31 31.85
CA VAL B 249 -0.59 -13.80 31.25
C VAL B 249 -1.42 -12.67 30.66
N GLU B 250 -1.39 -11.48 31.27
CA GLU B 250 -2.27 -10.40 30.87
C GLU B 250 -1.66 -9.46 29.84
N GLY B 251 -0.39 -9.65 29.48
CA GLY B 251 0.23 -8.76 28.52
C GLY B 251 0.64 -7.42 29.07
N ASN B 252 0.78 -7.31 30.40
CA ASN B 252 1.21 -6.07 31.04
C ASN B 252 2.72 -6.01 30.94
N THR B 253 3.22 -5.39 29.87
CA THR B 253 4.66 -5.44 29.61
C THR B 253 5.45 -4.49 30.47
N VAL B 254 4.86 -3.38 30.93
CA VAL B 254 5.66 -2.46 31.72
C VAL B 254 5.72 -2.88 33.18
N MET B 255 4.73 -3.63 33.66
CA MET B 255 4.87 -4.29 34.93
C MET B 255 5.70 -5.56 34.84
N PHE B 256 5.88 -6.11 33.63
CA PHE B 256 6.75 -7.26 33.48
C PHE B 256 8.21 -6.85 33.59
N GLN B 257 8.59 -5.77 32.91
CA GLN B 257 9.97 -5.28 32.93
C GLN B 257 10.34 -4.74 34.31
N HIS B 258 9.38 -4.09 34.97
CA HIS B 258 9.58 -3.60 36.32
C HIS B 258 9.78 -4.73 37.31
N LEU B 259 8.98 -5.80 37.19
CA LEU B 259 9.15 -6.96 38.05
C LEU B 259 10.44 -7.72 37.77
N MET B 260 11.04 -7.50 36.61
CA MET B 260 12.22 -8.26 36.21
C MET B 260 13.47 -7.79 36.95
N GLN B 261 13.50 -6.56 37.48
CA GLN B 261 14.66 -6.09 38.23
C GLN B 261 14.83 -6.78 39.57
N LYS B 262 13.77 -7.37 40.12
CA LYS B 262 13.93 -8.22 41.29
C LYS B 262 14.65 -9.52 40.92
N ARG B 263 14.69 -9.85 39.64
CA ARG B 263 15.19 -11.14 39.17
C ARG B 263 16.42 -11.00 38.30
N LYS B 264 17.03 -9.82 38.23
CA LYS B 264 18.32 -9.61 37.59
C LYS B 264 19.44 -9.60 38.62
N HIS B 265 20.66 -9.74 38.12
CA HIS B 265 21.86 -9.49 38.91
C HIS B 265 22.97 -9.09 37.96
N THR B 266 23.54 -7.90 38.15
CA THR B 266 24.57 -7.37 37.28
C THR B 266 25.93 -7.89 37.73
N GLN B 267 26.55 -8.74 36.92
CA GLN B 267 27.82 -9.35 37.29
C GLN B 267 28.97 -8.34 37.22
N TRP B 268 29.09 -7.64 36.11
CA TRP B 268 30.14 -6.67 35.91
C TRP B 268 29.73 -5.70 34.81
N THR B 269 30.42 -4.56 34.76
CA THR B 269 30.25 -3.59 33.70
C THR B 269 31.63 -3.26 33.14
N TYR B 270 31.78 -3.45 31.83
CA TYR B 270 33.05 -3.27 31.15
C TYR B 270 32.83 -2.25 30.05
N GLY B 271 33.00 -0.98 30.40
CA GLY B 271 32.74 0.13 29.52
C GLY B 271 31.32 0.12 29.01
N PRO B 272 31.16 -0.09 27.71
CA PRO B 272 29.82 -0.23 27.13
C PRO B 272 29.17 -1.58 27.35
N LEU B 273 29.87 -2.56 27.92
CA LEU B 273 29.33 -3.90 28.11
C LEU B 273 28.87 -4.09 29.55
N THR B 274 27.87 -4.94 29.73
CA THR B 274 27.56 -5.48 31.05
C THR B 274 27.04 -6.90 30.91
N SER B 275 27.30 -7.69 31.94
CA SER B 275 26.90 -9.09 32.00
C SER B 275 25.82 -9.24 33.05
N THR B 276 24.59 -9.49 32.60
CA THR B 276 23.44 -9.58 33.47
C THR B 276 23.04 -11.04 33.60
N LEU B 277 22.75 -11.46 34.82
CA LEU B 277 22.34 -12.82 35.09
C LEU B 277 20.87 -12.81 35.50
N TYR B 278 20.04 -13.59 34.80
CA TYR B 278 18.61 -13.60 34.98
C TYR B 278 18.16 -14.83 35.77
N ASP B 279 17.16 -14.64 36.64
CA ASP B 279 16.84 -15.63 37.65
C ASP B 279 16.18 -16.86 37.04
N LEU B 280 15.26 -16.65 36.08
CA LEU B 280 14.79 -17.69 35.16
C LEU B 280 14.02 -18.82 35.87
N THR B 281 13.63 -18.60 37.13
CA THR B 281 13.01 -19.64 37.94
C THR B 281 11.51 -19.75 37.65
N GLU B 282 10.83 -18.61 37.59
CA GLU B 282 9.40 -18.59 37.28
C GLU B 282 9.11 -18.39 35.81
N ILE B 283 10.14 -18.31 34.97
CA ILE B 283 9.95 -18.15 33.53
C ILE B 283 10.08 -19.47 32.80
N ASP B 284 11.02 -20.31 33.23
CA ASP B 284 11.19 -21.62 32.66
C ASP B 284 10.46 -22.65 33.53
N SER B 285 10.33 -23.86 33.00
CA SER B 285 9.51 -24.88 33.63
C SER B 285 10.28 -25.62 34.71
N SER B 286 9.59 -25.98 35.79
CA SER B 286 10.19 -26.66 36.92
C SER B 286 9.40 -27.91 37.32
N GLY B 287 8.78 -28.59 36.36
CA GLY B 287 8.10 -29.84 36.64
C GLY B 287 6.62 -29.80 36.35
N ASP B 288 5.79 -30.11 37.35
CA ASP B 288 4.34 -30.11 37.17
C ASP B 288 3.71 -28.73 37.35
N GLU B 289 4.42 -27.79 37.96
CA GLU B 289 3.93 -26.44 38.10
C GLU B 289 3.98 -25.73 36.77
N GLN B 290 2.92 -24.96 36.47
CA GLN B 290 2.82 -24.30 35.17
C GLN B 290 3.73 -23.08 35.11
N SER B 291 4.22 -22.78 33.91
CA SER B 291 5.33 -21.87 33.72
C SER B 291 4.95 -20.75 32.76
N LEU B 292 5.82 -19.73 32.70
CA LEU B 292 5.49 -18.50 31.99
C LEU B 292 5.45 -18.69 30.49
N LEU B 293 6.35 -19.51 29.94
CA LEU B 293 6.34 -19.77 28.50
C LEU B 293 5.09 -20.52 28.08
N GLU B 294 4.69 -21.52 28.86
CA GLU B 294 3.49 -22.27 28.53
C GLU B 294 2.22 -21.48 28.82
N LEU B 295 2.26 -20.52 29.75
CA LEU B 295 1.06 -19.72 30.03
C LEU B 295 0.77 -18.71 28.93
N ILE B 296 1.80 -18.10 28.35
CA ILE B 296 1.61 -17.14 27.27
C ILE B 296 0.98 -17.80 26.05
N ILE B 297 1.44 -19.01 25.74
CA ILE B 297 0.93 -19.75 24.59
C ILE B 297 -0.51 -20.19 24.83
N THR B 298 -0.78 -20.79 25.99
CA THR B 298 -2.06 -21.41 26.25
C THR B 298 -3.07 -20.46 26.88
N THR B 299 -2.82 -19.16 26.85
CA THR B 299 -3.84 -18.21 27.28
C THR B 299 -4.54 -17.66 26.05
N LYS B 300 -5.77 -17.20 26.26
CA LYS B 300 -6.60 -16.67 25.19
C LYS B 300 -6.22 -15.26 24.80
N LYS B 301 -5.39 -14.59 25.60
CA LYS B 301 -5.07 -13.19 25.36
C LYS B 301 -3.94 -13.04 24.37
N ARG B 302 -4.02 -12.00 23.55
CA ARG B 302 -3.04 -11.79 22.49
C ARG B 302 -1.96 -10.79 22.86
N GLU B 303 -2.17 -9.96 23.88
CA GLU B 303 -1.16 -9.01 24.31
C GLU B 303 -0.03 -9.67 25.09
N ALA B 304 -0.22 -10.93 25.49
CA ALA B 304 0.83 -11.68 26.16
C ALA B 304 1.99 -12.02 25.24
N ARG B 305 1.77 -12.05 23.92
CA ARG B 305 2.82 -12.36 22.98
C ARG B 305 3.86 -11.27 22.83
N GLN B 306 3.59 -10.05 23.30
CA GLN B 306 4.62 -9.02 23.33
C GLN B 306 5.69 -9.35 24.37
N ILE B 307 5.32 -10.03 25.45
CA ILE B 307 6.24 -10.44 26.51
C ILE B 307 7.21 -11.49 26.02
N LEU B 308 6.84 -12.20 24.95
CA LEU B 308 7.67 -13.23 24.37
C LEU B 308 8.91 -12.68 23.67
N ASP B 309 9.02 -11.35 23.56
CA ASP B 309 10.16 -10.62 23.02
C ASP B 309 11.01 -9.93 24.08
N GLN B 310 10.75 -10.15 25.37
CA GLN B 310 11.44 -9.42 26.42
C GLN B 310 12.79 -10.06 26.76
N THR B 311 13.61 -9.30 27.49
CA THR B 311 15.03 -9.60 27.74
C THR B 311 15.43 -10.84 28.53
N PRO B 312 14.59 -11.49 29.35
CA PRO B 312 14.98 -12.85 29.74
C PRO B 312 14.34 -13.94 28.89
N VAL B 313 13.30 -13.59 28.13
CA VAL B 313 12.43 -14.57 27.51
C VAL B 313 12.80 -14.79 26.05
N LYS B 314 13.13 -13.71 25.35
CA LYS B 314 13.58 -13.80 23.97
C LYS B 314 14.88 -14.59 23.84
N GLU B 315 15.78 -14.44 24.81
CA GLU B 315 17.02 -15.18 24.77
C GLU B 315 16.83 -16.62 25.20
N LEU B 316 15.93 -16.87 26.15
CA LEU B 316 15.64 -18.23 26.60
C LEU B 316 15.03 -19.06 25.47
N VAL B 317 14.13 -18.46 24.69
CA VAL B 317 13.48 -19.18 23.61
C VAL B 317 14.46 -19.51 22.49
N SER B 318 15.21 -18.49 22.04
CA SER B 318 16.24 -18.69 21.03
C SER B 318 17.34 -19.64 21.49
N LEU B 319 17.53 -19.78 22.80
CA LEU B 319 18.50 -20.73 23.32
C LEU B 319 18.05 -22.16 23.07
N LYS B 320 16.87 -22.51 23.55
CA LYS B 320 16.40 -23.89 23.48
C LYS B 320 15.86 -24.27 22.11
N TRP B 321 15.54 -23.32 21.24
CA TRP B 321 15.21 -23.69 19.87
C TRP B 321 16.45 -23.98 19.05
N LYS B 322 17.45 -23.08 19.11
CA LYS B 322 18.67 -23.26 18.33
C LYS B 322 19.51 -24.43 18.80
N ARG B 323 19.36 -24.86 20.04
CA ARG B 323 20.17 -25.94 20.57
C ARG B 323 19.45 -27.27 20.62
N TYR B 324 18.18 -27.29 21.00
CA TYR B 324 17.51 -28.57 21.18
C TYR B 324 16.20 -28.65 20.38
N GLY B 325 15.52 -27.52 20.21
CA GLY B 325 14.24 -27.52 19.54
C GLY B 325 14.33 -27.83 18.06
N ARG B 326 15.08 -27.01 17.34
CA ARG B 326 15.25 -27.20 15.89
C ARG B 326 15.90 -28.53 15.49
N PRO B 327 16.95 -29.07 16.15
CA PRO B 327 17.41 -30.41 15.76
C PRO B 327 16.39 -31.52 15.96
N TYR B 328 15.61 -31.48 17.04
CA TYR B 328 14.63 -32.52 17.30
C TYR B 328 13.43 -32.38 16.38
N PHE B 329 13.07 -31.16 16.04
CA PHE B 329 11.95 -30.92 15.14
C PHE B 329 12.31 -31.32 13.71
N CYS B 330 13.58 -31.32 13.36
CA CYS B 330 14.01 -31.80 12.05
C CYS B 330 14.17 -33.31 12.02
N MET B 331 14.53 -33.94 13.14
CA MET B 331 14.54 -35.38 13.18
C MET B 331 13.15 -35.96 13.30
N LEU B 332 12.21 -35.19 13.78
CA LEU B 332 10.82 -35.62 13.86
C LEU B 332 10.14 -35.48 12.51
N GLY B 333 10.50 -34.45 11.75
CA GLY B 333 9.98 -34.28 10.40
C GLY B 333 10.63 -35.15 9.36
N ALA B 334 11.85 -35.61 9.62
CA ALA B 334 12.47 -36.58 8.72
C ALA B 334 11.95 -37.98 8.96
N ILE B 335 11.55 -38.30 10.18
CA ILE B 335 10.89 -39.58 10.44
C ILE B 335 9.48 -39.57 9.87
N TYR B 336 8.76 -38.45 10.04
CA TYR B 336 7.39 -38.35 9.56
C TYR B 336 7.34 -38.43 8.05
N LEU B 337 8.32 -37.84 7.37
CA LEU B 337 8.35 -37.87 5.93
C LEU B 337 8.61 -39.27 5.39
N LEU B 338 9.50 -40.03 6.04
CA LEU B 338 9.71 -41.42 5.64
C LEU B 338 8.50 -42.29 5.94
N TYR B 339 7.79 -41.98 7.02
CA TYR B 339 6.60 -42.73 7.38
C TYR B 339 5.49 -42.55 6.36
N ILE B 340 5.33 -41.34 5.82
CA ILE B 340 4.28 -41.09 4.84
C ILE B 340 4.68 -41.62 3.47
N ILE B 341 5.97 -41.59 3.14
CA ILE B 341 6.46 -42.21 1.92
C ILE B 341 6.27 -43.73 1.97
N CYS B 342 6.45 -44.32 3.15
CA CYS B 342 6.14 -45.73 3.32
C CYS B 342 4.64 -45.98 3.20
N PHE B 343 3.82 -45.11 3.79
CA PHE B 343 2.37 -45.24 3.66
C PHE B 343 1.91 -45.04 2.22
N THR B 344 2.54 -44.13 1.48
CA THR B 344 2.14 -43.86 0.10
C THR B 344 2.41 -45.06 -0.79
N MET B 345 3.52 -45.76 -0.58
CA MET B 345 3.81 -46.95 -1.36
C MET B 345 2.83 -48.09 -1.09
N CYS B 346 2.31 -48.18 0.12
CA CYS B 346 1.36 -49.24 0.43
C CYS B 346 0.01 -49.00 -0.23
N CYS B 347 -0.32 -47.75 -0.53
CA CYS B 347 -1.54 -47.45 -1.25
C CYS B 347 -1.36 -47.59 -2.75
N ILE B 348 -0.16 -47.28 -3.27
CA ILE B 348 0.13 -47.47 -4.68
C ILE B 348 0.14 -48.95 -5.03
N TYR B 349 0.59 -49.79 -4.11
CA TYR B 349 0.67 -51.22 -4.35
C TYR B 349 -0.46 -51.99 -3.68
N ARG B 350 -1.60 -51.35 -3.45
CA ARG B 350 -2.73 -51.99 -2.79
C ARG B 350 -3.28 -53.13 -3.66
N PRO B 351 -3.81 -54.20 -3.05
CA PRO B 351 -4.11 -55.43 -3.79
C PRO B 351 -5.34 -55.28 -4.67
N LEU B 352 -5.16 -55.47 -5.97
CA LEU B 352 -6.23 -55.30 -6.94
C LEU B 352 -6.21 -56.48 -7.91
N LYS B 353 -7.38 -56.89 -8.37
CA LYS B 353 -7.52 -58.00 -9.29
C LYS B 353 -8.52 -57.63 -10.35
N PRO B 354 -8.51 -58.30 -11.51
CA PRO B 354 -9.55 -58.07 -12.51
C PRO B 354 -10.94 -58.38 -11.98
N ARG B 355 -11.92 -57.60 -12.46
CA ARG B 355 -13.28 -57.69 -11.95
C ARG B 355 -13.93 -59.02 -12.35
N THR B 356 -14.84 -59.49 -11.50
CA THR B 356 -15.44 -60.80 -11.67
C THR B 356 -16.73 -60.73 -12.49
N ASN B 357 -17.70 -59.96 -12.04
CA ASN B 357 -18.92 -59.83 -12.82
C ASN B 357 -18.68 -58.93 -14.03
N ASN B 358 -19.57 -59.03 -15.00
CA ASN B 358 -19.43 -58.20 -16.19
C ASN B 358 -19.99 -56.81 -15.90
N ARG B 359 -19.73 -55.87 -16.81
CA ARG B 359 -20.20 -54.51 -16.61
C ARG B 359 -21.71 -54.45 -16.79
N THR B 360 -22.34 -53.56 -16.04
CA THR B 360 -23.78 -53.52 -15.96
C THR B 360 -24.40 -52.55 -16.95
N SER B 361 -23.59 -51.68 -17.56
CA SER B 361 -24.07 -50.58 -18.37
C SER B 361 -22.86 -50.00 -19.12
N PRO B 362 -23.09 -49.26 -20.22
CA PRO B 362 -21.96 -48.61 -20.89
C PRO B 362 -21.35 -47.46 -20.10
N ARG B 363 -21.99 -46.99 -19.04
CA ARG B 363 -21.39 -46.01 -18.15
C ARG B 363 -20.51 -46.63 -17.08
N ASP B 364 -20.40 -47.95 -17.05
CA ASP B 364 -19.58 -48.62 -16.05
C ASP B 364 -18.14 -48.64 -16.53
N ASN B 365 -17.25 -47.99 -15.78
CA ASN B 365 -15.88 -47.80 -16.20
C ASN B 365 -14.90 -48.71 -15.48
N THR B 366 -15.37 -49.46 -14.49
CA THR B 366 -14.49 -50.19 -13.58
C THR B 366 -13.87 -51.39 -14.28
N LEU B 367 -12.54 -51.50 -14.20
CA LEU B 367 -11.86 -52.69 -14.70
C LEU B 367 -11.46 -53.65 -13.59
N LEU B 368 -11.20 -53.13 -12.40
CA LEU B 368 -10.50 -53.85 -11.37
C LEU B 368 -11.28 -53.75 -10.06
N GLN B 369 -11.12 -54.73 -9.22
CA GLN B 369 -11.64 -54.64 -7.87
C GLN B 369 -10.57 -55.13 -6.92
N GLN B 370 -10.77 -54.87 -5.64
CA GLN B 370 -9.75 -55.21 -4.67
C GLN B 370 -9.87 -56.66 -4.25
N LYS B 371 -8.75 -57.23 -3.85
CA LYS B 371 -8.70 -58.64 -3.47
C LYS B 371 -9.26 -58.83 -2.06
N LEU B 372 -9.64 -60.08 -1.78
CA LEU B 372 -10.01 -60.47 -0.44
C LEU B 372 -8.76 -60.67 0.40
N LEU B 373 -8.94 -60.80 1.72
CA LEU B 373 -7.80 -60.98 2.62
C LEU B 373 -7.09 -62.29 2.37
N GLN B 374 -7.82 -63.33 1.98
CA GLN B 374 -7.19 -64.63 1.72
C GLN B 374 -6.36 -64.60 0.44
N GLU B 375 -6.63 -63.65 -0.44
CA GLU B 375 -5.97 -63.53 -1.73
C GLU B 375 -4.90 -62.46 -1.75
N ALA B 376 -4.93 -61.53 -0.80
CA ALA B 376 -4.07 -60.35 -0.84
C ALA B 376 -2.71 -60.57 -0.21
N TYR B 377 -2.43 -61.74 0.36
CA TYR B 377 -1.08 -62.02 0.88
C TYR B 377 -0.70 -63.43 0.46
N MET B 378 -0.22 -63.55 -0.80
CA MET B 378 0.10 -64.85 -1.38
C MET B 378 1.34 -64.82 -2.27
N THR B 379 2.21 -63.82 -2.10
CA THR B 379 3.42 -63.71 -2.91
C THR B 379 4.47 -62.98 -2.07
N PRO B 380 5.76 -63.18 -2.37
CA PRO B 380 6.80 -62.35 -1.73
C PRO B 380 6.67 -60.86 -2.00
N LYS B 381 5.97 -60.45 -3.05
CA LYS B 381 5.72 -59.03 -3.29
C LYS B 381 4.68 -58.46 -2.32
N ASP B 382 3.84 -59.32 -1.76
CA ASP B 382 2.87 -58.92 -0.75
C ASP B 382 3.49 -58.74 0.62
N ASP B 383 4.50 -59.53 0.95
CA ASP B 383 5.08 -59.44 2.28
C ASP B 383 6.00 -58.25 2.44
N ILE B 384 6.56 -57.71 1.35
CA ILE B 384 7.20 -56.42 1.43
C ILE B 384 6.17 -55.34 1.72
N ARG B 385 4.96 -55.49 1.18
CA ARG B 385 3.90 -54.53 1.46
C ARG B 385 3.35 -54.70 2.87
N LEU B 386 3.33 -55.92 3.40
CA LEU B 386 2.83 -56.17 4.74
C LEU B 386 3.71 -55.52 5.80
N VAL B 387 5.02 -55.43 5.56
CA VAL B 387 5.92 -54.71 6.44
C VAL B 387 5.57 -53.24 6.48
N GLY B 388 5.36 -52.63 5.31
CA GLY B 388 4.99 -51.24 5.27
C GLY B 388 3.61 -50.98 5.79
N GLU B 389 2.69 -51.92 5.60
CA GLU B 389 1.35 -51.77 6.14
C GLU B 389 1.36 -51.88 7.66
N LEU B 390 2.19 -52.77 8.19
CA LEU B 390 2.26 -52.90 9.64
C LEU B 390 2.95 -51.70 10.27
N VAL B 391 3.99 -51.18 9.60
CA VAL B 391 4.63 -49.93 10.02
C VAL B 391 3.63 -48.78 10.01
N THR B 392 2.79 -48.72 8.97
CA THR B 392 1.77 -47.67 8.89
C THR B 392 0.76 -47.81 10.01
N VAL B 393 0.33 -49.03 10.31
CA VAL B 393 -0.64 -49.27 11.38
C VAL B 393 -0.03 -48.98 12.75
N ILE B 394 1.22 -49.41 12.97
CA ILE B 394 1.92 -49.13 14.23
C ILE B 394 2.11 -47.63 14.41
N GLY B 395 2.39 -46.91 13.32
CA GLY B 395 2.55 -45.48 13.41
C GLY B 395 1.26 -44.75 13.78
N ALA B 396 0.13 -45.21 13.25
CA ALA B 396 -1.15 -44.57 13.56
C ALA B 396 -1.59 -44.83 14.99
N ILE B 397 -1.20 -45.97 15.56
CA ILE B 397 -1.51 -46.23 16.96
C ILE B 397 -0.66 -45.34 17.87
N ILE B 398 0.62 -45.16 17.55
CA ILE B 398 1.50 -44.29 18.35
C ILE B 398 1.09 -42.83 18.22
N ILE B 399 0.50 -42.43 17.09
CA ILE B 399 -0.09 -41.10 16.97
C ILE B 399 -1.30 -40.98 17.89
N LEU B 400 -2.12 -42.02 17.98
CA LEU B 400 -3.27 -41.97 18.87
C LEU B 400 -2.93 -42.24 20.32
N LEU B 401 -1.72 -42.71 20.64
CA LEU B 401 -1.33 -42.90 22.03
C LEU B 401 -0.68 -41.67 22.64
N VAL B 402 -0.30 -40.68 21.86
CA VAL B 402 0.33 -39.48 22.40
C VAL B 402 -0.52 -38.24 22.18
N GLU B 403 -1.73 -38.41 21.63
CA GLU B 403 -2.60 -37.28 21.34
C GLU B 403 -3.98 -37.45 21.95
N VAL B 404 -4.48 -38.68 21.95
CA VAL B 404 -5.77 -38.99 22.56
C VAL B 404 -5.68 -39.15 24.09
N PRO B 405 -4.66 -39.79 24.71
CA PRO B 405 -4.59 -39.75 26.18
C PRO B 405 -4.30 -38.37 26.76
N ASP B 406 -3.99 -37.37 25.94
CA ASP B 406 -3.79 -36.01 26.43
C ASP B 406 -5.04 -35.15 26.30
N ILE B 407 -6.22 -35.75 26.39
CA ILE B 407 -7.45 -34.99 26.60
C ILE B 407 -8.27 -35.50 27.78
N PHE B 408 -8.01 -36.71 28.28
CA PHE B 408 -8.85 -37.26 29.34
C PHE B 408 -8.41 -36.78 30.70
N ARG B 409 -7.13 -36.43 30.84
CA ARG B 409 -6.67 -35.64 31.97
C ARG B 409 -6.72 -34.15 31.68
N MET B 410 -6.73 -33.78 30.40
CA MET B 410 -6.81 -32.39 29.94
C MET B 410 -8.29 -32.09 29.69
N GLY B 411 -8.61 -31.03 28.95
CA GLY B 411 -9.98 -30.82 28.53
C GLY B 411 -10.38 -31.81 27.47
N VAL B 412 -11.55 -32.46 27.66
CA VAL B 412 -11.96 -33.58 26.82
C VAL B 412 -12.26 -33.10 25.40
N THR B 413 -13.15 -32.10 25.26
CA THR B 413 -13.32 -31.40 24.00
C THR B 413 -13.24 -29.89 24.16
N ARG B 414 -13.05 -29.40 25.38
CA ARG B 414 -13.05 -27.96 25.65
C ARG B 414 -11.65 -27.36 25.60
N PHE B 415 -10.75 -27.82 26.47
CA PHE B 415 -9.42 -27.22 26.52
C PHE B 415 -8.55 -27.73 25.39
N PHE B 416 -8.78 -28.95 24.93
CA PHE B 416 -8.24 -29.36 23.64
C PHE B 416 -8.92 -28.57 22.53
N GLY B 417 -10.23 -28.30 22.67
CA GLY B 417 -10.96 -27.56 21.66
C GLY B 417 -10.55 -26.11 21.54
N GLN B 418 -10.05 -25.52 22.63
CA GLN B 418 -9.55 -24.15 22.56
C GLN B 418 -8.26 -24.09 21.75
N THR B 419 -7.36 -25.06 21.95
CA THR B 419 -6.06 -25.17 21.29
C THR B 419 -6.14 -25.42 19.79
N ILE B 420 -7.33 -25.59 19.21
CA ILE B 420 -7.44 -25.89 17.79
C ILE B 420 -7.10 -24.65 16.96
N LEU B 421 -7.36 -23.46 17.48
CA LEU B 421 -6.97 -22.25 16.75
C LEU B 421 -5.46 -22.08 16.73
N GLY B 422 -4.76 -22.55 17.76
CA GLY B 422 -3.31 -22.62 17.69
C GLY B 422 -2.84 -23.71 16.75
N GLY B 423 -3.46 -24.89 16.81
CA GLY B 423 -3.12 -25.96 15.92
C GLY B 423 -4.28 -26.72 15.32
N PRO B 424 -4.44 -26.63 14.00
CA PRO B 424 -5.28 -27.60 13.28
C PRO B 424 -4.56 -28.92 13.00
N PHE B 425 -3.23 -28.95 13.10
CA PHE B 425 -2.50 -30.18 12.83
C PHE B 425 -2.68 -31.23 13.91
N HIS B 426 -3.16 -30.84 15.10
CA HIS B 426 -3.65 -31.83 16.05
C HIS B 426 -4.80 -32.61 15.45
N VAL B 427 -5.77 -31.91 14.87
CA VAL B 427 -6.94 -32.55 14.30
C VAL B 427 -6.54 -33.35 13.08
N LEU B 428 -5.64 -32.81 12.27
CA LEU B 428 -5.23 -33.46 11.03
C LEU B 428 -4.45 -34.74 11.27
N ILE B 429 -3.63 -34.80 12.31
CA ILE B 429 -2.86 -36.01 12.53
C ILE B 429 -3.68 -37.08 13.23
N ILE B 430 -4.74 -36.70 13.94
CA ILE B 430 -5.66 -37.69 14.50
C ILE B 430 -6.64 -38.17 13.44
N THR B 431 -7.04 -37.28 12.53
CA THR B 431 -7.90 -37.68 11.43
C THR B 431 -7.16 -38.59 10.47
N TYR B 432 -5.86 -38.34 10.24
CA TYR B 432 -5.00 -39.26 9.51
C TYR B 432 -5.00 -40.63 10.17
N ALA B 433 -4.68 -40.67 11.47
CA ALA B 433 -4.57 -41.95 12.17
C ALA B 433 -5.91 -42.64 12.33
N PHE B 434 -7.01 -41.89 12.34
CA PHE B 434 -8.33 -42.50 12.27
C PHE B 434 -8.55 -43.17 10.93
N MET B 435 -8.20 -42.51 9.82
CA MET B 435 -8.44 -43.07 8.50
C MET B 435 -7.50 -44.22 8.17
N VAL B 436 -6.34 -44.29 8.82
CA VAL B 436 -5.47 -45.46 8.65
C VAL B 436 -6.12 -46.69 9.26
N LEU B 437 -6.66 -46.55 10.47
CA LEU B 437 -7.19 -47.70 11.18
C LEU B 437 -8.54 -48.14 10.64
N VAL B 438 -9.29 -47.22 10.03
CA VAL B 438 -10.49 -47.64 9.30
C VAL B 438 -10.11 -48.47 8.09
N THR B 439 -9.05 -48.08 7.38
CA THR B 439 -8.54 -48.90 6.29
C THR B 439 -8.01 -50.24 6.78
N MET B 440 -7.45 -50.27 7.99
CA MET B 440 -7.04 -51.52 8.60
C MET B 440 -8.22 -52.43 8.85
N VAL B 441 -9.30 -51.89 9.42
CA VAL B 441 -10.50 -52.67 9.70
C VAL B 441 -11.14 -53.17 8.42
N MET B 442 -11.21 -52.31 7.41
CA MET B 442 -11.79 -52.70 6.12
C MET B 442 -10.91 -53.72 5.39
N ARG B 443 -9.60 -53.69 5.63
CA ARG B 443 -8.74 -54.75 5.10
C ARG B 443 -8.93 -56.05 5.86
N LEU B 444 -9.21 -55.98 7.17
CA LEU B 444 -9.39 -57.18 7.96
C LEU B 444 -10.70 -57.89 7.66
N ILE B 445 -11.76 -57.16 7.35
CA ILE B 445 -13.08 -57.75 7.17
C ILE B 445 -13.49 -57.79 5.70
N SER B 446 -12.56 -57.51 4.79
CA SER B 446 -12.77 -57.50 3.33
C SER B 446 -13.91 -56.58 2.91
N ALA B 447 -14.01 -55.43 3.56
CA ALA B 447 -15.04 -54.48 3.19
C ALA B 447 -14.64 -53.76 1.91
N SER B 448 -15.64 -53.47 1.09
CA SER B 448 -15.41 -52.79 -0.17
C SER B 448 -15.38 -51.29 0.04
N GLY B 449 -14.41 -50.64 -0.61
CA GLY B 449 -14.36 -49.19 -0.59
C GLY B 449 -13.21 -48.64 0.22
N GLU B 450 -12.06 -49.32 0.19
CA GLU B 450 -10.89 -48.86 0.92
C GLU B 450 -10.28 -47.60 0.32
N VAL B 451 -10.63 -47.27 -0.92
CA VAL B 451 -10.17 -46.04 -1.54
C VAL B 451 -10.77 -44.83 -0.84
N VAL B 452 -11.89 -44.97 -0.15
CA VAL B 452 -12.50 -43.83 0.54
C VAL B 452 -11.67 -43.48 1.77
N PRO B 453 -11.34 -44.37 2.72
CA PRO B 453 -10.45 -43.92 3.82
C PRO B 453 -9.01 -43.66 3.39
N MET B 454 -8.51 -44.35 2.36
CA MET B 454 -7.15 -44.13 1.93
C MET B 454 -6.96 -42.75 1.32
N SER B 455 -7.92 -42.28 0.52
CA SER B 455 -7.75 -41.01 -0.18
C SER B 455 -7.79 -39.84 0.80
N PHE B 456 -8.64 -39.93 1.83
CA PHE B 456 -8.55 -38.99 2.94
C PHE B 456 -7.19 -39.08 3.61
N ALA B 457 -6.69 -40.29 3.83
CA ALA B 457 -5.43 -40.48 4.54
C ALA B 457 -4.24 -40.00 3.72
N LEU B 458 -4.26 -40.15 2.39
CA LEU B 458 -3.17 -39.63 1.58
C LEU B 458 -3.14 -38.11 1.60
N VAL B 459 -4.30 -37.48 1.57
CA VAL B 459 -4.36 -36.03 1.58
C VAL B 459 -4.03 -35.50 2.97
N LEU B 460 -4.62 -36.09 4.02
CA LEU B 460 -4.36 -35.68 5.38
C LEU B 460 -2.89 -35.93 5.77
N GLY B 461 -2.35 -37.08 5.39
CA GLY B 461 -1.00 -37.43 5.78
C GLY B 461 0.06 -36.59 5.10
N TRP B 462 -0.14 -36.29 3.82
CA TRP B 462 0.84 -35.45 3.14
C TRP B 462 0.71 -33.99 3.49
N CYS B 463 -0.49 -33.46 3.66
CA CYS B 463 -0.62 -32.05 4.04
C CYS B 463 -0.20 -31.78 5.48
N ASN B 464 0.01 -32.82 6.31
CA ASN B 464 0.63 -32.67 7.62
C ASN B 464 2.12 -32.42 7.56
N VAL B 465 2.76 -32.58 6.41
CA VAL B 465 4.16 -32.22 6.26
C VAL B 465 4.32 -30.71 6.37
N MET B 466 3.27 -29.94 6.02
CA MET B 466 3.26 -28.49 6.18
C MET B 466 3.35 -28.04 7.64
N TYR B 467 3.09 -28.94 8.60
CA TYR B 467 3.35 -28.64 10.00
C TYR B 467 4.83 -28.39 10.25
N PHE B 468 5.69 -29.13 9.59
CA PHE B 468 7.13 -29.02 9.82
C PHE B 468 7.76 -27.86 9.09
N ALA B 469 6.96 -27.09 8.34
CA ALA B 469 7.43 -25.86 7.75
C ALA B 469 7.78 -24.80 8.79
N ARG B 470 7.20 -24.88 9.99
CA ARG B 470 7.46 -23.87 11.01
C ARG B 470 8.86 -23.96 11.59
N GLY B 471 9.54 -25.07 11.40
CA GLY B 471 10.92 -25.18 11.83
C GLY B 471 11.94 -24.68 10.83
N PHE B 472 11.55 -23.75 9.96
CA PHE B 472 12.45 -23.17 8.98
C PHE B 472 12.18 -21.68 8.89
N GLN B 473 13.24 -20.93 8.59
CA GLN B 473 13.13 -19.47 8.45
C GLN B 473 12.29 -19.09 7.24
N MET B 474 12.43 -19.86 6.15
CA MET B 474 11.76 -19.53 4.90
C MET B 474 10.27 -19.86 4.95
N LEU B 475 9.91 -20.98 5.54
CA LEU B 475 8.58 -21.53 5.35
C LEU B 475 7.64 -21.23 6.49
N GLY B 476 8.17 -20.82 7.63
CA GLY B 476 7.37 -20.55 8.80
C GLY B 476 6.34 -19.44 8.68
N PRO B 477 6.77 -18.20 8.39
CA PRO B 477 5.78 -17.12 8.25
C PRO B 477 4.89 -17.24 7.03
N PHE B 478 5.28 -18.01 6.01
CA PHE B 478 4.38 -18.21 4.88
C PHE B 478 3.27 -19.19 5.23
N THR B 479 3.55 -20.17 6.06
CA THR B 479 2.58 -21.22 6.35
C THR B 479 1.49 -20.74 7.31
N ILE B 480 1.77 -19.73 8.13
CA ILE B 480 0.76 -19.11 8.98
C ILE B 480 -0.24 -18.31 8.16
N MET B 481 0.24 -17.68 7.08
CA MET B 481 -0.64 -16.96 6.14
C MET B 481 -1.70 -17.88 5.54
N ILE B 482 -1.38 -19.16 5.35
CA ILE B 482 -2.31 -20.11 4.79
C ILE B 482 -3.49 -20.35 5.73
N GLN B 483 -3.21 -20.51 7.02
CA GLN B 483 -4.26 -20.75 8.01
C GLN B 483 -5.19 -19.57 8.16
N LYS B 484 -4.64 -18.37 8.21
CA LYS B 484 -5.46 -17.20 8.48
C LYS B 484 -6.27 -16.75 7.28
N MET B 485 -5.98 -17.26 6.10
CA MET B 485 -6.85 -16.99 4.97
C MET B 485 -7.87 -18.08 4.73
N ILE B 486 -7.62 -19.32 5.13
CA ILE B 486 -8.66 -20.33 4.98
C ILE B 486 -9.75 -20.15 6.03
N PHE B 487 -9.39 -19.83 7.27
CA PHE B 487 -10.40 -19.62 8.29
C PHE B 487 -10.83 -18.16 8.36
N GLY B 488 -10.39 -17.35 7.41
CA GLY B 488 -10.91 -16.02 7.24
C GLY B 488 -11.52 -15.87 5.86
N ASP B 489 -10.72 -15.35 4.94
CA ASP B 489 -11.23 -14.87 3.66
C ASP B 489 -11.61 -15.98 2.70
N LEU B 490 -11.03 -17.18 2.82
CA LEU B 490 -11.46 -18.23 1.92
C LEU B 490 -12.82 -18.77 2.31
N MET B 491 -13.04 -18.98 3.62
CA MET B 491 -14.34 -19.40 4.11
C MET B 491 -15.39 -18.32 3.92
N ARG B 492 -14.95 -17.07 4.03
CA ARG B 492 -15.83 -15.93 3.73
C ARG B 492 -16.24 -15.93 2.26
N PHE B 493 -15.30 -16.22 1.36
CA PHE B 493 -15.61 -16.30 -0.06
C PHE B 493 -16.48 -17.51 -0.39
N CYS B 494 -16.30 -18.62 0.32
CA CYS B 494 -17.00 -19.87 -0.02
C CYS B 494 -18.50 -19.80 0.22
N TRP B 495 -18.95 -19.02 1.21
CA TRP B 495 -20.39 -18.84 1.39
C TRP B 495 -21.00 -18.10 0.22
N LEU B 496 -20.34 -17.03 -0.21
CA LEU B 496 -20.84 -16.25 -1.34
C LEU B 496 -20.69 -17.03 -2.63
N MET B 497 -19.66 -17.86 -2.72
CA MET B 497 -19.47 -18.72 -3.88
C MET B 497 -20.53 -19.80 -3.97
N ALA B 498 -20.92 -20.38 -2.84
CA ALA B 498 -21.93 -21.44 -2.82
C ALA B 498 -23.29 -20.92 -3.27
N VAL B 499 -23.59 -19.68 -2.93
CA VAL B 499 -24.83 -19.01 -3.34
C VAL B 499 -24.90 -18.84 -4.85
N VAL B 500 -23.81 -18.36 -5.45
CA VAL B 500 -23.76 -18.15 -6.89
C VAL B 500 -23.75 -19.49 -7.62
N ILE B 501 -23.01 -20.48 -7.10
CA ILE B 501 -22.97 -21.81 -7.70
C ILE B 501 -24.36 -22.45 -7.70
N LEU B 502 -25.07 -22.37 -6.58
CA LEU B 502 -26.40 -22.99 -6.46
C LEU B 502 -27.42 -22.38 -7.41
N GLY B 503 -27.34 -21.07 -7.64
CA GLY B 503 -28.30 -20.44 -8.53
C GLY B 503 -28.03 -20.69 -9.99
N PHE B 504 -26.77 -20.70 -10.37
CA PHE B 504 -26.44 -20.91 -11.77
C PHE B 504 -26.43 -22.37 -12.14
N ALA B 505 -26.08 -23.28 -11.22
CA ALA B 505 -26.15 -24.71 -11.53
C ALA B 505 -27.58 -25.14 -11.76
N SER B 506 -28.52 -24.56 -11.01
CA SER B 506 -29.92 -24.87 -11.16
C SER B 506 -30.48 -24.33 -12.46
N ALA B 507 -30.02 -23.15 -12.87
CA ALA B 507 -30.41 -22.61 -14.17
C ALA B 507 -29.78 -23.43 -15.30
N PHE B 508 -28.48 -23.73 -15.21
CA PHE B 508 -27.80 -24.57 -16.21
C PHE B 508 -28.43 -25.96 -16.29
N TYR B 509 -28.88 -26.50 -15.15
CA TYR B 509 -29.57 -27.79 -15.15
C TYR B 509 -30.87 -27.73 -15.94
N ILE B 510 -31.71 -26.74 -15.68
CA ILE B 510 -33.01 -26.70 -16.34
C ILE B 510 -32.94 -26.19 -17.78
N ILE B 511 -31.88 -25.45 -18.14
CA ILE B 511 -31.69 -25.04 -19.52
C ILE B 511 -31.38 -26.25 -20.40
N PHE B 512 -30.49 -27.12 -19.95
CA PHE B 512 -30.09 -28.30 -20.69
C PHE B 512 -30.91 -29.53 -20.32
N GLN B 513 -32.02 -29.35 -19.61
CA GLN B 513 -32.83 -30.47 -19.16
C GLN B 513 -33.62 -31.11 -20.29
N THR B 514 -33.86 -30.36 -21.36
CA THR B 514 -34.57 -30.85 -22.54
C THR B 514 -33.64 -31.19 -23.70
N GLU B 515 -32.33 -31.16 -23.51
CA GLU B 515 -31.39 -31.38 -24.58
C GLU B 515 -30.91 -32.83 -24.56
N ASP B 516 -30.06 -33.17 -25.53
CA ASP B 516 -29.40 -34.46 -25.55
C ASP B 516 -28.06 -34.34 -24.84
N PRO B 517 -27.83 -35.06 -23.74
CA PRO B 517 -26.56 -34.92 -23.01
C PRO B 517 -25.39 -35.58 -23.71
N GLU B 518 -25.63 -36.39 -24.74
CA GLU B 518 -24.54 -37.01 -25.49
C GLU B 518 -23.68 -35.97 -26.20
N GLU B 519 -24.30 -34.85 -26.57
CA GLU B 519 -23.58 -33.79 -27.24
C GLU B 519 -23.10 -32.70 -26.30
N LEU B 520 -23.67 -32.61 -25.09
CA LEU B 520 -23.19 -31.68 -24.06
C LEU B 520 -23.64 -32.22 -22.71
N GLY B 521 -22.72 -32.84 -21.98
CA GLY B 521 -23.07 -33.60 -20.80
C GLY B 521 -22.71 -32.98 -19.47
N HIS B 522 -22.31 -31.71 -19.44
CA HIS B 522 -21.85 -31.05 -18.23
C HIS B 522 -22.92 -30.97 -17.15
N PHE B 523 -24.19 -30.96 -17.54
CA PHE B 523 -25.27 -30.74 -16.61
C PHE B 523 -26.28 -31.87 -16.69
N TYR B 524 -25.82 -33.12 -16.92
CA TYR B 524 -26.73 -34.20 -17.29
C TYR B 524 -27.64 -34.62 -16.14
N ASP B 525 -27.16 -34.58 -14.90
CA ASP B 525 -28.05 -34.63 -13.75
C ASP B 525 -27.66 -33.53 -12.78
N TYR B 526 -28.41 -33.40 -11.70
CA TYR B 526 -28.26 -32.24 -10.85
C TYR B 526 -26.99 -32.25 -9.98
N PRO B 527 -26.49 -33.38 -9.45
CA PRO B 527 -25.16 -33.33 -8.83
C PRO B 527 -24.03 -33.07 -9.80
N MET B 528 -24.12 -33.48 -11.07
CA MET B 528 -23.07 -33.13 -12.01
C MET B 528 -23.15 -31.65 -12.37
N ALA B 529 -24.36 -31.11 -12.48
CA ALA B 529 -24.53 -29.70 -12.77
C ALA B 529 -23.95 -28.82 -11.67
N LEU B 530 -24.06 -29.25 -10.42
CA LEU B 530 -23.42 -28.55 -9.31
C LEU B 530 -21.91 -28.64 -9.39
N PHE B 531 -21.38 -29.81 -9.72
CA PHE B 531 -19.95 -29.98 -9.80
C PHE B 531 -19.38 -29.27 -11.02
N SER B 532 -20.11 -29.24 -12.13
CA SER B 532 -19.63 -28.56 -13.31
C SER B 532 -19.62 -27.05 -13.12
N THR B 533 -20.64 -26.52 -12.44
CA THR B 533 -20.73 -25.07 -12.21
C THR B 533 -19.65 -24.61 -11.24
N PHE B 534 -19.33 -25.44 -10.26
CA PHE B 534 -18.19 -25.20 -9.38
C PHE B 534 -16.89 -25.10 -10.16
N GLU B 535 -16.66 -26.07 -11.06
CA GLU B 535 -15.48 -26.05 -11.91
C GLU B 535 -15.50 -24.88 -12.89
N LEU B 536 -16.68 -24.52 -13.37
CA LEU B 536 -16.79 -23.35 -14.24
C LEU B 536 -16.55 -22.06 -13.50
N PHE B 537 -16.96 -21.98 -12.22
CA PHE B 537 -16.71 -20.81 -11.40
C PHE B 537 -15.22 -20.54 -11.28
N LEU B 538 -14.46 -21.57 -10.98
CA LEU B 538 -13.01 -21.48 -10.86
C LEU B 538 -12.30 -21.46 -12.19
N THR B 539 -13.04 -21.61 -13.31
CA THR B 539 -12.53 -21.66 -14.69
C THR B 539 -11.50 -22.77 -14.86
N ILE B 540 -11.66 -23.86 -14.13
CA ILE B 540 -10.72 -24.97 -14.24
C ILE B 540 -11.18 -26.03 -15.21
N ILE B 541 -12.43 -25.99 -15.68
CA ILE B 541 -12.82 -26.72 -16.86
C ILE B 541 -13.22 -25.69 -17.91
N ASP B 542 -13.15 -26.11 -19.16
CA ASP B 542 -13.34 -25.18 -20.26
C ASP B 542 -14.81 -24.86 -20.42
N GLY B 543 -15.64 -25.87 -20.33
CA GLY B 543 -17.04 -25.62 -20.23
C GLY B 543 -17.73 -25.31 -21.54
N PRO B 544 -19.04 -25.58 -21.54
CA PRO B 544 -19.83 -26.11 -22.63
C PRO B 544 -19.80 -25.35 -23.94
N ALA B 545 -19.40 -26.08 -24.97
CA ALA B 545 -19.48 -25.62 -26.35
C ALA B 545 -19.58 -26.86 -27.22
N ASN B 546 -20.36 -26.78 -28.28
CA ASN B 546 -20.32 -27.85 -29.26
C ASN B 546 -19.98 -27.36 -30.66
N TYR B 547 -20.68 -26.34 -31.14
CA TYR B 547 -20.58 -25.61 -32.42
C TYR B 547 -21.11 -26.41 -33.60
N ASN B 548 -21.38 -27.69 -33.41
CA ASN B 548 -22.07 -28.49 -34.40
C ASN B 548 -23.56 -28.52 -34.15
N VAL B 549 -24.01 -28.01 -33.01
CA VAL B 549 -25.39 -28.13 -32.60
C VAL B 549 -25.86 -26.78 -32.07
N ASP B 550 -27.17 -26.57 -32.08
CA ASP B 550 -27.74 -25.36 -31.51
C ASP B 550 -27.88 -25.54 -30.00
N LEU B 551 -27.15 -24.73 -29.26
CA LEU B 551 -27.38 -24.67 -27.82
C LEU B 551 -28.57 -23.77 -27.54
N PRO B 552 -29.24 -23.93 -26.40
CA PRO B 552 -30.33 -23.02 -26.06
C PRO B 552 -29.83 -21.60 -25.90
N PHE B 553 -30.66 -20.63 -26.29
CA PHE B 553 -30.22 -19.24 -26.23
C PHE B 553 -30.09 -18.76 -24.79
N MET B 554 -30.82 -19.37 -23.86
CA MET B 554 -30.66 -19.03 -22.46
C MET B 554 -29.31 -19.43 -21.91
N TYR B 555 -28.67 -20.44 -22.49
CA TYR B 555 -27.32 -20.80 -22.06
C TYR B 555 -26.32 -19.69 -22.31
N SER B 556 -26.37 -19.06 -23.48
CA SER B 556 -25.43 -17.99 -23.78
C SER B 556 -25.68 -16.75 -22.94
N ILE B 557 -26.93 -16.52 -22.51
CA ILE B 557 -27.21 -15.41 -21.63
C ILE B 557 -26.74 -15.71 -20.22
N THR B 558 -27.02 -16.92 -19.75
CA THR B 558 -26.75 -17.27 -18.37
C THR B 558 -25.27 -17.50 -18.14
N TYR B 559 -24.57 -18.07 -19.12
CA TYR B 559 -23.15 -18.32 -18.91
C TYR B 559 -22.33 -17.05 -19.07
N ALA B 560 -22.79 -16.10 -19.89
CA ALA B 560 -22.11 -14.81 -19.94
C ALA B 560 -22.26 -14.06 -18.63
N ALA B 561 -23.45 -14.11 -18.05
CA ALA B 561 -23.70 -13.52 -16.75
C ALA B 561 -22.93 -14.24 -15.65
N PHE B 562 -22.85 -15.57 -15.74
CA PHE B 562 -22.08 -16.37 -14.79
C PHE B 562 -20.60 -16.06 -14.87
N ALA B 563 -20.06 -15.89 -16.08
CA ALA B 563 -18.65 -15.64 -16.27
C ALA B 563 -18.24 -14.25 -15.79
N ILE B 564 -19.11 -13.26 -15.91
CA ILE B 564 -18.78 -11.94 -15.38
C ILE B 564 -18.79 -11.97 -13.87
N ILE B 565 -19.79 -12.59 -13.26
CA ILE B 565 -19.90 -12.67 -11.81
C ILE B 565 -18.76 -13.50 -11.22
N ALA B 566 -18.39 -14.60 -11.89
CA ALA B 566 -17.36 -15.48 -11.36
C ALA B 566 -15.98 -14.83 -11.40
N THR B 567 -15.66 -14.08 -12.45
CA THR B 567 -14.38 -13.38 -12.46
C THR B 567 -14.38 -12.12 -11.61
N LEU B 568 -15.52 -11.41 -11.49
CA LEU B 568 -15.72 -10.39 -10.46
C LEU B 568 -15.43 -10.92 -9.07
N LEU B 569 -16.06 -12.04 -8.71
CA LEU B 569 -15.86 -12.62 -7.39
C LEU B 569 -14.44 -13.13 -7.20
N MET B 570 -13.87 -13.78 -8.21
CA MET B 570 -12.51 -14.30 -8.10
C MET B 570 -11.49 -13.19 -7.93
N LEU B 571 -11.68 -12.07 -8.65
CA LEU B 571 -10.80 -10.93 -8.45
C LEU B 571 -11.08 -10.21 -7.15
N ASN B 572 -12.26 -10.42 -6.54
CA ASN B 572 -12.57 -9.86 -5.23
C ASN B 572 -11.95 -10.68 -4.10
N LEU B 573 -11.84 -12.00 -4.27
CA LEU B 573 -11.09 -12.81 -3.31
C LEU B 573 -9.61 -12.42 -3.29
N LEU B 574 -9.09 -12.02 -4.43
CA LEU B 574 -7.71 -11.58 -4.53
C LEU B 574 -7.49 -10.28 -3.79
N ILE B 575 -8.51 -9.42 -3.75
CA ILE B 575 -8.49 -8.21 -2.93
C ILE B 575 -8.34 -8.57 -1.47
N ALA B 576 -9.31 -9.36 -0.97
CA ALA B 576 -9.48 -9.58 0.46
C ALA B 576 -8.30 -10.31 1.05
N MET B 577 -7.61 -11.12 0.25
CA MET B 577 -6.36 -11.72 0.67
C MET B 577 -5.21 -10.73 0.71
N MET B 578 -5.35 -9.54 0.13
CA MET B 578 -4.29 -8.54 0.26
C MET B 578 -4.54 -7.52 1.35
N GLY B 579 -5.79 -7.27 1.72
CA GLY B 579 -6.00 -6.57 2.98
C GLY B 579 -5.80 -7.46 4.19
N ASP B 580 -5.86 -8.78 4.00
CA ASP B 580 -5.67 -9.70 5.12
C ASP B 580 -4.21 -9.78 5.51
N THR B 581 -3.33 -9.77 4.53
CA THR B 581 -1.94 -10.02 4.85
C THR B 581 -1.20 -8.74 5.19
N HIS B 582 -1.11 -7.83 4.22
CA HIS B 582 -0.27 -6.65 4.37
C HIS B 582 -0.83 -5.66 5.37
N TRP B 583 -2.12 -5.73 5.69
CA TRP B 583 -2.70 -4.84 6.68
C TRP B 583 -3.09 -5.52 7.98
N ARG B 584 -3.05 -6.84 8.05
CA ARG B 584 -3.23 -7.49 9.34
C ARG B 584 -2.08 -8.42 9.71
N VAL B 585 -1.64 -9.30 8.82
CA VAL B 585 -0.74 -10.36 9.26
C VAL B 585 0.59 -10.37 8.50
N ALA B 586 0.98 -9.26 7.87
CA ALA B 586 2.37 -9.14 7.42
C ALA B 586 3.23 -8.36 8.39
N HIS B 587 2.64 -7.48 9.21
CA HIS B 587 3.40 -6.79 10.24
C HIS B 587 3.80 -7.73 11.35
N GLU B 588 3.03 -8.79 11.54
CA GLU B 588 3.26 -9.76 12.59
C GLU B 588 3.63 -11.14 12.04
N ARG B 589 4.38 -11.19 10.93
CA ARG B 589 4.83 -12.47 10.43
C ARG B 589 5.86 -13.10 11.35
N ASP B 590 6.87 -12.32 11.74
CA ASP B 590 7.90 -12.83 12.63
C ASP B 590 7.35 -13.10 14.02
N GLU B 591 6.45 -12.24 14.52
CA GLU B 591 5.89 -12.42 15.86
C GLU B 591 4.97 -13.62 15.94
N LEU B 592 4.15 -13.86 14.92
CA LEU B 592 3.35 -15.08 14.90
C LEU B 592 4.20 -16.31 14.66
N TRP B 593 5.33 -16.17 13.98
CA TRP B 593 6.18 -17.33 13.76
C TRP B 593 7.08 -17.61 14.94
N ARG B 594 7.54 -16.57 15.66
CA ARG B 594 8.31 -16.80 16.87
C ARG B 594 7.45 -17.40 17.96
N ALA B 595 6.17 -17.02 18.00
CA ALA B 595 5.24 -17.66 18.92
C ALA B 595 4.98 -19.11 18.55
N GLN B 596 5.04 -19.45 17.27
CA GLN B 596 4.98 -20.85 16.87
C GLN B 596 6.21 -21.63 17.29
N ILE B 597 7.38 -20.99 17.34
CA ILE B 597 8.56 -21.66 17.83
C ILE B 597 8.44 -21.94 19.32
N VAL B 598 7.85 -21.01 20.07
CA VAL B 598 7.66 -21.20 21.51
C VAL B 598 6.66 -22.32 21.76
N ALA B 599 5.52 -22.29 21.06
CA ALA B 599 4.51 -23.34 21.19
C ALA B 599 5.05 -24.70 20.77
N THR B 600 5.94 -24.73 19.79
CA THR B 600 6.55 -26.00 19.41
C THR B 600 7.58 -26.44 20.44
N THR B 601 8.40 -25.51 20.95
CA THR B 601 9.48 -25.88 21.87
C THR B 601 8.92 -26.31 23.22
N VAL B 602 7.84 -25.67 23.68
CA VAL B 602 7.16 -26.10 24.90
C VAL B 602 6.56 -27.48 24.73
N MET B 603 5.89 -27.71 23.60
CA MET B 603 5.26 -29.00 23.33
C MET B 603 6.29 -30.11 23.18
N LEU B 604 7.40 -29.81 22.51
CA LEU B 604 8.42 -30.80 22.18
C LEU B 604 9.35 -31.07 23.34
N GLU B 605 9.13 -30.46 24.50
CA GLU B 605 9.83 -30.76 25.74
C GLU B 605 8.95 -31.52 26.72
N ARG B 606 7.65 -31.22 26.72
CA ARG B 606 6.72 -31.90 27.60
C ARG B 606 6.47 -33.33 27.14
N LYS B 607 6.46 -33.57 25.83
CA LYS B 607 6.23 -34.90 25.27
C LYS B 607 7.53 -35.53 24.81
N LEU B 608 8.59 -35.33 25.57
CA LEU B 608 9.93 -35.84 25.28
C LEU B 608 10.58 -36.10 26.62
N PRO B 609 11.47 -37.12 26.74
CA PRO B 609 11.99 -37.48 28.07
C PRO B 609 12.92 -36.45 28.71
N ARG B 610 13.36 -36.78 29.92
CA ARG B 610 14.18 -35.87 30.71
C ARG B 610 15.65 -35.96 30.31
N CYS B 611 16.13 -37.17 30.01
CA CYS B 611 17.55 -37.37 29.77
C CYS B 611 18.00 -36.81 28.42
N LEU B 612 17.07 -36.68 27.46
CA LEU B 612 17.39 -36.11 26.16
C LEU B 612 17.38 -34.59 26.15
N TRP B 613 16.80 -33.96 27.17
CA TRP B 613 16.60 -32.51 27.18
C TRP B 613 17.32 -31.90 28.36
N PRO B 614 18.52 -31.35 28.17
CA PRO B 614 19.15 -30.58 29.24
C PRO B 614 18.34 -29.34 29.57
N ARG B 615 18.29 -29.01 30.86
CA ARG B 615 17.52 -27.86 31.31
C ARG B 615 18.25 -26.57 30.95
N SER B 616 17.49 -25.56 30.55
CA SER B 616 18.08 -24.33 30.06
C SER B 616 18.59 -23.47 31.20
N GLY B 617 19.68 -22.77 30.94
CA GLY B 617 20.33 -21.98 31.96
C GLY B 617 21.45 -22.73 32.64
N ILE B 618 22.11 -22.04 33.56
CA ILE B 618 23.22 -22.60 34.33
C ILE B 618 22.74 -22.75 35.75
N CYS B 619 22.84 -23.97 36.28
CA CYS B 619 22.41 -24.22 37.64
C CYS B 619 23.46 -23.70 38.61
N GLY B 620 23.00 -23.19 39.75
CA GLY B 620 23.86 -22.84 40.85
C GLY B 620 24.39 -24.05 41.58
N ARG B 621 24.67 -23.86 42.88
CA ARG B 621 25.19 -24.83 43.87
C ARG B 621 26.66 -25.19 43.61
N GLU B 622 27.18 -24.84 42.43
CA GLU B 622 28.61 -24.78 42.18
C GLU B 622 29.09 -23.35 42.03
N TYR B 623 28.22 -22.38 42.30
CA TYR B 623 28.60 -20.97 42.17
C TYR B 623 28.07 -20.13 43.31
N GLY B 624 27.54 -20.74 44.37
CA GLY B 624 27.02 -19.98 45.48
C GLY B 624 25.73 -19.24 45.18
N LEU B 625 24.92 -19.78 44.27
CA LEU B 625 23.74 -19.08 43.81
C LEU B 625 22.43 -19.78 44.18
N GLY B 626 22.50 -20.96 44.78
CA GLY B 626 21.32 -21.70 45.15
C GLY B 626 21.06 -22.89 44.24
N ASP B 627 19.85 -23.43 44.35
CA ASP B 627 19.38 -24.49 43.47
C ASP B 627 18.66 -23.96 42.24
N ARG B 628 18.95 -22.73 41.86
CA ARG B 628 18.32 -22.03 40.75
C ARG B 628 19.12 -22.21 39.47
N TRP B 629 18.43 -22.10 38.34
CA TRP B 629 19.02 -22.10 37.02
C TRP B 629 19.00 -20.69 36.48
N PHE B 630 20.15 -20.19 36.03
CA PHE B 630 20.33 -18.78 35.67
C PHE B 630 20.67 -18.63 34.19
N LEU B 631 20.19 -17.56 33.58
CA LEU B 631 20.56 -17.22 32.21
C LEU B 631 21.38 -15.95 32.20
N ARG B 632 22.53 -16.00 31.53
CA ARG B 632 23.43 -14.87 31.42
C ARG B 632 23.23 -14.17 30.09
N VAL B 633 23.07 -12.84 30.13
CA VAL B 633 22.90 -12.02 28.94
C VAL B 633 23.93 -10.92 28.99
N GLU B 634 24.82 -10.89 28.02
CA GLU B 634 25.82 -9.84 27.88
C GLU B 634 25.44 -8.96 26.71
N ASP B 635 25.22 -7.68 26.99
CA ASP B 635 24.81 -6.73 25.97
C ASP B 635 25.77 -5.54 25.92
N ARG B 636 25.50 -4.64 24.98
CA ARG B 636 26.23 -3.40 24.83
C ARG B 636 25.26 -2.23 24.95
N GLN B 637 25.62 -1.25 25.78
CA GLN B 637 24.75 -0.14 26.13
C GLN B 637 24.89 1.07 25.22
N ASP B 638 25.91 1.08 24.36
CA ASP B 638 26.21 2.15 23.40
C ASP B 638 26.35 3.53 24.08
N GLU C 27 28.32 -24.09 20.41
CA GLU C 27 27.47 -23.75 21.54
C GLU C 27 28.22 -23.90 22.86
N SER C 28 29.16 -24.85 22.88
CA SER C 28 29.88 -25.14 24.11
C SER C 28 30.88 -24.05 24.46
N TRP C 29 31.36 -23.29 23.47
CA TRP C 29 32.27 -22.21 23.78
C TRP C 29 31.55 -21.02 24.41
N ALA C 30 30.34 -20.72 23.93
CA ALA C 30 29.49 -19.77 24.63
C ALA C 30 28.99 -20.32 25.95
N GLN C 31 28.92 -21.64 26.08
CA GLN C 31 28.64 -22.27 27.36
C GLN C 31 29.86 -22.20 28.27
N SER C 32 31.06 -22.40 27.71
CA SER C 32 32.27 -22.24 28.50
C SER C 32 32.49 -20.80 28.89
N ARG C 33 32.15 -19.85 28.01
CA ARG C 33 32.29 -18.44 28.32
C ARG C 33 31.25 -17.99 29.34
N ASP C 34 30.06 -18.58 29.30
CA ASP C 34 29.08 -18.29 30.34
C ASP C 34 29.48 -18.90 31.67
N GLU C 35 30.20 -20.01 31.69
CA GLU C 35 30.64 -20.58 32.96
C GLU C 35 31.81 -19.83 33.58
N GLN C 36 32.68 -19.24 32.75
CA GLN C 36 33.85 -18.57 33.29
C GLN C 36 33.49 -17.26 33.96
N ASN C 37 32.44 -16.58 33.49
CA ASN C 37 31.99 -15.38 34.16
C ASN C 37 31.33 -15.70 35.50
N LEU C 38 30.68 -16.86 35.61
CA LEU C 38 30.13 -17.27 36.91
C LEU C 38 31.19 -17.84 37.82
N LEU C 39 32.16 -18.58 37.27
CA LEU C 39 33.29 -19.06 38.05
C LEU C 39 34.19 -17.92 38.50
N GLN C 40 34.18 -16.78 37.81
CA GLN C 40 34.92 -15.62 38.27
C GLN C 40 34.29 -15.03 39.52
N GLN C 41 32.95 -15.02 39.59
CA GLN C 41 32.24 -14.47 40.73
C GLN C 41 32.33 -15.35 41.97
N LYS C 42 32.72 -16.61 41.82
CA LYS C 42 32.92 -17.46 42.99
C LYS C 42 34.35 -17.41 43.52
N ARG C 43 35.35 -17.21 42.64
CA ARG C 43 36.75 -17.17 43.05
C ARG C 43 37.12 -15.93 43.85
N ILE C 44 36.19 -14.98 44.02
CA ILE C 44 36.45 -13.85 44.89
C ILE C 44 36.20 -14.22 46.35
N TRP C 45 35.13 -14.97 46.60
CA TRP C 45 34.52 -15.08 47.92
C TRP C 45 35.30 -15.93 48.92
N GLU C 46 36.29 -16.70 48.49
CA GLU C 46 36.95 -17.62 49.41
C GLU C 46 38.28 -17.10 49.95
N SER C 47 38.58 -15.81 49.80
CA SER C 47 39.82 -15.26 50.34
C SER C 47 39.64 -13.84 50.85
N PRO C 48 40.37 -13.45 51.90
CA PRO C 48 40.30 -12.05 52.36
C PRO C 48 41.21 -11.10 51.60
N LEU C 49 42.32 -11.58 51.04
CA LEU C 49 43.28 -10.72 50.36
C LEU C 49 42.77 -10.22 49.02
N LEU C 50 41.85 -10.94 48.40
CA LEU C 50 41.17 -10.51 47.18
C LEU C 50 39.82 -9.89 47.48
N LEU C 51 39.45 -9.79 48.75
CA LEU C 51 38.17 -9.24 49.19
C LEU C 51 38.29 -7.79 49.58
N ALA C 52 39.38 -7.43 50.27
CA ALA C 52 39.60 -6.05 50.66
C ALA C 52 40.00 -5.17 49.48
N ALA C 53 40.45 -5.77 48.39
CA ALA C 53 40.75 -5.05 47.16
C ALA C 53 39.62 -5.10 46.15
N LYS C 54 38.44 -5.58 46.54
CA LYS C 54 37.24 -5.46 45.72
C LYS C 54 36.35 -4.31 46.15
N ASP C 55 36.08 -4.21 47.46
CA ASP C 55 35.29 -3.12 48.02
C ASP C 55 36.22 -2.16 48.75
N ASN C 56 35.63 -1.10 49.32
CA ASN C 56 36.39 -0.06 50.00
C ASN C 56 36.65 -0.42 51.47
N ASP C 57 37.21 -1.59 51.72
CA ASP C 57 37.56 -1.99 53.08
C ASP C 57 39.08 -1.99 53.18
N VAL C 58 39.65 -0.84 53.51
CA VAL C 58 41.10 -0.71 53.58
C VAL C 58 41.68 -1.11 54.94
N GLN C 59 40.86 -1.12 56.00
CA GLN C 59 41.39 -1.30 57.35
C GLN C 59 41.74 -2.76 57.62
N ALA C 60 40.93 -3.69 57.10
CA ALA C 60 41.25 -5.10 57.26
C ALA C 60 42.48 -5.49 56.46
N LEU C 61 42.72 -4.80 55.34
CA LEU C 61 43.88 -5.09 54.51
C LEU C 61 45.17 -4.73 55.22
N ASN C 62 45.16 -3.69 56.06
CA ASN C 62 46.31 -3.39 56.89
C ASN C 62 46.51 -4.43 57.98
N LYS C 63 45.46 -5.16 58.34
CA LYS C 63 45.56 -6.29 59.26
C LYS C 63 45.96 -7.56 58.53
N LEU C 64 45.63 -7.66 57.23
CA LEU C 64 46.00 -8.83 56.44
C LEU C 64 47.49 -8.89 56.15
N LEU C 65 48.20 -7.78 56.21
CA LEU C 65 49.59 -7.74 55.77
C LEU C 65 50.61 -7.84 56.89
N LYS C 66 50.39 -7.14 58.01
CA LYS C 66 51.44 -7.01 59.02
C LYS C 66 51.48 -8.16 60.02
N TYR C 67 50.37 -8.88 60.22
CA TYR C 67 50.36 -9.93 61.23
C TYR C 67 51.01 -11.21 60.74
N GLU C 68 50.47 -11.82 59.69
CA GLU C 68 50.95 -13.11 59.23
C GLU C 68 51.98 -13.02 58.10
N ASP C 69 52.11 -11.85 57.47
CA ASP C 69 53.06 -11.58 56.37
C ASP C 69 52.85 -12.56 55.20
N CYS C 70 51.63 -12.56 54.68
CA CYS C 70 51.26 -13.50 53.64
C CYS C 70 51.71 -13.01 52.27
N LYS C 71 51.73 -13.95 51.31
CA LYS C 71 52.07 -13.63 49.94
C LYS C 71 50.87 -13.01 49.23
N VAL C 72 51.14 -12.00 48.40
CA VAL C 72 50.06 -11.20 47.81
C VAL C 72 49.77 -11.54 46.36
N HIS C 73 50.54 -12.42 45.73
CA HIS C 73 50.34 -12.73 44.31
C HIS C 73 49.33 -13.88 44.12
N GLN C 74 48.18 -13.77 44.76
CA GLN C 74 47.13 -14.77 44.63
C GLN C 74 46.27 -14.44 43.42
N ARG C 75 46.05 -15.45 42.56
CA ARG C 75 45.40 -15.26 41.29
C ARG C 75 43.92 -15.64 41.36
N GLY C 76 43.10 -14.95 40.59
CA GLY C 76 41.69 -15.25 40.45
C GLY C 76 41.43 -16.27 39.36
N ALA C 77 40.26 -16.15 38.73
CA ALA C 77 39.82 -17.14 37.74
C ALA C 77 40.55 -16.96 36.42
N MET C 78 40.76 -15.71 36.00
CA MET C 78 41.48 -15.41 34.77
C MET C 78 42.97 -15.24 35.02
N GLY C 79 43.51 -15.84 36.08
CA GLY C 79 44.91 -15.70 36.41
C GLY C 79 45.34 -14.30 36.78
N GLU C 80 44.41 -13.47 37.24
CA GLU C 80 44.70 -12.06 37.47
C GLU C 80 44.86 -11.78 38.96
N THR C 81 45.58 -10.70 39.26
CA THR C 81 45.72 -10.25 40.62
C THR C 81 44.45 -9.52 41.08
N ALA C 82 44.46 -9.08 42.33
CA ALA C 82 43.32 -8.35 42.88
C ALA C 82 43.19 -6.94 42.31
N LEU C 83 44.22 -6.44 41.62
CA LEU C 83 44.18 -5.10 41.05
C LEU C 83 43.17 -5.00 39.91
N HIS C 84 43.04 -6.06 39.12
CA HIS C 84 42.11 -6.02 37.99
C HIS C 84 40.66 -5.98 38.45
N ILE C 85 40.38 -6.53 39.64
CA ILE C 85 39.05 -6.41 40.22
C ILE C 85 38.81 -4.99 40.70
N ALA C 86 39.87 -4.31 41.16
CA ALA C 86 39.74 -2.93 41.60
C ALA C 86 39.46 -2.00 40.42
N ALA C 87 40.14 -2.21 39.29
CA ALA C 87 39.92 -1.39 38.11
C ALA C 87 38.55 -1.62 37.50
N LEU C 88 38.03 -2.83 37.63
CA LEU C 88 36.75 -3.21 37.05
C LEU C 88 35.58 -2.72 37.90
N TYR C 89 35.85 -2.24 39.12
CA TYR C 89 34.81 -1.69 39.98
C TYR C 89 35.24 -0.35 40.58
N ASP C 90 36.27 0.31 40.01
CA ASP C 90 36.72 1.66 40.33
C ASP C 90 37.20 1.81 41.78
N ASN C 91 38.25 1.08 42.16
CA ASN C 91 38.73 1.08 43.53
C ASN C 91 40.20 1.50 43.56
N LEU C 92 40.49 2.59 44.27
CA LEU C 92 41.81 3.21 44.25
C LEU C 92 42.53 3.16 45.59
N GLU C 93 41.81 2.94 46.69
CA GLU C 93 42.33 3.32 48.00
C GLU C 93 43.14 2.21 48.67
N ALA C 94 42.64 0.97 48.63
CA ALA C 94 43.40 -0.13 49.23
C ALA C 94 44.63 -0.49 48.41
N ALA C 95 44.58 -0.27 47.09
CA ALA C 95 45.66 -0.65 46.21
C ALA C 95 46.90 0.23 46.36
N MET C 96 46.79 1.35 47.08
CA MET C 96 47.98 2.14 47.41
C MET C 96 48.86 1.42 48.41
N VAL C 97 48.25 0.82 49.43
CA VAL C 97 49.00 0.04 50.42
C VAL C 97 49.54 -1.24 49.79
N LEU C 98 48.86 -1.72 48.74
CA LEU C 98 49.41 -2.80 47.91
C LEU C 98 50.73 -2.40 47.26
N MET C 99 50.90 -1.13 46.93
CA MET C 99 52.08 -0.66 46.23
C MET C 99 53.16 -0.15 47.17
N GLU C 100 52.80 0.28 48.38
CA GLU C 100 53.83 0.59 49.37
C GLU C 100 54.45 -0.68 49.94
N ALA C 101 53.75 -1.81 49.86
CA ALA C 101 54.26 -3.09 50.32
C ALA C 101 54.78 -3.98 49.19
N ALA C 102 54.05 -4.07 48.07
CA ALA C 102 54.48 -4.85 46.92
C ALA C 102 54.39 -3.95 45.68
N PRO C 103 55.44 -3.17 45.41
CA PRO C 103 55.37 -2.19 44.30
C PRO C 103 55.33 -2.81 42.92
N GLU C 104 55.70 -4.08 42.78
CA GLU C 104 55.81 -4.75 41.49
C GLU C 104 54.46 -5.24 40.94
N LEU C 105 53.33 -4.81 41.52
CA LEU C 105 52.01 -5.30 41.14
C LEU C 105 51.51 -4.73 39.81
N VAL C 106 52.12 -3.64 39.32
CA VAL C 106 51.59 -2.88 38.18
C VAL C 106 51.65 -3.70 36.89
N PHE C 107 52.75 -4.44 36.70
CA PHE C 107 53.09 -4.97 35.38
C PHE C 107 52.33 -6.23 35.02
N GLU C 108 51.89 -7.02 36.00
CA GLU C 108 51.54 -8.41 35.76
C GLU C 108 50.19 -8.51 35.06
N PRO C 109 50.14 -9.00 33.82
CA PRO C 109 48.90 -9.00 33.06
C PRO C 109 48.05 -10.20 33.44
N MET C 110 46.92 -10.35 32.75
CA MET C 110 46.14 -11.56 32.92
C MET C 110 46.82 -12.73 32.22
N THR C 111 46.99 -13.83 32.94
CA THR C 111 47.57 -15.04 32.39
C THR C 111 46.51 -16.06 31.98
N SER C 112 45.32 -15.56 31.62
CA SER C 112 44.20 -16.37 31.17
C SER C 112 44.29 -16.73 29.70
N GLU C 113 43.16 -17.16 29.13
CA GLU C 113 43.06 -17.48 27.72
C GLU C 113 41.82 -16.89 27.04
N LEU C 114 40.98 -16.15 27.76
CA LEU C 114 39.86 -15.40 27.18
C LEU C 114 40.13 -13.91 27.14
N TYR C 115 40.64 -13.34 28.23
CA TYR C 115 41.13 -11.97 28.27
C TYR C 115 42.64 -12.09 28.49
N GLU C 116 43.37 -12.42 27.43
CA GLU C 116 44.79 -12.73 27.55
C GLU C 116 45.62 -11.49 27.29
N GLY C 117 46.54 -11.20 28.20
CA GLY C 117 47.38 -10.04 28.06
C GLY C 117 46.72 -8.73 28.42
N GLN C 118 45.47 -8.76 28.84
CA GLN C 118 44.84 -7.55 29.34
C GLN C 118 45.42 -7.21 30.70
N THR C 119 45.83 -5.97 30.87
CA THR C 119 46.40 -5.50 32.12
C THR C 119 45.40 -4.56 32.78
N ALA C 120 45.80 -4.02 33.94
CA ALA C 120 44.95 -3.12 34.69
C ALA C 120 44.79 -1.77 34.01
N LEU C 121 45.66 -1.44 33.06
CA LEU C 121 45.54 -0.18 32.36
C LEU C 121 44.40 -0.19 31.35
N HIS C 122 44.18 -1.33 30.68
CA HIS C 122 43.06 -1.46 29.75
C HIS C 122 41.71 -1.25 30.42
N ILE C 123 41.54 -1.84 31.62
CA ILE C 123 40.26 -1.79 32.31
C ILE C 123 39.94 -0.37 32.78
N ALA C 124 40.96 0.33 33.31
CA ALA C 124 40.76 1.70 33.73
C ALA C 124 40.58 2.66 32.57
N VAL C 125 40.98 2.26 31.37
CA VAL C 125 40.75 3.08 30.19
C VAL C 125 39.30 3.01 29.75
N VAL C 126 38.75 1.80 29.59
CA VAL C 126 37.37 1.68 29.10
C VAL C 126 36.34 2.08 30.13
N ASN C 127 36.64 1.97 31.41
CA ASN C 127 35.76 2.54 32.42
C ASN C 127 36.07 4.01 32.68
N GLN C 128 37.13 4.52 32.06
CA GLN C 128 37.53 5.92 32.04
C GLN C 128 37.84 6.43 33.46
N ASN C 129 38.80 5.77 34.07
CA ASN C 129 39.43 6.23 35.30
C ASN C 129 40.66 7.03 34.93
N MET C 130 40.85 8.17 35.58
CA MET C 130 41.99 9.02 35.28
C MET C 130 43.01 9.10 36.39
N ASN C 131 42.59 9.04 37.66
CA ASN C 131 43.53 9.16 38.76
C ASN C 131 44.43 7.94 38.92
N LEU C 132 44.00 6.78 38.41
CA LEU C 132 44.84 5.59 38.51
C LEU C 132 46.06 5.70 37.58
N VAL C 133 45.92 6.42 36.47
CA VAL C 133 47.04 6.61 35.54
C VAL C 133 48.14 7.44 36.19
N ARG C 134 47.77 8.43 37.02
CA ARG C 134 48.79 9.25 37.68
C ARG C 134 49.56 8.51 38.76
N ALA C 135 48.99 7.44 39.33
CA ALA C 135 49.68 6.69 40.37
C ALA C 135 50.46 5.52 39.82
N LEU C 136 49.94 4.86 38.77
CA LEU C 136 50.69 3.79 38.11
C LEU C 136 51.94 4.33 37.43
N LEU C 137 51.76 5.36 36.59
CA LEU C 137 52.85 5.86 35.76
C LEU C 137 53.92 6.60 36.57
N ALA C 138 53.59 7.05 37.77
CA ALA C 138 54.62 7.54 38.67
C ALA C 138 55.52 6.42 39.18
N ARG C 139 55.01 5.18 39.19
CA ARG C 139 55.80 4.00 39.54
C ARG C 139 56.24 3.21 38.32
N ARG C 140 56.42 3.90 37.17
CA ARG C 140 56.91 3.34 35.91
C ARG C 140 56.00 2.23 35.37
N ALA C 141 54.78 2.63 35.01
CA ALA C 141 53.81 1.69 34.46
C ALA C 141 54.08 1.41 32.97
N SER C 142 53.23 0.56 32.38
CA SER C 142 53.39 0.11 31.00
C SER C 142 52.20 0.53 30.17
N VAL C 143 52.45 1.07 28.97
CA VAL C 143 51.42 1.54 28.07
C VAL C 143 51.43 0.82 26.73
N SER C 144 52.41 -0.05 26.49
CA SER C 144 52.50 -0.80 25.24
C SER C 144 52.11 -2.25 25.42
N ALA C 145 51.04 -2.50 26.17
CA ALA C 145 50.56 -3.85 26.42
C ALA C 145 49.51 -4.23 25.38
N ARG C 146 49.49 -5.51 25.01
CA ARG C 146 48.66 -5.99 23.92
C ARG C 146 47.68 -7.03 24.43
N ALA C 147 46.42 -6.62 24.58
CA ALA C 147 45.34 -7.56 24.90
C ALA C 147 45.01 -8.37 23.65
N THR C 148 45.65 -9.52 23.52
CA THR C 148 45.41 -10.43 22.40
C THR C 148 44.37 -11.50 22.71
N GLY C 149 43.63 -11.35 23.80
CA GLY C 149 42.67 -12.37 24.19
C GLY C 149 41.48 -12.45 23.24
N THR C 150 40.75 -13.54 23.36
CA THR C 150 39.69 -13.82 22.38
C THR C 150 38.45 -12.96 22.56
N ALA C 151 38.30 -12.30 23.71
CA ALA C 151 37.17 -11.42 23.92
C ALA C 151 37.35 -10.06 23.29
N PHE C 152 38.50 -9.78 22.69
CA PHE C 152 38.79 -8.49 22.08
C PHE C 152 38.96 -8.59 20.58
N ARG C 153 38.84 -9.78 20.02
CA ARG C 153 39.07 -9.96 18.60
C ARG C 153 37.82 -9.55 17.82
N ARG C 154 37.97 -9.45 16.51
CA ARG C 154 36.86 -9.08 15.64
C ARG C 154 36.14 -10.35 15.24
N SER C 155 35.03 -10.64 15.92
CA SER C 155 34.22 -11.82 15.68
C SER C 155 32.83 -11.54 16.22
N PRO C 156 31.77 -12.12 15.64
CA PRO C 156 30.40 -11.80 16.08
C PRO C 156 30.04 -12.29 17.47
N CYS C 157 30.88 -13.11 18.10
CA CYS C 157 30.63 -13.46 19.49
C CYS C 157 30.89 -12.30 20.42
N ASN C 158 31.82 -11.41 20.06
CA ASN C 158 32.17 -10.27 20.89
C ASN C 158 31.35 -9.07 20.44
N LEU C 159 30.69 -8.43 21.39
CA LEU C 159 29.86 -7.26 21.07
C LEU C 159 30.65 -5.96 21.01
N ILE C 160 31.94 -6.00 21.30
CA ILE C 160 32.84 -4.89 21.08
C ILE C 160 34.01 -5.37 20.25
N TYR C 161 34.58 -4.46 19.47
CA TYR C 161 35.90 -4.65 18.89
C TYR C 161 36.67 -3.36 19.08
N PHE C 162 37.67 -3.40 19.95
CA PHE C 162 38.42 -2.20 20.29
C PHE C 162 39.86 -2.23 19.84
N GLY C 163 40.45 -3.41 19.59
CA GLY C 163 41.83 -3.52 19.21
C GLY C 163 42.63 -4.34 20.22
N GLU C 164 43.87 -3.93 20.46
CA GLU C 164 44.75 -4.58 21.42
C GLU C 164 45.49 -3.63 22.34
N HIS C 165 45.66 -2.39 21.98
CA HIS C 165 46.50 -1.45 22.71
C HIS C 165 45.66 -0.51 23.54
N PRO C 166 46.22 0.07 24.61
CA PRO C 166 45.43 1.01 25.42
C PRO C 166 45.10 2.31 24.73
N LEU C 167 45.85 2.74 23.71
CA LEU C 167 45.41 3.86 22.87
C LEU C 167 44.14 3.50 22.12
N SER C 168 44.06 2.26 21.63
CA SER C 168 42.92 1.82 20.85
C SER C 168 41.64 1.79 21.68
N PHE C 169 41.75 1.48 22.97
CA PHE C 169 40.56 1.38 23.80
C PHE C 169 40.00 2.76 24.12
N ALA C 170 40.89 3.72 24.43
CA ALA C 170 40.46 5.06 24.78
C ALA C 170 39.88 5.82 23.59
N ALA C 171 40.37 5.49 22.39
CA ALA C 171 39.80 6.09 21.19
C ALA C 171 38.37 5.63 20.96
N CYS C 172 38.04 4.40 21.36
CA CYS C 172 36.76 3.80 21.05
C CYS C 172 35.68 4.05 22.08
N VAL C 173 36.04 4.39 23.32
CA VAL C 173 35.05 4.81 24.30
C VAL C 173 34.94 6.33 24.32
N ASN C 174 35.61 6.98 23.35
CA ASN C 174 35.57 8.43 23.12
C ASN C 174 36.09 9.20 24.35
N SER C 175 37.36 9.00 24.65
CA SER C 175 38.03 9.68 25.76
C SER C 175 39.23 10.46 25.24
N GLU C 176 39.07 11.76 25.07
CA GLU C 176 40.16 12.60 24.56
C GLU C 176 41.29 12.74 25.56
N GLU C 177 40.97 12.76 26.86
CA GLU C 177 41.94 12.99 27.91
C GLU C 177 42.95 11.86 27.98
N ILE C 178 42.49 10.62 27.90
CA ILE C 178 43.39 9.47 27.98
C ILE C 178 44.19 9.31 26.70
N VAL C 179 43.70 9.83 25.57
CA VAL C 179 44.49 9.83 24.33
C VAL C 179 45.71 10.73 24.47
N ARG C 180 45.55 11.91 25.07
CA ARG C 180 46.70 12.77 25.28
C ARG C 180 47.54 12.34 26.47
N LEU C 181 46.97 11.57 27.39
CA LEU C 181 47.69 11.13 28.57
C LEU C 181 48.58 9.93 28.27
N LEU C 182 48.37 9.26 27.14
CA LEU C 182 49.25 8.17 26.73
C LEU C 182 50.39 8.64 25.84
N ILE C 183 50.14 9.63 24.98
CA ILE C 183 51.21 10.17 24.13
C ILE C 183 52.26 10.88 24.97
N GLU C 184 51.85 11.48 26.09
CA GLU C 184 52.83 11.98 27.05
C GLU C 184 53.63 10.87 27.70
N HIS C 185 53.10 9.65 27.75
CA HIS C 185 53.75 8.57 28.48
C HIS C 185 54.31 7.48 27.57
N GLY C 186 54.67 7.83 26.35
CA GLY C 186 55.44 6.93 25.51
C GLY C 186 54.61 5.93 24.75
N ALA C 187 53.45 6.34 24.27
CA ALA C 187 52.61 5.45 23.48
C ALA C 187 53.06 5.48 22.03
N ASP C 188 52.24 4.93 21.14
CA ASP C 188 52.57 4.83 19.73
C ASP C 188 51.28 4.73 18.93
N ILE C 189 51.07 5.66 18.01
CA ILE C 189 49.83 5.64 17.24
C ILE C 189 49.95 4.76 15.99
N ARG C 190 51.17 4.44 15.58
CA ARG C 190 51.38 3.59 14.43
C ARG C 190 51.34 2.10 14.79
N ALA C 191 50.89 1.75 15.99
CA ALA C 191 50.82 0.37 16.43
C ALA C 191 49.58 -0.32 15.88
N GLN C 192 49.69 -1.62 15.63
CA GLN C 192 48.67 -2.37 14.93
C GLN C 192 48.22 -3.59 15.73
N ASP C 193 47.08 -4.14 15.31
CA ASP C 193 46.55 -5.36 15.88
C ASP C 193 47.27 -6.57 15.29
N SER C 194 46.76 -7.76 15.62
CA SER C 194 47.15 -8.95 14.90
C SER C 194 46.51 -9.00 13.52
N LEU C 195 45.41 -8.29 13.32
CA LEU C 195 44.80 -8.11 12.01
C LEU C 195 45.49 -7.05 11.18
N GLY C 196 46.39 -6.27 11.78
CA GLY C 196 47.06 -5.20 11.08
C GLY C 196 46.35 -3.86 11.13
N ASN C 197 45.18 -3.81 11.76
CA ASN C 197 44.46 -2.55 11.90
C ASN C 197 45.20 -1.61 12.82
N THR C 198 45.47 -0.41 12.34
CA THR C 198 45.95 0.65 13.20
C THR C 198 44.78 1.21 13.99
N VAL C 199 45.04 2.23 14.81
CA VAL C 199 43.95 2.81 15.57
C VAL C 199 43.01 3.60 14.66
N LEU C 200 43.48 4.05 13.50
CA LEU C 200 42.60 4.78 12.60
C LEU C 200 41.62 3.85 11.90
N HIS C 201 42.04 2.61 11.62
CA HIS C 201 41.15 1.58 11.10
C HIS C 201 40.03 1.25 12.07
N ILE C 202 40.33 1.22 13.37
CA ILE C 202 39.39 0.72 14.35
C ILE C 202 38.27 1.70 14.60
N LEU C 203 38.52 3.01 14.47
CA LEU C 203 37.46 4.00 14.61
C LEU C 203 36.41 3.88 13.52
N ILE C 204 36.81 3.47 12.33
CA ILE C 204 35.86 3.24 11.23
C ILE C 204 34.95 2.06 11.53
N LEU C 205 35.42 1.11 12.32
CA LEU C 205 34.62 -0.06 12.65
C LEU C 205 33.67 0.18 13.81
N GLN C 206 33.57 1.40 14.34
CA GLN C 206 32.82 1.56 15.58
C GLN C 206 31.34 1.77 15.31
N PRO C 207 30.45 1.39 16.23
CA PRO C 207 29.01 1.62 16.00
C PRO C 207 28.59 3.06 16.14
N ASN C 208 29.42 3.92 16.72
CA ASN C 208 29.04 5.30 17.02
C ASN C 208 29.84 6.20 16.10
N LYS C 209 29.21 6.57 14.98
CA LYS C 209 29.94 7.05 13.81
C LYS C 209 30.51 8.45 14.01
N THR C 210 29.70 9.36 14.56
CA THR C 210 30.07 10.77 14.61
C THR C 210 31.19 11.02 15.62
N PHE C 211 31.18 10.28 16.73
CA PHE C 211 32.27 10.37 17.69
C PHE C 211 33.58 9.81 17.14
N ALA C 212 33.49 8.90 16.17
CA ALA C 212 34.69 8.38 15.54
C ALA C 212 35.34 9.42 14.62
N CYS C 213 34.53 10.34 14.07
CA CYS C 213 35.09 11.41 13.24
C CYS C 213 35.98 12.34 14.06
N GLN C 214 35.58 12.63 15.31
CA GLN C 214 36.35 13.54 16.13
C GLN C 214 37.62 12.89 16.64
N MET C 215 37.56 11.59 16.96
CA MET C 215 38.77 10.86 17.31
C MET C 215 39.72 10.77 16.14
N TYR C 216 39.18 10.61 14.93
CA TYR C 216 40.01 10.55 13.74
C TYR C 216 40.79 11.84 13.52
N ASN C 217 40.14 13.00 13.71
CA ASN C 217 40.87 14.27 13.61
C ASN C 217 41.83 14.48 14.76
N LEU C 218 41.54 13.92 15.94
CA LEU C 218 42.45 14.07 17.07
C LEU C 218 43.67 13.19 16.92
N LEU C 219 43.49 11.95 16.48
CA LEU C 219 44.58 10.99 16.44
C LEU C 219 45.49 11.18 15.22
N LEU C 220 44.94 11.67 14.10
CA LEU C 220 45.76 11.87 12.91
C LEU C 220 46.71 13.05 13.04
N SER C 221 46.40 13.99 13.93
CA SER C 221 47.17 15.21 14.12
C SER C 221 48.45 14.99 14.94
N TYR C 222 48.92 13.76 15.09
CA TYR C 222 50.15 13.44 15.79
C TYR C 222 51.12 12.65 14.91
N ASP C 223 51.28 13.01 13.64
CA ASP C 223 52.31 12.34 12.83
C ASP C 223 53.70 12.88 13.17
N ARG C 224 53.95 14.14 12.78
CA ARG C 224 55.06 14.98 13.28
C ARG C 224 56.46 14.37 13.11
N HIS C 225 56.67 13.55 12.09
CA HIS C 225 57.98 12.94 11.84
C HIS C 225 58.22 12.83 10.34
N GLY C 226 59.29 13.47 9.87
CA GLY C 226 59.62 13.47 8.47
C GLY C 226 60.54 12.34 8.04
N ASP C 227 61.30 11.78 8.99
CA ASP C 227 62.19 10.68 8.64
C ASP C 227 61.42 9.40 8.35
N HIS C 228 60.31 9.17 9.06
CA HIS C 228 59.38 8.13 8.67
C HIS C 228 58.60 8.58 7.45
N LEU C 229 58.39 7.66 6.51
CA LEU C 229 57.82 8.01 5.22
C LEU C 229 56.32 7.83 5.14
N GLN C 230 55.74 7.00 6.00
CA GLN C 230 54.36 6.61 5.76
C GLN C 230 53.41 7.47 6.57
N PRO C 231 52.42 8.09 5.93
CA PRO C 231 51.34 8.73 6.70
C PRO C 231 50.47 7.69 7.37
N LEU C 232 49.88 8.08 8.51
CA LEU C 232 49.08 7.13 9.29
C LEU C 232 47.77 6.76 8.60
N ASP C 233 47.21 7.66 7.80
CA ASP C 233 46.00 7.34 7.06
C ASP C 233 46.27 6.59 5.75
N LEU C 234 47.54 6.30 5.45
CA LEU C 234 47.92 5.47 4.30
C LEU C 234 48.32 4.06 4.71
N VAL C 235 48.45 3.77 5.99
CA VAL C 235 48.97 2.49 6.46
C VAL C 235 47.92 1.40 6.28
N PRO C 236 48.20 0.32 5.56
CA PRO C 236 47.19 -0.72 5.35
C PRO C 236 47.21 -1.79 6.43
N ASN C 237 46.03 -2.37 6.64
CA ASN C 237 45.92 -3.59 7.42
C ASN C 237 46.26 -4.79 6.53
N HIS C 238 46.05 -6.00 7.04
CA HIS C 238 46.54 -7.19 6.35
C HIS C 238 45.72 -7.57 5.13
N GLN C 239 44.54 -6.99 4.95
CA GLN C 239 43.81 -7.10 3.70
C GLN C 239 44.22 -6.04 2.70
N GLY C 240 45.27 -5.27 2.99
CA GLY C 240 45.76 -4.26 2.07
C GLY C 240 44.83 -3.08 1.92
N LEU C 241 44.06 -2.76 2.95
CA LEU C 241 43.05 -1.73 2.87
C LEU C 241 43.52 -0.54 3.70
N THR C 242 43.38 0.65 3.15
CA THR C 242 43.60 1.88 3.91
C THR C 242 42.42 2.11 4.85
N PRO C 243 42.47 3.11 5.73
CA PRO C 243 41.22 3.51 6.41
C PRO C 243 40.15 4.02 5.45
N PHE C 244 40.54 4.69 4.37
CA PHE C 244 39.58 5.19 3.39
C PHE C 244 38.85 4.04 2.72
N LYS C 245 39.59 3.02 2.29
CA LYS C 245 38.94 1.86 1.69
C LYS C 245 38.19 1.03 2.72
N LEU C 246 38.62 1.04 3.97
CA LEU C 246 37.88 0.34 5.01
C LEU C 246 36.55 1.02 5.29
N ALA C 247 36.49 2.34 5.14
CA ALA C 247 35.20 3.02 5.23
C ALA C 247 34.30 2.66 4.05
N GLY C 248 34.89 2.36 2.89
CA GLY C 248 34.10 1.94 1.75
C GLY C 248 33.53 0.53 1.89
N VAL C 249 34.35 -0.41 2.35
CA VAL C 249 33.94 -1.81 2.49
C VAL C 249 32.87 -1.98 3.55
N GLU C 250 32.92 -1.19 4.62
CA GLU C 250 32.03 -1.38 5.76
C GLU C 250 30.74 -0.58 5.69
N GLY C 251 30.58 0.26 4.68
CA GLY C 251 29.39 1.07 4.60
C GLY C 251 29.34 2.25 5.53
N ASN C 252 30.49 2.69 6.05
CA ASN C 252 30.56 3.83 6.94
C ASN C 252 30.55 5.08 6.06
N THR C 253 29.36 5.62 5.81
CA THR C 253 29.23 6.69 4.84
C THR C 253 29.65 8.04 5.40
N VAL C 254 29.55 8.26 6.71
CA VAL C 254 29.92 9.58 7.22
C VAL C 254 31.42 9.68 7.45
N MET C 255 32.11 8.56 7.66
CA MET C 255 33.56 8.57 7.59
C MET C 255 34.06 8.53 6.16
N PHE C 256 33.22 8.13 5.20
CA PHE C 256 33.64 8.18 3.81
C PHE C 256 33.67 9.62 3.30
N GLN C 257 32.61 10.38 3.60
CA GLN C 257 32.52 11.78 3.16
C GLN C 257 33.55 12.64 3.86
N HIS C 258 33.79 12.35 5.14
CA HIS C 258 34.82 13.05 5.90
C HIS C 258 36.21 12.79 5.34
N LEU C 259 36.51 11.54 5.00
CA LEU C 259 37.79 11.21 4.39
C LEU C 259 37.94 11.80 3.00
N MET C 260 36.84 12.17 2.35
CA MET C 260 36.89 12.64 0.98
C MET C 260 37.44 14.06 0.86
N GLN C 261 37.39 14.86 1.94
CA GLN C 261 37.93 16.21 1.90
C GLN C 261 39.46 16.24 1.83
N LYS C 262 40.13 15.16 2.23
CA LYS C 262 41.56 15.05 1.96
C LYS C 262 41.84 14.86 0.47
N ARG C 263 40.82 14.45 -0.28
CA ARG C 263 40.98 14.07 -1.67
C ARG C 263 40.22 14.97 -2.62
N LYS C 264 39.70 16.10 -2.15
CA LYS C 264 39.11 17.13 -2.99
C LYS C 264 40.10 18.25 -3.23
N HIS C 265 39.81 19.07 -4.23
CA HIS C 265 40.49 20.34 -4.45
C HIS C 265 39.53 21.26 -5.17
N THR C 266 39.23 22.41 -4.56
CA THR C 266 38.28 23.38 -5.11
C THR C 266 39.01 24.28 -6.10
N GLN C 267 38.68 24.17 -7.38
CA GLN C 267 39.36 24.94 -8.41
C GLN C 267 38.94 26.40 -8.37
N TRP C 268 37.65 26.67 -8.37
CA TRP C 268 37.11 28.02 -8.36
C TRP C 268 35.69 27.99 -7.85
N THR C 269 35.21 29.17 -7.45
CA THR C 269 33.82 29.35 -7.05
C THR C 269 33.26 30.53 -7.82
N TYR C 270 32.17 30.29 -8.55
CA TYR C 270 31.57 31.29 -9.42
C TYR C 270 30.13 31.44 -8.98
N GLY C 271 29.91 32.35 -8.03
CA GLY C 271 28.62 32.57 -7.42
C GLY C 271 28.07 31.30 -6.79
N PRO C 272 26.98 30.79 -7.36
CA PRO C 272 26.43 29.51 -6.91
C PRO C 272 27.17 28.29 -7.42
N LEU C 273 28.14 28.44 -8.31
CA LEU C 273 28.86 27.32 -8.89
C LEU C 273 30.21 27.13 -8.20
N THR C 274 30.66 25.87 -8.17
CA THR C 274 32.06 25.60 -7.88
C THR C 274 32.50 24.37 -8.65
N SER C 275 33.80 24.35 -8.98
CA SER C 275 34.42 23.27 -9.74
C SER C 275 35.35 22.51 -8.80
N THR C 276 34.96 21.30 -8.45
CA THR C 276 35.73 20.49 -7.51
C THR C 276 36.44 19.39 -8.28
N LEU C 277 37.70 19.16 -7.95
CA LEU C 277 38.51 18.14 -8.58
C LEU C 277 38.77 17.04 -7.57
N TYR C 278 38.42 15.80 -7.93
CA TYR C 278 38.49 14.66 -7.03
C TYR C 278 39.69 13.79 -7.35
N ASP C 279 40.32 13.25 -6.31
CA ASP C 279 41.64 12.65 -6.45
C ASP C 279 41.58 11.32 -7.18
N LEU C 280 40.57 10.49 -6.87
CA LEU C 280 40.14 9.35 -7.70
C LEU C 280 41.22 8.26 -7.80
N THR C 281 42.24 8.31 -6.94
CA THR C 281 43.37 7.40 -7.01
C THR C 281 43.06 6.06 -6.34
N GLU C 282 42.47 6.11 -5.14
CA GLU C 282 42.09 4.91 -4.43
C GLU C 282 40.65 4.48 -4.68
N ILE C 283 39.93 5.19 -5.53
CA ILE C 283 38.56 4.85 -5.86
C ILE C 283 38.48 4.07 -7.17
N ASP C 284 39.27 4.48 -8.15
CA ASP C 284 39.33 3.78 -9.42
C ASP C 284 40.51 2.81 -9.40
N SER C 285 40.54 1.93 -10.40
CA SER C 285 41.49 0.83 -10.41
C SER C 285 42.84 1.27 -10.99
N SER C 286 43.92 0.73 -10.42
CA SER C 286 45.28 1.06 -10.83
C SER C 286 46.11 -0.18 -11.11
N GLY C 287 45.49 -1.24 -11.62
CA GLY C 287 46.24 -2.42 -12.01
C GLY C 287 45.86 -3.68 -11.25
N ASP C 288 46.83 -4.31 -10.60
CA ASP C 288 46.58 -5.52 -9.83
C ASP C 288 46.12 -5.24 -8.41
N GLU C 289 46.31 -4.04 -7.91
CA GLU C 289 45.83 -3.67 -6.59
C GLU C 289 44.32 -3.51 -6.62
N GLN C 290 43.65 -4.00 -5.58
CA GLN C 290 42.19 -3.98 -5.54
C GLN C 290 41.68 -2.59 -5.21
N SER C 291 40.50 -2.27 -5.74
CA SER C 291 40.01 -0.91 -5.80
C SER C 291 38.64 -0.79 -5.13
N LEU C 292 38.21 0.45 -4.94
CA LEU C 292 37.02 0.72 -4.12
C LEU C 292 35.75 0.28 -4.82
N LEU C 293 35.66 0.46 -6.14
CA LEU C 293 34.48 0.02 -6.88
C LEU C 293 34.34 -1.49 -6.85
N GLU C 294 35.44 -2.21 -7.04
CA GLU C 294 35.39 -3.66 -7.01
C GLU C 294 35.22 -4.20 -5.60
N LEU C 295 35.65 -3.47 -4.57
CA LEU C 295 35.48 -3.94 -3.21
C LEU C 295 34.04 -3.84 -2.72
N ILE C 296 33.32 -2.79 -3.12
CA ILE C 296 31.92 -2.63 -2.72
C ILE C 296 31.07 -3.75 -3.30
N ILE C 297 31.34 -4.10 -4.56
CA ILE C 297 30.58 -5.15 -5.23
C ILE C 297 30.90 -6.51 -4.62
N THR C 298 32.17 -6.82 -4.45
CA THR C 298 32.59 -8.16 -4.06
C THR C 298 32.68 -8.33 -2.56
N THR C 299 32.13 -7.43 -1.77
CA THR C 299 32.03 -7.66 -0.34
C THR C 299 30.64 -8.17 -0.01
N LYS C 300 30.56 -8.88 1.12
CA LYS C 300 29.32 -9.48 1.57
C LYS C 300 28.38 -8.47 2.22
N LYS C 301 28.87 -7.27 2.52
CA LYS C 301 28.08 -6.29 3.25
C LYS C 301 27.19 -5.49 2.32
N ARG C 302 26.00 -5.15 2.81
CA ARG C 302 25.02 -4.45 1.99
C ARG C 302 25.00 -2.95 2.22
N GLU C 303 25.55 -2.47 3.34
CA GLU C 303 25.59 -1.03 3.60
C GLU C 303 26.65 -0.33 2.77
N ALA C 304 27.55 -1.08 2.13
CA ALA C 304 28.54 -0.50 1.24
C ALA C 304 27.93 0.06 -0.04
N ARG C 305 26.74 -0.39 -0.43
CA ARG C 305 26.09 0.10 -1.63
C ARG C 305 25.56 1.52 -1.49
N GLN C 306 25.45 2.05 -0.28
CA GLN C 306 25.10 3.47 -0.13
C GLN C 306 26.24 4.36 -0.58
N ILE C 307 27.49 3.90 -0.43
CA ILE C 307 28.67 4.63 -0.86
C ILE C 307 28.75 4.75 -2.37
N LEU C 308 28.06 3.87 -3.07
CA LEU C 308 28.05 3.85 -4.53
C LEU C 308 27.26 5.02 -5.11
N ASP C 309 26.59 5.81 -4.26
CA ASP C 309 25.87 7.03 -4.61
C ASP C 309 26.59 8.32 -4.19
N GLN C 310 27.83 8.23 -3.70
CA GLN C 310 28.50 9.42 -3.17
C GLN C 310 29.18 10.22 -4.28
N THR C 311 29.56 11.45 -3.93
CA THR C 311 30.01 12.50 -4.85
C THR C 311 31.29 12.31 -5.68
N PRO C 312 32.24 11.42 -5.36
CA PRO C 312 33.21 11.07 -6.41
C PRO C 312 32.86 9.79 -7.15
N VAL C 313 31.96 8.98 -6.59
CA VAL C 313 31.75 7.61 -7.03
C VAL C 313 30.56 7.50 -7.96
N LYS C 314 29.49 8.22 -7.65
CA LYS C 314 28.31 8.27 -8.50
C LYS C 314 28.62 8.86 -9.87
N GLU C 315 29.49 9.87 -9.91
CA GLU C 315 29.86 10.47 -11.17
C GLU C 315 30.84 9.62 -11.95
N LEU C 316 31.75 8.93 -11.23
CA LEU C 316 32.71 8.04 -11.87
C LEU C 316 32.01 6.87 -12.55
N VAL C 317 31.00 6.31 -11.90
CA VAL C 317 30.28 5.16 -12.45
C VAL C 317 29.47 5.57 -13.68
N SER C 318 28.68 6.64 -13.57
CA SER C 318 27.93 7.17 -14.69
C SER C 318 28.83 7.64 -15.83
N LEU C 319 30.08 7.98 -15.54
CA LEU C 319 31.02 8.35 -16.58
C LEU C 319 31.37 7.15 -17.45
N LYS C 320 31.88 6.09 -16.83
CA LYS C 320 32.37 4.94 -17.59
C LYS C 320 31.26 4.02 -18.07
N TRP C 321 30.05 4.10 -17.53
CA TRP C 321 28.95 3.36 -18.13
C TRP C 321 28.42 4.06 -19.38
N LYS C 322 28.16 5.36 -19.28
CA LYS C 322 27.62 6.10 -20.42
C LYS C 322 28.59 6.24 -21.57
N ARG C 323 29.88 6.12 -21.31
CA ARG C 323 30.88 6.31 -22.35
C ARG C 323 31.45 5.01 -22.88
N TYR C 324 31.71 4.03 -22.01
CA TYR C 324 32.37 2.82 -22.47
C TYR C 324 31.61 1.57 -22.08
N GLY C 325 30.92 1.59 -20.95
CA GLY C 325 30.23 0.41 -20.46
C GLY C 325 29.04 0.03 -21.30
N ARG C 326 28.09 0.94 -21.43
CA ARG C 326 26.88 0.69 -22.22
C ARG C 326 27.12 0.40 -23.70
N PRO C 327 28.01 1.10 -24.44
CA PRO C 327 28.28 0.66 -25.83
C PRO C 327 28.86 -0.74 -25.95
N TYR C 328 29.76 -1.13 -25.06
CA TYR C 328 30.38 -2.44 -25.14
C TYR C 328 29.42 -3.53 -24.71
N PHE C 329 28.56 -3.22 -23.74
CA PHE C 329 27.57 -4.18 -23.28
C PHE C 329 26.48 -4.40 -24.31
N CYS C 330 26.25 -3.42 -25.19
CA CYS C 330 25.30 -3.61 -26.28
C CYS C 330 25.92 -4.30 -27.48
N MET C 331 27.23 -4.14 -27.70
CA MET C 331 27.89 -4.91 -28.74
C MET C 331 28.15 -6.33 -28.30
N LEU C 332 28.18 -6.58 -27.01
CA LEU C 332 28.35 -7.92 -26.50
C LEU C 332 27.03 -8.67 -26.51
N GLY C 333 25.93 -7.97 -26.27
CA GLY C 333 24.61 -8.56 -26.37
C GLY C 333 24.08 -8.72 -27.77
N ALA C 334 24.60 -7.93 -28.72
CA ALA C 334 24.24 -8.13 -30.11
C ALA C 334 25.02 -9.28 -30.73
N ILE C 335 26.23 -9.53 -30.26
CA ILE C 335 26.97 -10.72 -30.70
C ILE C 335 26.35 -11.97 -30.09
N TYR C 336 25.99 -11.91 -28.80
CA TYR C 336 25.42 -13.07 -28.14
C TYR C 336 24.08 -13.45 -28.74
N LEU C 337 23.29 -12.46 -29.14
CA LEU C 337 21.99 -12.74 -29.73
C LEU C 337 22.14 -13.41 -31.09
N LEU C 338 23.10 -12.97 -31.90
CA LEU C 338 23.34 -13.64 -33.18
C LEU C 338 23.91 -15.03 -32.99
N TYR C 339 24.70 -15.23 -31.95
CA TYR C 339 25.27 -16.54 -31.67
C TYR C 339 24.20 -17.55 -31.28
N ILE C 340 23.20 -17.12 -30.52
CA ILE C 340 22.12 -18.03 -30.11
C ILE C 340 21.15 -18.27 -31.26
N ILE C 341 20.92 -17.27 -32.10
CA ILE C 341 20.12 -17.46 -33.31
C ILE C 341 20.80 -18.43 -34.26
N CYS C 342 22.13 -18.37 -34.34
CA CYS C 342 22.86 -19.37 -35.11
C CYS C 342 22.78 -20.75 -34.47
N PHE C 343 22.87 -20.82 -33.14
CA PHE C 343 22.71 -22.09 -32.45
C PHE C 343 21.30 -22.65 -32.59
N THR C 344 20.29 -21.78 -32.60
CA THR C 344 18.90 -22.24 -32.69
C THR C 344 18.62 -22.85 -34.05
N MET C 345 19.20 -22.29 -35.11
CA MET C 345 19.02 -22.86 -36.45
C MET C 345 19.68 -24.22 -36.59
N CYS C 346 20.78 -24.46 -35.89
CA CYS C 346 21.45 -25.75 -35.99
C CYS C 346 20.65 -26.85 -35.29
N CYS C 347 19.84 -26.48 -34.31
CA CYS C 347 18.97 -27.46 -33.67
C CYS C 347 17.70 -27.69 -34.46
N ILE C 348 17.18 -26.65 -35.12
CA ILE C 348 16.00 -26.80 -35.96
C ILE C 348 16.32 -27.66 -37.17
N TYR C 349 17.54 -27.57 -37.68
CA TYR C 349 17.95 -28.35 -38.85
C TYR C 349 18.80 -29.56 -38.49
N ARG C 350 18.66 -30.08 -37.28
CA ARG C 350 19.45 -31.22 -36.84
C ARG C 350 19.12 -32.47 -37.68
N PRO C 351 20.10 -33.36 -37.90
CA PRO C 351 19.93 -34.42 -38.90
C PRO C 351 18.99 -35.51 -38.42
N LEU C 352 17.91 -35.73 -39.16
CA LEU C 352 16.90 -36.70 -38.79
C LEU C 352 16.52 -37.52 -40.02
N LYS C 353 16.22 -38.79 -39.81
CA LYS C 353 15.85 -39.70 -40.89
C LYS C 353 14.66 -40.51 -40.46
N PRO C 354 13.91 -41.11 -41.39
CA PRO C 354 12.84 -42.04 -41.01
C PRO C 354 13.35 -43.23 -40.22
N ARG C 355 12.53 -43.69 -39.28
CA ARG C 355 12.93 -44.74 -38.36
C ARG C 355 13.09 -46.08 -39.09
N THR C 356 14.01 -46.90 -38.58
CA THR C 356 14.37 -48.15 -39.24
C THR C 356 13.53 -49.33 -38.77
N ASN C 357 13.54 -49.60 -37.47
CA ASN C 357 12.69 -50.68 -36.98
C ASN C 357 11.24 -50.22 -36.93
N ASN C 358 10.34 -51.20 -36.87
CA ASN C 358 8.93 -50.87 -36.80
C ASN C 358 8.56 -50.51 -35.36
N ARG C 359 7.34 -49.97 -35.20
CA ARG C 359 6.91 -49.56 -33.86
C ARG C 359 6.63 -50.79 -33.01
N THR C 360 6.90 -50.67 -31.72
CA THR C 360 6.84 -51.81 -30.83
C THR C 360 5.49 -51.98 -30.15
N SER C 361 4.63 -50.97 -30.22
CA SER C 361 3.39 -50.91 -29.46
C SER C 361 2.55 -49.77 -30.03
N PRO C 362 1.23 -49.77 -29.79
CA PRO C 362 0.42 -48.61 -30.23
C PRO C 362 0.68 -47.34 -29.46
N ARG C 363 1.39 -47.40 -28.34
CA ARG C 363 1.81 -46.19 -27.64
C ARG C 363 3.10 -45.61 -28.19
N ASP C 364 3.70 -46.23 -29.20
CA ASP C 364 4.94 -45.73 -29.77
C ASP C 364 4.61 -44.66 -30.79
N ASN C 365 5.07 -43.44 -30.56
CA ASN C 365 4.70 -42.30 -31.37
C ASN C 365 5.81 -41.86 -32.32
N THR C 366 6.99 -42.45 -32.20
CA THR C 366 8.16 -41.96 -32.88
C THR C 366 8.10 -42.25 -34.38
N LEU C 367 8.30 -41.22 -35.19
CA LEU C 367 8.41 -41.41 -36.63
C LEU C 367 9.84 -41.38 -37.13
N LEU C 368 10.71 -40.65 -36.45
CA LEU C 368 12.00 -40.27 -36.98
C LEU C 368 13.08 -40.58 -35.96
N GLN C 369 14.28 -40.83 -36.43
CA GLN C 369 15.42 -40.92 -35.55
C GLN C 369 16.56 -40.13 -36.15
N GLN C 370 17.58 -39.90 -35.36
CA GLN C 370 18.67 -39.06 -35.81
C GLN C 370 19.66 -39.88 -36.64
N LYS C 371 20.34 -39.19 -37.54
CA LYS C 371 21.29 -39.84 -38.44
C LYS C 371 22.60 -40.13 -37.72
N LEU C 372 23.36 -41.06 -38.28
CA LEU C 372 24.72 -41.30 -37.83
C LEU C 372 25.64 -40.22 -38.38
N LEU C 373 26.87 -40.19 -37.86
CA LEU C 373 27.84 -39.18 -38.30
C LEU C 373 28.23 -39.36 -39.76
N GLN C 374 28.27 -40.60 -40.23
CA GLN C 374 28.63 -40.85 -41.63
C GLN C 374 27.52 -40.42 -42.58
N GLU C 375 26.29 -40.30 -42.08
CA GLU C 375 25.13 -39.94 -42.87
C GLU C 375 24.73 -38.49 -42.73
N ALA C 376 25.17 -37.82 -41.66
CA ALA C 376 24.69 -36.49 -41.34
C ALA C 376 25.45 -35.37 -42.03
N TYR C 377 26.48 -35.67 -42.82
CA TYR C 377 27.17 -34.63 -43.60
C TYR C 377 27.40 -35.17 -45.00
N MET C 378 26.36 -35.10 -45.85
CA MET C 378 26.41 -35.66 -47.19
C MET C 378 25.68 -34.80 -48.22
N THR C 379 25.46 -33.53 -47.96
CA THR C 379 24.77 -32.64 -48.88
C THR C 379 25.27 -31.23 -48.64
N PRO C 380 25.17 -30.35 -49.64
CA PRO C 380 25.46 -28.92 -49.40
C PRO C 380 24.58 -28.26 -48.35
N LYS C 381 23.41 -28.82 -48.05
CA LYS C 381 22.58 -28.29 -46.98
C LYS C 381 23.13 -28.63 -45.61
N ASP C 382 23.95 -29.68 -45.52
CA ASP C 382 24.61 -30.05 -44.28
C ASP C 382 25.82 -29.17 -43.98
N ASP C 383 26.53 -28.70 -45.01
CA ASP C 383 27.72 -27.93 -44.78
C ASP C 383 27.42 -26.49 -44.38
N ILE C 384 26.25 -25.97 -44.74
CA ILE C 384 25.79 -24.71 -44.14
C ILE C 384 25.53 -24.92 -42.66
N ARG C 385 25.04 -26.09 -42.28
CA ARG C 385 24.81 -26.36 -40.87
C ARG C 385 26.12 -26.63 -40.13
N LEU C 386 27.10 -27.20 -40.81
CA LEU C 386 28.39 -27.47 -40.16
C LEU C 386 29.14 -26.19 -39.81
N VAL C 387 28.96 -25.13 -40.60
CA VAL C 387 29.51 -23.82 -40.26
C VAL C 387 28.89 -23.31 -38.98
N GLY C 388 27.56 -23.36 -38.88
CA GLY C 388 26.90 -22.92 -37.67
C GLY C 388 27.17 -23.80 -36.47
N GLU C 389 27.34 -25.10 -36.70
CA GLU C 389 27.67 -25.99 -35.61
C GLU C 389 29.08 -25.75 -35.12
N LEU C 390 30.02 -25.45 -36.03
CA LEU C 390 31.38 -25.18 -35.60
C LEU C 390 31.47 -23.83 -34.90
N VAL C 391 30.72 -22.84 -35.38
CA VAL C 391 30.60 -21.54 -34.69
C VAL C 391 30.04 -21.73 -33.29
N THR C 392 29.02 -22.59 -33.16
CA THR C 392 28.43 -22.87 -31.86
C THR C 392 29.44 -23.54 -30.93
N VAL C 393 30.20 -24.50 -31.45
CA VAL C 393 31.20 -25.19 -30.65
C VAL C 393 32.34 -24.27 -30.27
N ILE C 394 32.82 -23.45 -31.22
CA ILE C 394 33.87 -22.48 -30.94
C ILE C 394 33.41 -21.46 -29.89
N GLY C 395 32.14 -21.06 -29.96
CA GLY C 395 31.62 -20.13 -28.98
C GLY C 395 31.56 -20.70 -27.57
N ALA C 396 31.19 -21.99 -27.45
CA ALA C 396 31.11 -22.61 -26.14
C ALA C 396 32.49 -22.83 -25.52
N ILE C 397 33.52 -23.02 -26.34
CA ILE C 397 34.87 -23.12 -25.82
C ILE C 397 35.37 -21.77 -25.31
N ILE C 398 35.09 -20.69 -26.05
CA ILE C 398 35.49 -19.35 -25.63
C ILE C 398 34.72 -18.91 -24.38
N ILE C 399 33.49 -19.41 -24.19
CA ILE C 399 32.79 -19.18 -22.94
C ILE C 399 33.47 -19.90 -21.79
N LEU C 400 33.95 -21.12 -22.04
CA LEU C 400 34.65 -21.85 -21.00
C LEU C 400 36.10 -21.43 -20.83
N LEU C 401 36.65 -20.64 -21.75
CA LEU C 401 38.03 -20.16 -21.57
C LEU C 401 38.10 -18.83 -20.84
N VAL C 402 36.99 -18.14 -20.64
CA VAL C 402 37.01 -16.86 -19.93
C VAL C 402 36.22 -16.92 -18.64
N GLU C 403 35.73 -18.10 -18.26
CA GLU C 403 34.91 -18.24 -17.06
C GLU C 403 35.45 -19.34 -16.16
N VAL C 404 35.95 -20.42 -16.75
CA VAL C 404 36.54 -21.52 -15.99
C VAL C 404 37.99 -21.23 -15.57
N PRO C 405 38.89 -20.63 -16.38
CA PRO C 405 40.21 -20.25 -15.83
C PRO C 405 40.16 -19.15 -14.77
N ASP C 406 39.02 -18.51 -14.55
CA ASP C 406 38.89 -17.51 -13.51
C ASP C 406 38.32 -18.07 -12.22
N ILE C 407 38.59 -19.35 -11.92
CA ILE C 407 38.36 -19.90 -10.59
C ILE C 407 39.59 -20.59 -10.03
N PHE C 408 40.57 -20.97 -10.85
CA PHE C 408 41.70 -21.72 -10.36
C PHE C 408 42.76 -20.83 -9.74
N ARG C 409 42.83 -19.57 -10.18
CA ARG C 409 43.54 -18.54 -9.44
C ARG C 409 42.63 -17.82 -8.45
N MET C 410 41.32 -17.89 -8.67
CA MET C 410 40.30 -17.29 -7.81
C MET C 410 39.85 -18.37 -6.83
N GLY C 411 38.71 -18.19 -6.16
CA GLY C 411 38.15 -19.29 -5.37
C GLY C 411 37.60 -20.36 -6.28
N VAL C 412 37.97 -21.63 -5.99
CA VAL C 412 37.65 -22.74 -6.88
C VAL C 412 36.15 -23.01 -6.90
N THR C 413 35.54 -23.22 -5.73
CA THR C 413 34.09 -23.23 -5.61
C THR C 413 33.60 -22.30 -4.51
N ARG C 414 34.50 -21.63 -3.78
CA ARG C 414 34.13 -20.80 -2.65
C ARG C 414 33.92 -19.34 -3.05
N PHE C 415 34.95 -18.69 -3.57
CA PHE C 415 34.84 -17.27 -3.88
C PHE C 415 34.08 -17.06 -5.19
N PHE C 416 34.19 -18.02 -6.12
CA PHE C 416 33.23 -18.06 -7.21
C PHE C 416 31.84 -18.40 -6.68
N GLY C 417 31.77 -19.29 -5.68
CA GLY C 417 30.50 -19.67 -5.11
C GLY C 417 29.80 -18.56 -4.34
N GLN C 418 30.56 -17.62 -3.78
CA GLN C 418 29.94 -16.48 -3.12
C GLN C 418 29.27 -15.56 -4.14
N THR C 419 29.93 -15.32 -5.28
CA THR C 419 29.47 -14.46 -6.36
C THR C 419 28.22 -14.95 -7.07
N ILE C 420 27.69 -16.14 -6.73
CA ILE C 420 26.53 -16.67 -7.42
C ILE C 420 25.27 -15.89 -7.05
N LEU C 421 25.22 -15.34 -5.83
CA LEU C 421 24.07 -14.51 -5.47
C LEU C 421 24.07 -13.18 -6.23
N GLY C 422 25.26 -12.68 -6.59
CA GLY C 422 25.31 -11.55 -7.50
C GLY C 422 24.96 -11.95 -8.92
N GLY C 423 25.48 -13.09 -9.37
CA GLY C 423 25.15 -13.58 -10.70
C GLY C 423 24.87 -15.06 -10.81
N PRO C 424 23.62 -15.40 -11.15
CA PRO C 424 23.34 -16.75 -11.64
C PRO C 424 23.69 -16.94 -13.10
N PHE C 425 23.89 -15.86 -13.86
CA PHE C 425 24.22 -16.00 -15.27
C PHE C 425 25.63 -16.49 -15.51
N HIS C 426 26.51 -16.43 -14.50
CA HIS C 426 27.75 -17.18 -14.56
C HIS C 426 27.47 -18.67 -14.69
N VAL C 427 26.58 -19.18 -13.85
CA VAL C 427 26.27 -20.60 -13.85
C VAL C 427 25.53 -20.96 -15.12
N LEU C 428 24.63 -20.09 -15.57
CA LEU C 428 23.81 -20.36 -16.75
C LEU C 428 24.63 -20.39 -18.03
N ILE C 429 25.65 -19.54 -18.14
CA ILE C 429 26.41 -19.52 -19.39
C ILE C 429 27.45 -20.65 -19.41
N ILE C 430 27.86 -21.16 -18.24
CA ILE C 430 28.73 -22.33 -18.22
C ILE C 430 27.92 -23.60 -18.40
N THR C 431 26.69 -23.63 -17.88
CA THR C 431 25.80 -24.76 -18.09
C THR C 431 25.37 -24.85 -19.55
N TYR C 432 25.15 -23.69 -20.19
CA TYR C 432 24.95 -23.65 -21.63
C TYR C 432 26.13 -24.27 -22.37
N ALA C 433 27.33 -23.78 -22.09
CA ALA C 433 28.53 -24.24 -22.81
C ALA C 433 28.87 -25.68 -22.47
N PHE C 434 28.48 -26.16 -21.28
CA PHE C 434 28.59 -27.58 -20.99
C PHE C 434 27.66 -28.40 -21.86
N MET C 435 26.40 -27.97 -22.01
CA MET C 435 25.43 -28.74 -22.78
C MET C 435 25.69 -28.65 -24.28
N VAL C 436 26.38 -27.63 -24.76
CA VAL C 436 26.78 -27.59 -26.16
C VAL C 436 27.82 -28.67 -26.44
N LEU C 437 28.82 -28.78 -25.57
CA LEU C 437 29.91 -29.71 -25.80
C LEU C 437 29.52 -31.15 -25.55
N VAL C 438 28.53 -31.40 -24.69
CA VAL C 438 27.98 -32.74 -24.57
C VAL C 438 27.27 -33.13 -25.86
N THR C 439 26.54 -32.18 -26.46
CA THR C 439 25.92 -32.43 -27.77
C THR C 439 26.98 -32.64 -28.84
N MET C 440 28.12 -31.96 -28.73
CA MET C 440 29.23 -32.19 -29.64
C MET C 440 29.77 -33.61 -29.52
N VAL C 441 29.99 -34.06 -28.28
CA VAL C 441 30.49 -35.41 -28.04
C VAL C 441 29.51 -36.46 -28.54
N MET C 442 28.22 -36.26 -28.25
CA MET C 442 27.19 -37.19 -28.69
C MET C 442 27.02 -37.17 -30.21
N ARG C 443 27.31 -36.05 -30.87
CA ARG C 443 27.35 -36.03 -32.32
C ARG C 443 28.58 -36.75 -32.85
N LEU C 444 29.71 -36.67 -32.14
CA LEU C 444 30.92 -37.32 -32.60
C LEU C 444 30.88 -38.84 -32.47
N ILE C 445 30.20 -39.36 -31.45
CA ILE C 445 30.22 -40.79 -31.18
C ILE C 445 28.88 -41.45 -31.53
N SER C 446 27.99 -40.71 -32.21
CA SER C 446 26.67 -41.17 -32.65
C SER C 446 25.81 -41.67 -31.49
N ALA C 447 25.90 -41.01 -30.35
CA ALA C 447 25.10 -41.39 -29.21
C ALA C 447 23.66 -40.94 -29.42
N SER C 448 22.73 -41.75 -28.95
CA SER C 448 21.32 -41.45 -29.08
C SER C 448 20.86 -40.56 -27.94
N GLY C 449 20.07 -39.54 -28.27
CA GLY C 449 19.48 -38.70 -27.25
C GLY C 449 20.04 -37.31 -27.22
N GLU C 450 20.38 -36.75 -28.38
CA GLU C 450 20.92 -35.40 -28.45
C GLU C 450 19.88 -34.35 -28.11
N VAL C 451 18.60 -34.69 -28.16
CA VAL C 451 17.55 -33.77 -27.77
C VAL C 451 17.61 -33.45 -26.28
N VAL C 452 18.23 -34.30 -25.47
CA VAL C 452 18.31 -34.04 -24.04
C VAL C 452 19.33 -32.92 -23.78
N PRO C 453 20.60 -32.95 -24.26
CA PRO C 453 21.44 -31.76 -24.02
C PRO C 453 21.05 -30.54 -24.83
N MET C 454 20.44 -30.72 -26.01
CA MET C 454 20.05 -29.57 -26.82
C MET C 454 18.92 -28.79 -26.17
N SER C 455 17.94 -29.47 -25.58
CA SER C 455 16.78 -28.78 -25.02
C SER C 455 17.16 -27.97 -23.79
N PHE C 456 18.06 -28.51 -22.96
CA PHE C 456 18.67 -27.71 -21.92
C PHE C 456 19.40 -26.51 -22.51
N ALA C 457 20.16 -26.73 -23.58
CA ALA C 457 20.95 -25.66 -24.17
C ALA C 457 20.09 -24.59 -24.83
N LEU C 458 18.95 -24.97 -25.44
CA LEU C 458 18.07 -23.95 -26.01
C LEU C 458 17.44 -23.09 -24.93
N VAL C 459 17.07 -23.70 -23.81
CA VAL C 459 16.46 -22.94 -22.73
C VAL C 459 17.51 -22.11 -22.00
N LEU C 460 18.66 -22.71 -21.70
CA LEU C 460 19.73 -21.99 -21.02
C LEU C 460 20.28 -20.87 -21.89
N GLY C 461 20.48 -21.13 -23.19
CA GLY C 461 21.06 -20.13 -24.06
C GLY C 461 20.16 -18.96 -24.34
N TRP C 462 18.86 -19.20 -24.49
CA TRP C 462 17.95 -18.09 -24.73
C TRP C 462 17.64 -17.32 -23.46
N CYS C 463 17.49 -17.99 -22.32
CA CYS C 463 17.22 -17.24 -21.08
C CYS C 463 18.43 -16.47 -20.58
N ASN C 464 19.63 -16.69 -21.12
CA ASN C 464 20.78 -15.84 -20.87
C ASN C 464 20.73 -14.51 -21.58
N VAL C 465 19.80 -14.31 -22.51
CA VAL C 465 19.60 -13.00 -23.12
C VAL C 465 19.07 -12.02 -22.07
N MET C 466 18.36 -12.53 -21.05
CA MET C 466 17.88 -11.71 -19.94
C MET C 466 19.01 -11.10 -19.11
N TYR C 467 20.24 -11.61 -19.23
CA TYR C 467 21.39 -10.95 -18.63
C TYR C 467 21.61 -9.57 -19.22
N PHE C 468 21.40 -9.40 -20.50
CA PHE C 468 21.64 -8.13 -21.16
C PHE C 468 20.52 -7.12 -20.97
N ALA C 469 19.48 -7.50 -20.24
CA ALA C 469 18.44 -6.57 -19.85
C ALA C 469 18.95 -5.49 -18.90
N ARG C 470 20.03 -5.77 -18.15
CA ARG C 470 20.53 -4.81 -17.19
C ARG C 470 21.19 -3.60 -17.84
N GLY C 471 21.54 -3.70 -19.10
CA GLY C 471 22.06 -2.55 -19.82
C GLY C 471 21.02 -1.64 -20.43
N PHE C 472 19.82 -1.63 -19.87
CA PHE C 472 18.73 -0.77 -20.35
C PHE C 472 17.99 -0.19 -19.16
N GLN C 473 17.48 1.03 -19.34
CA GLN C 473 16.72 1.70 -18.28
C GLN C 473 15.41 0.98 -18.00
N MET C 474 14.77 0.47 -19.04
CA MET C 474 13.45 -0.16 -18.90
C MET C 474 13.54 -1.53 -18.25
N LEU C 475 14.53 -2.32 -18.63
CA LEU C 475 14.51 -3.73 -18.33
C LEU C 475 15.34 -4.12 -17.13
N GLY C 476 16.23 -3.24 -16.70
CA GLY C 476 17.12 -3.51 -15.60
C GLY C 476 16.46 -3.76 -14.25
N PRO C 477 15.71 -2.79 -13.71
CA PRO C 477 15.05 -3.03 -12.42
C PRO C 477 13.95 -4.08 -12.46
N PHE C 478 13.37 -4.38 -13.62
CA PHE C 478 12.38 -5.45 -13.69
C PHE C 478 13.04 -6.82 -13.61
N THR C 479 14.24 -6.95 -14.17
CA THR C 479 14.88 -8.26 -14.25
C THR C 479 15.47 -8.69 -12.91
N ILE C 480 15.79 -7.74 -12.02
CA ILE C 480 16.23 -8.06 -10.67
C ILE C 480 15.08 -8.60 -9.83
N MET C 481 13.86 -8.08 -10.06
CA MET C 481 12.66 -8.59 -9.41
C MET C 481 12.45 -10.07 -9.67
N ILE C 482 12.83 -10.54 -10.85
CA ILE C 482 12.68 -11.95 -11.22
C ILE C 482 13.55 -12.85 -10.35
N GLN C 483 14.80 -12.45 -10.13
CA GLN C 483 15.72 -13.24 -9.31
C GLN C 483 15.29 -13.32 -7.86
N LYS C 484 14.86 -12.20 -7.30
CA LYS C 484 14.55 -12.17 -5.89
C LYS C 484 13.22 -12.81 -5.56
N MET C 485 12.39 -13.10 -6.55
CA MET C 485 11.20 -13.88 -6.28
C MET C 485 11.38 -15.37 -6.56
N ILE C 486 12.30 -15.75 -7.45
CA ILE C 486 12.52 -17.19 -7.64
C ILE C 486 13.32 -17.77 -6.48
N PHE C 487 14.32 -17.05 -5.98
CA PHE C 487 15.08 -17.55 -4.85
C PHE C 487 14.50 -17.09 -3.52
N GLY C 488 13.32 -16.48 -3.55
CA GLY C 488 12.56 -16.21 -2.36
C GLY C 488 11.22 -16.89 -2.42
N ASP C 489 10.22 -16.14 -2.87
CA ASP C 489 8.83 -16.55 -2.73
C ASP C 489 8.41 -17.66 -3.67
N LEU C 490 9.07 -17.82 -4.82
CA LEU C 490 8.69 -18.92 -5.69
C LEU C 490 9.18 -20.25 -5.13
N MET C 491 10.42 -20.27 -4.65
CA MET C 491 10.97 -21.47 -4.02
C MET C 491 10.26 -21.76 -2.71
N ARG C 492 9.85 -20.72 -2.01
CA ARG C 492 9.03 -20.86 -0.81
C ARG C 492 7.69 -21.48 -1.13
N PHE C 493 7.06 -21.06 -2.22
CA PHE C 493 5.79 -21.64 -2.65
C PHE C 493 5.95 -23.07 -3.14
N CYS C 494 7.09 -23.40 -3.78
CA CYS C 494 7.26 -24.71 -4.40
C CYS C 494 7.34 -25.84 -3.39
N TRP C 495 7.89 -25.59 -2.19
CA TRP C 495 7.88 -26.63 -1.16
C TRP C 495 6.46 -26.95 -0.72
N LEU C 496 5.66 -25.92 -0.50
CA LEU C 496 4.28 -26.12 -0.08
C LEU C 496 3.45 -26.68 -1.22
N MET C 497 3.79 -26.32 -2.46
CA MET C 497 3.13 -26.86 -3.63
C MET C 497 3.44 -28.34 -3.82
N ALA C 498 4.69 -28.74 -3.59
CA ALA C 498 5.08 -30.15 -3.75
C ALA C 498 4.37 -31.06 -2.77
N VAL C 499 4.12 -30.55 -1.56
CA VAL C 499 3.39 -31.28 -0.53
C VAL C 499 1.95 -31.54 -0.95
N VAL C 500 1.28 -30.51 -1.47
CA VAL C 500 -0.11 -30.65 -1.90
C VAL C 500 -0.19 -31.52 -3.14
N ILE C 501 0.74 -31.35 -4.08
CA ILE C 501 0.78 -32.16 -5.30
C ILE C 501 0.96 -33.63 -4.96
N LEU C 502 1.89 -33.96 -4.06
CA LEU C 502 2.17 -35.35 -3.69
C LEU C 502 0.98 -36.03 -3.02
N GLY C 503 0.23 -35.31 -2.22
CA GLY C 503 -0.90 -35.91 -1.55
C GLY C 503 -2.09 -36.13 -2.44
N PHE C 504 -2.35 -35.18 -3.33
CA PHE C 504 -3.50 -35.31 -4.20
C PHE C 504 -3.21 -36.17 -5.40
N ALA C 505 -1.97 -36.20 -5.90
CA ALA C 505 -1.64 -37.10 -7.01
C ALA C 505 -1.76 -38.55 -6.58
N SER C 506 -1.40 -38.84 -5.33
CA SER C 506 -1.49 -40.19 -4.80
C SER C 506 -2.94 -40.59 -4.60
N ALA C 507 -3.78 -39.66 -4.16
CA ALA C 507 -5.20 -39.93 -4.06
C ALA C 507 -5.83 -40.11 -5.44
N PHE C 508 -5.53 -39.19 -6.37
CA PHE C 508 -6.02 -39.31 -7.75
C PHE C 508 -5.55 -40.59 -8.42
N TYR C 509 -4.33 -41.02 -8.11
CA TYR C 509 -3.82 -42.29 -8.65
C TYR C 509 -4.65 -43.47 -8.15
N ILE C 510 -4.89 -43.56 -6.85
CA ILE C 510 -5.58 -44.73 -6.33
C ILE C 510 -7.09 -44.67 -6.55
N ILE C 511 -7.66 -43.49 -6.77
CA ILE C 511 -9.07 -43.39 -7.12
C ILE C 511 -9.33 -43.97 -8.50
N PHE C 512 -8.49 -43.63 -9.47
CA PHE C 512 -8.62 -44.10 -10.83
C PHE C 512 -7.82 -45.36 -11.11
N GLN C 513 -7.32 -46.02 -10.06
CA GLN C 513 -6.49 -47.20 -10.22
C GLN C 513 -7.30 -48.41 -10.67
N THR C 514 -8.60 -48.43 -10.40
CA THR C 514 -9.51 -49.50 -10.79
C THR C 514 -10.34 -49.17 -12.02
N GLU C 515 -10.09 -48.04 -12.68
CA GLU C 515 -10.90 -47.62 -13.80
C GLU C 515 -10.23 -48.01 -15.11
N ASP C 516 -10.90 -47.70 -16.22
CA ASP C 516 -10.33 -47.88 -17.54
C ASP C 516 -9.65 -46.57 -17.95
N PRO C 517 -8.33 -46.56 -18.17
CA PRO C 517 -7.66 -45.31 -18.54
C PRO C 517 -7.93 -44.85 -19.95
N GLU C 518 -8.53 -45.69 -20.79
CA GLU C 518 -8.86 -45.30 -22.16
C GLU C 518 -9.89 -44.19 -22.18
N GLU C 519 -10.74 -44.13 -21.16
CA GLU C 519 -11.76 -43.12 -21.06
C GLU C 519 -11.34 -41.94 -20.20
N LEU C 520 -10.32 -42.11 -19.34
CA LEU C 520 -9.77 -41.01 -18.56
C LEU C 520 -8.35 -41.39 -18.16
N GLY C 521 -7.36 -40.84 -18.87
CA GLY C 521 -5.99 -41.31 -18.75
C GLY C 521 -5.03 -40.41 -18.00
N HIS C 522 -5.53 -39.39 -17.30
CA HIS C 522 -4.68 -38.41 -16.64
C HIS C 522 -3.82 -39.02 -15.55
N PHE C 523 -4.26 -40.12 -14.96
CA PHE C 523 -3.58 -40.70 -13.81
C PHE C 523 -3.24 -42.16 -14.08
N TYR C 524 -2.88 -42.50 -15.32
CA TYR C 524 -2.82 -43.91 -15.72
C TYR C 524 -1.66 -44.65 -15.05
N ASP C 525 -0.53 -43.99 -14.82
CA ASP C 525 0.48 -44.51 -13.92
C ASP C 525 0.90 -43.39 -12.98
N TYR C 526 1.77 -43.73 -12.04
CA TYR C 526 2.06 -42.79 -10.95
C TYR C 526 2.93 -41.59 -11.36
N PRO C 527 3.92 -41.70 -12.26
CA PRO C 527 4.54 -40.47 -12.75
C PRO C 527 3.62 -39.59 -13.60
N MET C 528 2.67 -40.15 -14.33
CA MET C 528 1.72 -39.29 -15.04
C MET C 528 0.76 -38.62 -14.07
N ALA C 529 0.36 -39.33 -13.03
CA ALA C 529 -0.52 -38.76 -12.01
C ALA C 529 0.13 -37.58 -11.30
N LEU C 530 1.44 -37.66 -11.06
CA LEU C 530 2.18 -36.54 -10.51
C LEU C 530 2.24 -35.37 -11.47
N PHE C 531 2.48 -35.66 -12.75
CA PHE C 531 2.57 -34.59 -13.73
C PHE C 531 1.22 -33.97 -14.02
N SER C 532 0.16 -34.79 -14.00
CA SER C 532 -1.18 -34.26 -14.23
C SER C 532 -1.64 -33.39 -13.08
N THR C 533 -1.33 -33.78 -11.85
CA THR C 533 -1.74 -33.03 -10.68
C THR C 533 -1.00 -31.70 -10.59
N PHE C 534 0.27 -31.70 -11.00
CA PHE C 534 1.03 -30.47 -11.14
C PHE C 534 0.37 -29.51 -12.13
N GLU C 535 -0.02 -30.03 -13.30
CA GLU C 535 -0.71 -29.23 -14.30
C GLU C 535 -2.09 -28.80 -13.83
N LEU C 536 -2.77 -29.65 -13.06
CA LEU C 536 -4.05 -29.29 -12.48
C LEU C 536 -3.92 -28.24 -11.39
N PHE C 537 -2.82 -28.27 -10.63
CA PHE C 537 -2.56 -27.27 -9.61
C PHE C 537 -2.48 -25.88 -10.22
N LEU C 538 -1.72 -25.77 -11.31
CA LEU C 538 -1.55 -24.52 -12.03
C LEU C 538 -2.71 -24.19 -12.94
N THR C 539 -3.70 -25.09 -13.05
CA THR C 539 -4.89 -24.98 -13.90
C THR C 539 -4.52 -24.79 -15.37
N ILE C 540 -3.40 -25.37 -15.78
CA ILE C 540 -2.96 -25.24 -17.15
C ILE C 540 -3.41 -26.38 -18.03
N ILE C 541 -3.93 -27.46 -17.46
CA ILE C 541 -4.71 -28.42 -18.22
C ILE C 541 -6.12 -28.39 -17.65
N ASP C 542 -7.06 -28.83 -18.47
CA ASP C 542 -8.46 -28.68 -18.11
C ASP C 542 -8.84 -29.74 -17.09
N GLY C 543 -8.39 -30.94 -17.30
CA GLY C 543 -8.50 -31.93 -16.27
C GLY C 543 -9.86 -32.58 -16.15
N PRO C 544 -9.83 -33.78 -15.60
CA PRO C 544 -10.64 -34.95 -15.93
C PRO C 544 -12.14 -34.77 -15.91
N ALA C 545 -12.73 -35.04 -17.06
CA ALA C 545 -14.16 -35.13 -17.22
C ALA C 545 -14.43 -36.06 -18.38
N ASN C 546 -15.48 -36.87 -18.28
CA ASN C 546 -15.89 -37.62 -19.45
C ASN C 546 -17.34 -37.35 -19.84
N TYR C 547 -18.27 -37.46 -18.88
CA TYR C 547 -19.72 -37.24 -18.90
C TYR C 547 -20.48 -38.34 -19.63
N ASN C 548 -19.78 -39.22 -20.33
CA ASN C 548 -20.37 -40.42 -20.87
C ASN C 548 -20.23 -41.60 -19.94
N VAL C 549 -19.46 -41.45 -18.87
CA VAL C 549 -19.13 -42.57 -18.00
C VAL C 549 -19.26 -42.09 -16.56
N ASP C 550 -19.44 -43.05 -15.66
CA ASP C 550 -19.48 -42.75 -14.24
C ASP C 550 -18.05 -42.65 -13.70
N LEU C 551 -17.68 -41.47 -13.25
CA LEU C 551 -16.44 -41.33 -12.54
C LEU C 551 -16.65 -41.75 -11.09
N PRO C 552 -15.59 -42.17 -10.38
CA PRO C 552 -15.75 -42.48 -8.95
C PRO C 552 -16.18 -41.26 -8.16
N PHE C 553 -16.99 -41.49 -7.14
CA PHE C 553 -17.50 -40.36 -6.36
C PHE C 553 -16.40 -39.70 -5.55
N MET C 554 -15.35 -40.45 -5.21
CA MET C 554 -14.22 -39.85 -4.51
C MET C 554 -13.46 -38.86 -5.36
N TYR C 555 -13.52 -39.00 -6.69
CA TYR C 555 -12.89 -38.02 -7.57
C TYR C 555 -13.52 -36.66 -7.44
N SER C 556 -14.85 -36.58 -7.40
CA SER C 556 -15.52 -35.29 -7.30
C SER C 556 -15.30 -34.65 -5.93
N ILE C 557 -15.10 -35.45 -4.89
CA ILE C 557 -14.80 -34.89 -3.57
C ILE C 557 -13.37 -34.41 -3.53
N THR C 558 -12.45 -35.20 -4.06
CA THR C 558 -11.04 -34.90 -3.93
C THR C 558 -10.63 -33.76 -4.86
N TYR C 559 -11.22 -33.70 -6.06
CA TYR C 559 -10.84 -32.64 -6.98
C TYR C 559 -11.46 -31.31 -6.61
N ALA C 560 -12.63 -31.32 -5.97
CA ALA C 560 -13.20 -30.08 -5.45
C ALA C 560 -12.34 -29.53 -4.31
N ALA C 561 -11.88 -30.42 -3.44
CA ALA C 561 -10.97 -30.03 -2.37
C ALA C 561 -9.63 -29.58 -2.92
N PHE C 562 -9.13 -30.26 -3.96
CA PHE C 562 -7.89 -29.89 -4.61
C PHE C 562 -7.99 -28.52 -5.28
N ALA C 563 -9.11 -28.25 -5.93
CA ALA C 563 -9.30 -26.99 -6.64
C ALA C 563 -9.44 -25.80 -5.69
N ILE C 564 -10.03 -25.99 -4.52
CA ILE C 564 -10.10 -24.90 -3.56
C ILE C 564 -8.72 -24.62 -2.99
N ILE C 565 -7.97 -25.66 -2.63
CA ILE C 565 -6.63 -25.49 -2.07
C ILE C 565 -5.67 -24.91 -3.10
N ALA C 566 -5.77 -25.35 -4.36
CA ALA C 566 -4.85 -24.87 -5.39
C ALA C 566 -5.08 -23.40 -5.73
N THR C 567 -6.33 -22.95 -5.77
CA THR C 567 -6.56 -21.53 -6.02
C THR C 567 -6.32 -20.67 -4.78
N LEU C 568 -6.60 -21.19 -3.57
CA LEU C 568 -6.11 -20.58 -2.33
C LEU C 568 -4.62 -20.35 -2.34
N LEU C 569 -3.85 -21.40 -2.65
CA LEU C 569 -2.40 -21.30 -2.67
C LEU C 569 -1.91 -20.38 -3.79
N MET C 570 -2.52 -20.48 -4.97
CA MET C 570 -2.11 -19.63 -6.09
C MET C 570 -2.36 -18.16 -5.81
N LEU C 571 -3.49 -17.85 -5.19
CA LEU C 571 -3.76 -16.47 -4.79
C LEU C 571 -2.90 -16.05 -3.60
N ASN C 572 -2.34 -16.99 -2.84
CA ASN C 572 -1.42 -16.68 -1.76
C ASN C 572 -0.01 -16.40 -2.28
N LEU C 573 0.40 -17.06 -3.35
CA LEU C 573 1.67 -16.70 -4.00
C LEU C 573 1.62 -15.30 -4.56
N LEU C 574 0.46 -14.88 -5.02
CA LEU C 574 0.27 -13.54 -5.54
C LEU C 574 0.39 -12.49 -4.44
N ILE C 575 -0.01 -12.84 -3.22
CA ILE C 575 0.22 -12.00 -2.05
C ILE C 575 1.71 -11.79 -1.83
N ALA C 576 2.42 -12.90 -1.64
CA ALA C 576 3.79 -12.88 -1.15
C ALA C 576 4.72 -12.20 -2.15
N MET C 577 4.38 -12.25 -3.43
CA MET C 577 5.11 -11.47 -4.42
C MET C 577 4.79 -9.99 -4.35
N MET C 578 3.75 -9.56 -3.65
CA MET C 578 3.50 -8.14 -3.48
C MET C 578 4.03 -7.56 -2.19
N GLY C 579 4.19 -8.36 -1.14
CA GLY C 579 5.01 -7.91 -0.04
C GLY C 579 6.49 -7.98 -0.33
N ASP C 580 6.88 -8.79 -1.32
CA ASP C 580 8.30 -8.92 -1.66
C ASP C 580 8.78 -7.69 -2.41
N THR C 581 7.95 -7.16 -3.29
CA THR C 581 8.44 -6.11 -4.16
C THR C 581 8.25 -4.74 -3.53
N HIS C 582 6.99 -4.37 -3.29
CA HIS C 582 6.68 -3.02 -2.87
C HIS C 582 7.12 -2.72 -1.45
N TRP C 583 7.35 -3.75 -0.63
CA TRP C 583 7.82 -3.54 0.72
C TRP C 583 9.26 -3.96 0.96
N ARG C 584 9.89 -4.63 0.01
CA ARG C 584 11.32 -4.89 0.14
C ARG C 584 12.12 -4.38 -1.04
N VAL C 585 11.73 -4.69 -2.28
CA VAL C 585 12.64 -4.43 -3.39
C VAL C 585 12.04 -3.52 -4.46
N ALA C 586 11.02 -2.71 -4.12
CA ALA C 586 10.67 -1.61 -5.02
C ALA C 586 11.26 -0.29 -4.58
N HIS C 587 11.58 -0.13 -3.30
CA HIS C 587 12.25 1.08 -2.84
C HIS C 587 13.69 1.11 -3.32
N GLU C 588 14.27 -0.06 -3.57
CA GLU C 588 15.65 -0.20 -3.99
C GLU C 588 15.77 -0.76 -5.41
N ARG C 589 14.84 -0.39 -6.30
CA ARG C 589 14.96 -0.83 -7.69
C ARG C 589 16.13 -0.15 -8.37
N ASP C 590 16.21 1.17 -8.25
CA ASP C 590 17.30 1.91 -8.87
C ASP C 590 18.64 1.59 -8.21
N GLU C 591 18.66 1.43 -6.88
CA GLU C 591 19.90 1.14 -6.17
C GLU C 591 20.43 -0.25 -6.48
N LEU C 592 19.55 -1.25 -6.58
CA LEU C 592 20.01 -2.57 -6.99
C LEU C 592 20.39 -2.59 -8.47
N TRP C 593 19.79 -1.75 -9.27
CA TRP C 593 20.13 -1.72 -10.69
C TRP C 593 21.38 -0.91 -10.96
N ARG C 594 21.60 0.17 -10.19
CA ARG C 594 22.84 0.91 -10.34
C ARG C 594 24.03 0.10 -9.86
N ALA C 595 23.82 -0.71 -8.83
CA ALA C 595 24.86 -1.63 -8.39
C ALA C 595 25.13 -2.72 -9.43
N GLN C 596 24.12 -3.11 -10.20
CA GLN C 596 24.36 -4.01 -11.33
C GLN C 596 25.15 -3.35 -12.45
N ILE C 597 24.99 -2.04 -12.63
CA ILE C 597 25.81 -1.34 -13.62
C ILE C 597 27.27 -1.29 -13.18
N VAL C 598 27.51 -1.11 -11.88
CA VAL C 598 28.87 -1.09 -11.35
C VAL C 598 29.51 -2.46 -11.48
N ALA C 599 28.79 -3.51 -11.07
CA ALA C 599 29.29 -4.88 -11.19
C ALA C 599 29.53 -5.26 -12.64
N THR C 600 28.72 -4.75 -13.56
CA THR C 600 28.97 -5.02 -14.97
C THR C 600 30.14 -4.22 -15.48
N THR C 601 30.25 -2.95 -15.09
CA THR C 601 31.31 -2.10 -15.63
C THR C 601 32.68 -2.51 -15.10
N VAL C 602 32.75 -2.95 -13.84
CA VAL C 602 33.99 -3.48 -13.28
C VAL C 602 34.40 -4.76 -14.00
N MET C 603 33.43 -5.66 -14.22
CA MET C 603 33.69 -6.93 -14.88
C MET C 603 34.10 -6.73 -16.33
N LEU C 604 33.44 -5.80 -17.02
CA LEU C 604 33.64 -5.59 -18.44
C LEU C 604 34.86 -4.74 -18.73
N GLU C 605 35.63 -4.36 -17.72
CA GLU C 605 36.91 -3.70 -17.86
C GLU C 605 38.06 -4.64 -17.53
N ARG C 606 37.85 -5.52 -16.56
CA ARG C 606 38.88 -6.48 -16.17
C ARG C 606 39.06 -7.56 -17.23
N LYS C 607 37.98 -7.96 -17.90
CA LYS C 607 38.03 -8.98 -18.94
C LYS C 607 37.97 -8.37 -20.33
N LEU C 608 38.64 -7.23 -20.50
CA LEU C 608 38.68 -6.49 -21.75
C LEU C 608 40.05 -5.83 -21.81
N PRO C 609 40.65 -5.64 -23.01
CA PRO C 609 42.03 -5.14 -23.06
C PRO C 609 42.24 -3.71 -22.62
N ARG C 610 43.50 -3.29 -22.64
CA ARG C 610 43.87 -1.96 -22.15
C ARG C 610 43.65 -0.89 -23.21
N CYS C 611 43.93 -1.22 -24.47
CA CYS C 611 43.89 -0.23 -25.55
C CYS C 611 42.46 0.17 -25.90
N LEU C 612 41.48 -0.71 -25.65
CA LEU C 612 40.08 -0.39 -25.92
C LEU C 612 39.43 0.43 -24.83
N TRP C 613 40.04 0.51 -23.65
CA TRP C 613 39.40 1.12 -22.49
C TRP C 613 40.26 2.29 -22.00
N PRO C 614 39.93 3.53 -22.38
CA PRO C 614 40.61 4.68 -21.78
C PRO C 614 40.32 4.76 -20.28
N ARG C 615 41.34 5.16 -19.52
CA ARG C 615 41.21 5.25 -18.08
C ARG C 615 40.38 6.48 -17.71
N SER C 616 39.53 6.33 -16.71
CA SER C 616 38.61 7.39 -16.35
C SER C 616 39.31 8.50 -15.58
N GLY C 617 38.84 9.72 -15.80
CA GLY C 617 39.46 10.88 -15.22
C GLY C 617 40.48 11.52 -16.16
N ILE C 618 41.05 12.62 -15.68
CA ILE C 618 42.05 13.37 -16.43
C ILE C 618 43.37 13.17 -15.72
N CYS C 619 44.37 12.69 -16.44
CA CYS C 619 45.68 12.49 -15.85
C CYS C 619 46.40 13.81 -15.70
N GLY C 620 47.18 13.93 -14.64
CA GLY C 620 48.08 15.06 -14.48
C GLY C 620 49.29 14.96 -15.37
N ARG C 621 50.40 15.56 -14.90
CA ARG C 621 51.73 15.66 -15.51
C ARG C 621 51.75 16.59 -16.72
N GLU C 622 50.58 16.98 -17.22
CA GLU C 622 50.42 18.13 -18.11
C GLU C 622 49.70 19.27 -17.41
N TYR C 623 49.47 19.15 -16.11
CA TYR C 623 48.78 20.20 -15.36
C TYR C 623 49.41 20.45 -14.01
N GLY C 624 50.59 19.91 -13.74
CA GLY C 624 51.24 20.12 -12.45
C GLY C 624 50.57 19.41 -11.31
N LEU C 625 49.93 18.28 -11.57
CA LEU C 625 49.12 17.60 -10.57
C LEU C 625 49.68 16.24 -10.17
N GLY C 626 50.73 15.77 -10.82
CA GLY C 626 51.29 14.47 -10.53
C GLY C 626 50.97 13.43 -11.59
N ASP C 627 51.22 12.17 -11.23
CA ASP C 627 50.85 11.03 -12.07
C ASP C 627 49.46 10.50 -11.74
N ARG C 628 48.60 11.33 -11.16
CA ARG C 628 47.28 10.97 -10.72
C ARG C 628 46.25 11.27 -11.80
N TRP C 629 45.14 10.54 -11.75
CA TRP C 629 43.99 10.76 -12.61
C TRP C 629 42.90 11.40 -11.79
N PHE C 630 42.35 12.53 -12.26
CA PHE C 630 41.44 13.36 -11.50
C PHE C 630 40.06 13.44 -12.15
N LEU C 631 39.02 13.51 -11.33
CA LEU C 631 37.67 13.72 -11.83
C LEU C 631 37.16 15.09 -11.40
N ARG C 632 36.66 15.85 -12.34
CA ARG C 632 36.14 17.18 -12.10
C ARG C 632 34.62 17.13 -11.99
N VAL C 633 34.09 17.73 -10.93
CA VAL C 633 32.65 17.80 -10.71
C VAL C 633 32.29 19.26 -10.49
N GLU C 634 31.46 19.81 -11.35
CA GLU C 634 30.96 21.16 -11.23
C GLU C 634 29.50 21.10 -10.82
N ASP C 635 29.19 21.67 -9.67
CA ASP C 635 27.83 21.66 -9.13
C ASP C 635 27.35 23.08 -8.85
N ARG C 636 26.10 23.17 -8.41
CA ARG C 636 25.48 24.41 -8.00
C ARG C 636 25.02 24.28 -6.55
N GLN C 637 25.38 25.28 -5.73
CA GLN C 637 25.16 25.24 -4.30
C GLN C 637 23.83 25.84 -3.86
N ASP C 638 23.11 26.50 -4.77
CA ASP C 638 21.82 27.14 -4.52
C ASP C 638 21.84 28.14 -3.37
N GLU D 27 30.62 13.87 -25.87
CA GLU D 27 31.44 13.59 -24.70
C GLU D 27 32.74 14.37 -24.73
N SER D 28 33.23 14.63 -25.95
CA SER D 28 34.51 15.29 -26.11
C SER D 28 34.43 16.78 -25.76
N TRP D 29 33.24 17.38 -25.87
CA TRP D 29 33.13 18.79 -25.52
C TRP D 29 33.13 18.97 -24.00
N ALA D 30 32.49 18.06 -23.28
CA ALA D 30 32.64 18.04 -21.83
C ALA D 30 34.04 17.59 -21.42
N GLN D 31 34.72 16.83 -22.28
CA GLN D 31 36.12 16.52 -22.06
C GLN D 31 37.00 17.71 -22.37
N SER D 32 36.66 18.48 -23.42
CA SER D 32 37.39 19.70 -23.72
C SER D 32 37.14 20.75 -22.64
N ARG D 33 35.92 20.82 -22.13
CA ARG D 33 35.60 21.77 -21.07
C ARG D 33 36.25 21.37 -19.76
N ASP D 34 36.39 20.07 -19.50
CA ASP D 34 37.13 19.65 -18.32
C ASP D 34 38.62 19.91 -18.46
N GLU D 35 39.15 19.88 -19.68
CA GLU D 35 40.58 20.17 -19.86
C GLU D 35 40.89 21.66 -19.76
N GLN D 36 39.96 22.53 -20.16
CA GLN D 36 40.22 23.95 -20.15
C GLN D 36 40.25 24.51 -18.73
N ASN D 37 39.46 23.94 -17.83
CA ASN D 37 39.53 24.36 -16.44
C ASN D 37 40.82 23.93 -15.77
N LEU D 38 41.37 22.78 -16.18
CA LEU D 38 42.68 22.37 -15.66
C LEU D 38 43.82 23.10 -16.33
N LEU D 39 43.70 23.37 -17.63
CA LEU D 39 44.69 24.18 -18.34
C LEU D 39 44.67 25.62 -17.86
N GLN D 40 43.56 26.10 -17.30
CA GLN D 40 43.53 27.44 -16.72
C GLN D 40 44.36 27.50 -15.45
N GLN D 41 44.32 26.43 -14.65
CA GLN D 41 45.06 26.39 -13.39
C GLN D 41 46.56 26.22 -13.59
N LYS D 42 47.01 25.81 -14.78
CA LYS D 42 48.42 25.75 -15.06
C LYS D 42 48.97 27.04 -15.65
N ARG D 43 48.17 27.78 -16.43
CA ARG D 43 48.63 29.01 -17.05
C ARG D 43 48.83 30.15 -16.06
N ILE D 44 48.52 29.96 -14.78
CA ILE D 44 48.84 30.96 -13.77
C ILE D 44 50.29 30.85 -13.32
N TRP D 45 50.78 29.62 -13.16
CA TRP D 45 51.96 29.34 -12.36
C TRP D 45 53.28 29.69 -13.05
N GLU D 46 53.29 29.98 -14.34
CA GLU D 46 54.56 30.20 -15.02
C GLU D 46 54.92 31.67 -15.21
N SER D 47 54.25 32.59 -14.52
CA SER D 47 54.59 34.01 -14.64
C SER D 47 54.41 34.75 -13.32
N PRO D 48 55.25 35.76 -13.06
CA PRO D 48 55.06 36.56 -11.84
C PRO D 48 54.03 37.67 -11.97
N LEU D 49 53.82 38.20 -13.18
CA LEU D 49 52.90 39.32 -13.39
C LEU D 49 51.44 38.91 -13.24
N LEU D 50 51.12 37.64 -13.48
CA LEU D 50 49.80 37.09 -13.24
C LEU D 50 49.70 36.38 -11.90
N LEU D 51 50.78 36.39 -11.12
CA LEU D 51 50.85 35.74 -9.82
C LEU D 51 50.59 36.72 -8.68
N ALA D 52 51.13 37.93 -8.79
CA ALA D 52 50.90 38.96 -7.78
C ALA D 52 49.50 39.53 -7.84
N ALA D 53 48.80 39.34 -8.96
CA ALA D 53 47.41 39.75 -9.10
C ALA D 53 46.44 38.59 -8.86
N LYS D 54 46.92 37.45 -8.36
CA LYS D 54 46.04 36.38 -7.91
C LYS D 54 45.87 36.38 -6.40
N ASP D 55 46.98 36.47 -5.67
CA ASP D 55 46.96 36.54 -4.21
C ASP D 55 47.27 37.97 -3.77
N ASN D 56 47.29 38.18 -2.45
CA ASN D 56 47.51 39.51 -1.90
C ASN D 56 49.00 39.82 -1.72
N ASP D 57 49.78 39.68 -2.79
CA ASP D 57 51.20 40.02 -2.75
C ASP D 57 51.39 41.27 -3.61
N VAL D 58 51.24 42.43 -2.97
CA VAL D 58 51.34 43.69 -3.69
C VAL D 58 52.78 44.20 -3.79
N GLN D 59 53.68 43.74 -2.92
CA GLN D 59 55.01 44.34 -2.83
C GLN D 59 55.91 43.88 -3.97
N ALA D 60 55.78 42.62 -4.37
CA ALA D 60 56.55 42.12 -5.51
C ALA D 60 56.08 42.75 -6.80
N LEU D 61 54.80 43.11 -6.89
CA LEU D 61 54.26 43.72 -8.09
C LEU D 61 54.84 45.11 -8.31
N ASN D 62 55.14 45.84 -7.23
CA ASN D 62 55.85 47.10 -7.37
C ASN D 62 57.29 46.90 -7.80
N LYS D 63 57.85 45.72 -7.58
CA LYS D 63 59.16 45.38 -8.09
C LYS D 63 59.08 44.84 -9.51
N LEU D 64 57.93 44.27 -9.90
CA LEU D 64 57.75 43.78 -11.25
C LEU D 64 57.62 44.89 -12.28
N LEU D 65 57.25 46.09 -11.87
CA LEU D 65 56.93 47.15 -12.82
C LEU D 65 58.05 48.15 -13.04
N LYS D 66 58.74 48.58 -11.98
CA LYS D 66 59.66 49.70 -12.11
C LYS D 66 61.06 49.30 -12.55
N TYR D 67 61.48 48.05 -12.36
CA TYR D 67 62.85 47.66 -12.71
C TYR D 67 62.99 47.39 -14.21
N GLU D 68 62.27 46.40 -14.73
CA GLU D 68 62.44 45.99 -16.11
C GLU D 68 61.47 46.65 -17.08
N ASP D 69 60.40 47.28 -16.57
CA ASP D 69 59.37 47.97 -17.35
C ASP D 69 58.72 47.04 -18.37
N CYS D 70 58.17 45.94 -17.87
CA CYS D 70 57.60 44.91 -18.73
C CYS D 70 56.19 45.27 -19.17
N LYS D 71 55.74 44.59 -20.23
CA LYS D 71 54.38 44.77 -20.73
C LYS D 71 53.40 43.99 -19.87
N VAL D 72 52.23 44.59 -19.62
CA VAL D 72 51.28 44.04 -18.65
C VAL D 72 50.10 43.33 -19.28
N HIS D 73 49.97 43.36 -20.60
CA HIS D 73 48.82 42.73 -21.26
C HIS D 73 49.06 41.25 -21.58
N GLN D 74 49.50 40.50 -20.58
CA GLN D 74 49.74 39.08 -20.73
C GLN D 74 48.46 38.31 -20.47
N ARG D 75 48.10 37.42 -21.39
CA ARG D 75 46.82 36.73 -21.37
C ARG D 75 46.95 35.34 -20.76
N GLY D 76 45.90 34.90 -20.09
CA GLY D 76 45.81 33.56 -19.55
C GLY D 76 45.25 32.57 -20.55
N ALA D 77 44.54 31.56 -20.02
CA ALA D 77 44.05 30.47 -20.85
C ALA D 77 42.84 30.90 -21.67
N MET D 78 41.93 31.66 -21.06
CA MET D 78 40.75 32.18 -21.74
C MET D 78 41.00 33.53 -22.38
N GLY D 79 42.26 33.85 -22.71
CA GLY D 79 42.59 35.13 -23.30
C GLY D 79 42.35 36.31 -22.39
N GLU D 80 42.34 36.11 -21.09
CA GLU D 80 41.97 37.16 -20.15
C GLU D 80 43.20 37.74 -19.47
N THR D 81 43.05 38.97 -19.00
CA THR D 81 44.09 39.62 -18.23
C THR D 81 44.10 39.09 -16.79
N ALA D 82 45.04 39.57 -16.00
CA ALA D 82 45.14 39.17 -14.60
C ALA D 82 44.02 39.72 -13.73
N LEU D 83 43.25 40.69 -14.24
CA LEU D 83 42.17 41.28 -13.47
C LEU D 83 41.03 40.29 -13.27
N HIS D 84 40.77 39.44 -14.25
CA HIS D 84 39.66 38.49 -14.12
C HIS D 84 39.96 37.43 -13.08
N ILE D 85 41.23 37.14 -12.85
CA ILE D 85 41.62 36.23 -11.77
C ILE D 85 41.43 36.92 -10.42
N ALA D 86 41.63 38.23 -10.37
CA ALA D 86 41.42 38.98 -9.14
C ALA D 86 39.94 39.02 -8.76
N ALA D 87 39.05 39.24 -9.75
CA ALA D 87 37.63 39.28 -9.49
C ALA D 87 37.08 37.92 -9.10
N LEU D 88 37.68 36.85 -9.61
CA LEU D 88 37.23 35.49 -9.35
C LEU D 88 37.70 34.97 -8.01
N TYR D 89 38.61 35.70 -7.35
CA TYR D 89 39.08 35.35 -6.01
C TYR D 89 39.07 36.55 -5.07
N ASP D 90 38.36 37.62 -5.42
CA ASP D 90 38.10 38.80 -4.59
C ASP D 90 39.36 39.56 -4.20
N ASN D 91 40.09 40.09 -5.18
CA ASN D 91 41.37 40.75 -4.94
C ASN D 91 41.30 42.17 -5.47
N LEU D 92 41.51 43.15 -4.58
CA LEU D 92 41.32 44.56 -4.91
C LEU D 92 42.59 45.38 -4.84
N GLU D 93 43.63 44.90 -4.17
CA GLU D 93 44.68 45.78 -3.68
C GLU D 93 45.81 45.96 -4.68
N ALA D 94 46.28 44.88 -5.30
CA ALA D 94 47.34 45.01 -6.30
C ALA D 94 46.84 45.64 -7.59
N ALA D 95 45.55 45.45 -7.91
CA ALA D 95 45.00 45.95 -9.16
C ALA D 95 44.85 47.48 -9.18
N MET D 96 45.00 48.14 -8.04
CA MET D 96 45.04 49.61 -8.02
C MET D 96 46.31 50.12 -8.68
N VAL D 97 47.46 49.51 -8.36
CA VAL D 97 48.73 49.87 -8.96
C VAL D 97 48.75 49.48 -10.43
N LEU D 98 47.96 48.46 -10.80
CA LEU D 98 47.72 48.15 -12.20
C LEU D 98 47.05 49.31 -12.94
N MET D 99 46.22 50.09 -12.25
CA MET D 99 45.47 51.17 -12.88
C MET D 99 46.17 52.51 -12.77
N GLU D 100 47.05 52.69 -11.79
CA GLU D 100 47.88 53.89 -11.78
C GLU D 100 48.99 53.81 -12.83
N ALA D 101 49.34 52.60 -13.26
CA ALA D 101 50.35 52.41 -14.30
C ALA D 101 49.75 52.12 -15.67
N ALA D 102 48.75 51.26 -15.75
CA ALA D 102 48.06 50.94 -17.00
C ALA D 102 46.56 51.12 -16.79
N PRO D 103 46.05 52.34 -16.94
CA PRO D 103 44.63 52.61 -16.62
C PRO D 103 43.65 51.96 -17.59
N GLU D 104 44.09 51.54 -18.76
CA GLU D 104 43.23 50.99 -19.81
C GLU D 104 42.84 49.53 -19.58
N LEU D 105 43.10 48.96 -18.40
CA LEU D 105 42.88 47.55 -18.13
C LEU D 105 41.40 47.19 -17.93
N VAL D 106 40.53 48.19 -17.70
CA VAL D 106 39.14 47.94 -17.30
C VAL D 106 38.35 47.29 -18.43
N PHE D 107 38.56 47.74 -19.66
CA PHE D 107 37.62 47.46 -20.74
C PHE D 107 37.79 46.08 -21.35
N GLU D 108 38.98 45.49 -21.28
CA GLU D 108 39.34 44.38 -22.17
C GLU D 108 38.65 43.09 -21.73
N PRO D 109 37.74 42.55 -22.53
CA PRO D 109 36.97 41.38 -22.11
C PRO D 109 37.77 40.10 -22.33
N MET D 110 37.13 38.97 -22.05
CA MET D 110 37.75 37.70 -22.39
C MET D 110 37.67 37.48 -23.89
N THR D 111 38.80 37.14 -24.50
CA THR D 111 38.88 36.85 -25.93
C THR D 111 38.86 35.35 -26.19
N SER D 112 38.25 34.58 -25.29
CA SER D 112 38.10 33.13 -25.40
C SER D 112 36.95 32.73 -26.27
N GLU D 113 36.55 31.46 -26.13
CA GLU D 113 35.40 30.92 -26.86
C GLU D 113 34.45 30.11 -25.99
N LEU D 114 34.71 29.97 -24.68
CA LEU D 114 33.80 29.36 -23.72
C LEU D 114 33.13 30.39 -22.83
N TYR D 115 33.91 31.33 -22.29
CA TYR D 115 33.39 32.49 -21.57
C TYR D 115 33.75 33.69 -22.46
N GLU D 116 32.99 33.90 -23.52
CA GLU D 116 33.32 34.90 -24.52
C GLU D 116 32.62 36.20 -24.22
N GLY D 117 33.37 37.29 -24.19
CA GLY D 117 32.81 38.59 -23.90
C GLY D 117 32.53 38.84 -22.44
N GLN D 118 32.83 37.89 -21.56
CA GLN D 118 32.72 38.14 -20.15
C GLN D 118 33.84 39.07 -19.72
N THR D 119 33.49 40.12 -19.00
CA THR D 119 34.45 41.08 -18.51
C THR D 119 34.58 40.93 -17.00
N ALA D 120 35.42 41.77 -16.40
CA ALA D 120 35.64 41.73 -14.97
C ALA D 120 34.44 42.20 -14.17
N LEU D 121 33.49 42.90 -14.81
CA LEU D 121 32.32 43.36 -14.09
C LEU D 121 31.35 42.23 -13.83
N HIS D 122 31.21 41.29 -14.78
CA HIS D 122 30.34 40.12 -14.60
C HIS D 122 30.77 39.28 -13.40
N ILE D 123 32.09 39.06 -13.26
CA ILE D 123 32.59 38.18 -12.21
C ILE D 123 32.39 38.80 -10.84
N ALA D 124 32.63 40.10 -10.72
CA ALA D 124 32.42 40.79 -9.45
C ALA D 124 30.94 40.93 -9.11
N VAL D 125 30.06 40.80 -10.10
CA VAL D 125 28.63 40.83 -9.83
C VAL D 125 28.16 39.52 -9.21
N VAL D 126 28.50 38.38 -9.82
CA VAL D 126 28.01 37.11 -9.30
C VAL D 126 28.70 36.70 -8.00
N ASN D 127 29.93 37.13 -7.76
CA ASN D 127 30.52 36.93 -6.45
C ASN D 127 30.15 38.03 -5.48
N GLN D 128 29.45 39.06 -5.97
CA GLN D 128 28.86 40.15 -5.20
C GLN D 128 29.93 40.96 -4.47
N ASN D 129 30.84 41.49 -5.27
CA ASN D 129 31.79 42.50 -4.82
C ASN D 129 31.20 43.87 -5.11
N MET D 130 31.31 44.78 -4.15
CA MET D 130 30.75 46.11 -4.32
C MET D 130 31.79 47.21 -4.43
N ASN D 131 32.93 47.08 -3.74
CA ASN D 131 33.94 48.14 -3.76
C ASN D 131 34.67 48.22 -5.10
N LEU D 132 34.66 47.14 -5.87
CA LEU D 132 35.32 47.18 -7.18
C LEU D 132 34.54 48.04 -8.16
N VAL D 133 33.22 48.11 -8.01
CA VAL D 133 32.38 48.94 -8.87
C VAL D 133 32.68 50.42 -8.67
N ARG D 134 32.98 50.83 -7.43
CA ARG D 134 33.29 52.23 -7.17
C ARG D 134 34.64 52.66 -7.73
N ALA D 135 35.57 51.73 -7.94
CA ALA D 135 36.88 52.09 -8.47
C ALA D 135 36.93 51.97 -10.00
N LEU D 136 36.24 50.98 -10.56
CA LEU D 136 36.16 50.87 -12.02
C LEU D 136 35.39 52.03 -12.62
N LEU D 137 34.18 52.29 -12.11
CA LEU D 137 33.29 53.29 -12.70
C LEU D 137 33.79 54.72 -12.48
N ALA D 138 34.66 54.93 -11.49
CA ALA D 138 35.32 56.22 -11.39
C ALA D 138 36.33 56.43 -12.52
N ARG D 139 36.83 55.34 -13.11
CA ARG D 139 37.71 55.41 -14.28
C ARG D 139 36.97 55.08 -15.57
N ARG D 140 35.67 55.39 -15.63
CA ARG D 140 34.80 55.23 -16.80
C ARG D 140 34.72 53.77 -17.28
N ALA D 141 34.14 52.93 -16.43
CA ALA D 141 33.99 51.51 -16.75
C ALA D 141 32.78 51.28 -17.68
N SER D 142 32.56 50.02 -18.03
CA SER D 142 31.53 49.62 -18.98
C SER D 142 30.50 48.70 -18.31
N VAL D 143 29.22 48.99 -18.53
CA VAL D 143 28.13 48.22 -17.94
C VAL D 143 27.24 47.57 -18.99
N SER D 144 27.46 47.84 -20.26
CA SER D 144 26.66 47.26 -21.34
C SER D 144 27.42 46.17 -22.08
N ALA D 145 28.14 45.32 -21.35
CA ALA D 145 28.89 44.23 -21.96
C ALA D 145 28.05 42.97 -22.02
N ARG D 146 28.28 42.17 -23.06
CA ARG D 146 27.44 41.03 -23.36
C ARG D 146 28.27 39.75 -23.31
N ALA D 147 28.14 38.99 -22.25
CA ALA D 147 28.76 37.66 -22.16
C ALA D 147 27.96 36.70 -23.04
N THR D 148 28.38 36.56 -24.28
CA THR D 148 27.75 35.64 -25.23
C THR D 148 28.41 34.27 -25.27
N GLY D 149 29.28 33.96 -24.32
CA GLY D 149 30.00 32.70 -24.34
C GLY D 149 29.10 31.53 -24.08
N THR D 150 29.61 30.33 -24.38
CA THR D 150 28.78 29.14 -24.35
C THR D 150 28.49 28.64 -22.94
N ALA D 151 29.23 29.10 -21.94
CA ALA D 151 28.96 28.71 -20.56
C ALA D 151 27.82 29.48 -19.94
N PHE D 152 27.24 30.44 -20.65
CA PHE D 152 26.17 31.27 -20.13
C PHE D 152 24.86 31.06 -20.88
N ARG D 153 24.86 30.19 -21.87
CA ARG D 153 23.67 30.00 -22.68
C ARG D 153 22.71 29.06 -21.97
N ARG D 154 21.49 28.97 -22.50
CA ARG D 154 20.48 28.10 -21.91
C ARG D 154 20.62 26.74 -22.56
N SER D 155 21.27 25.82 -21.86
CA SER D 155 21.51 24.46 -22.34
C SER D 155 21.77 23.59 -21.11
N PRO D 156 21.43 22.30 -21.15
CA PRO D 156 21.59 21.45 -19.95
C PRO D 156 23.03 21.17 -19.56
N CYS D 157 24.02 21.52 -20.38
CA CYS D 157 25.40 21.41 -19.96
C CYS D 157 25.75 22.45 -18.91
N ASN D 158 25.10 23.61 -18.95
CA ASN D 158 25.39 24.69 -18.02
C ASN D 158 24.41 24.59 -16.86
N LEU D 159 24.94 24.58 -15.64
CA LEU D 159 24.10 24.50 -14.45
C LEU D 159 23.54 25.84 -14.00
N ILE D 160 23.92 26.92 -14.67
CA ILE D 160 23.30 28.23 -14.48
C ILE D 160 22.83 28.74 -15.83
N TYR D 161 21.78 29.54 -15.80
CA TYR D 161 21.44 30.40 -16.94
C TYR D 161 21.11 31.77 -16.37
N PHE D 162 21.98 32.73 -16.65
CA PHE D 162 21.82 34.07 -16.09
C PHE D 162 21.53 35.13 -17.13
N GLY D 163 21.85 34.91 -18.40
CA GLY D 163 21.66 35.90 -19.44
C GLY D 163 22.97 36.29 -20.09
N GLU D 164 23.09 37.57 -20.42
CA GLU D 164 24.31 38.12 -21.04
C GLU D 164 24.78 39.43 -20.43
N HIS D 165 23.94 40.17 -19.77
CA HIS D 165 24.24 41.52 -19.31
C HIS D 165 24.53 41.51 -17.81
N PRO D 166 25.28 42.51 -17.32
CA PRO D 166 25.56 42.55 -15.87
C PRO D 166 24.35 42.85 -15.01
N LEU D 167 23.30 43.50 -15.54
CA LEU D 167 22.04 43.58 -14.80
C LEU D 167 21.42 42.21 -14.61
N SER D 168 21.51 41.36 -15.65
CA SER D 168 20.92 40.04 -15.61
C SER D 168 21.58 39.16 -14.57
N PHE D 169 22.89 39.33 -14.36
CA PHE D 169 23.59 38.47 -13.41
C PHE D 169 23.25 38.84 -11.97
N ALA D 170 23.18 40.15 -11.68
CA ALA D 170 22.88 40.60 -10.33
C ALA D 170 21.46 40.32 -9.92
N ALA D 171 20.55 40.29 -10.90
CA ALA D 171 19.17 39.93 -10.60
C ALA D 171 19.06 38.46 -10.20
N CYS D 172 19.92 37.61 -10.73
CA CYS D 172 19.81 36.16 -10.54
C CYS D 172 20.56 35.64 -9.33
N VAL D 173 21.55 36.37 -8.82
CA VAL D 173 22.20 35.99 -7.57
C VAL D 173 21.54 36.74 -6.40
N ASN D 174 20.45 37.44 -6.70
CA ASN D 174 19.62 38.16 -5.73
C ASN D 174 20.41 39.24 -5.00
N SER D 175 20.87 40.24 -5.77
CA SER D 175 21.62 41.36 -5.23
C SER D 175 20.90 42.66 -5.58
N GLU D 176 20.17 43.22 -4.61
CA GLU D 176 19.44 44.46 -4.84
C GLU D 176 20.35 45.66 -5.00
N GLU D 177 21.49 45.65 -4.30
CA GLU D 177 22.40 46.79 -4.30
C GLU D 177 23.03 47.01 -5.67
N ILE D 178 23.46 45.93 -6.32
CA ILE D 178 24.09 46.04 -7.63
C ILE D 178 23.06 46.35 -8.71
N VAL D 179 21.78 46.02 -8.49
CA VAL D 179 20.72 46.40 -9.42
C VAL D 179 20.54 47.92 -9.43
N ARG D 180 20.57 48.55 -8.27
CA ARG D 180 20.46 50.01 -8.23
C ARG D 180 21.78 50.69 -8.56
N LEU D 181 22.90 49.99 -8.43
CA LEU D 181 24.20 50.55 -8.71
C LEU D 181 24.51 50.58 -10.20
N LEU D 182 23.77 49.81 -11.00
CA LEU D 182 23.92 49.84 -12.45
C LEU D 182 23.00 50.85 -13.12
N ILE D 183 21.78 51.02 -12.59
CA ILE D 183 20.86 52.00 -13.16
C ILE D 183 21.39 53.41 -12.93
N GLU D 184 22.11 53.63 -11.84
CA GLU D 184 22.82 54.89 -11.67
C GLU D 184 23.95 55.06 -12.69
N HIS D 185 24.48 53.97 -13.23
CA HIS D 185 25.65 54.05 -14.10
C HIS D 185 25.33 53.74 -15.55
N GLY D 186 24.10 53.96 -15.99
CA GLY D 186 23.80 53.94 -17.40
C GLY D 186 23.48 52.56 -17.93
N ALA D 187 22.79 51.75 -17.14
CA ALA D 187 22.40 50.42 -17.60
C ALA D 187 21.11 50.52 -18.40
N ASP D 188 20.50 49.37 -18.67
CA ASP D 188 19.29 49.31 -19.48
C ASP D 188 18.53 48.04 -19.11
N ILE D 189 17.28 48.19 -18.68
CA ILE D 189 16.50 47.02 -18.27
C ILE D 189 15.77 46.40 -19.45
N ARG D 190 15.62 47.13 -20.54
CA ARG D 190 14.97 46.59 -21.73
C ARG D 190 15.93 45.82 -22.64
N ALA D 191 17.12 45.50 -22.15
CA ALA D 191 18.12 44.77 -22.94
C ALA D 191 17.82 43.28 -22.92
N GLN D 192 18.17 42.61 -24.02
CA GLN D 192 17.79 41.23 -24.23
C GLN D 192 18.99 40.35 -24.54
N ASP D 193 18.78 39.05 -24.43
CA ASP D 193 19.79 38.05 -24.78
C ASP D 193 19.82 37.86 -26.28
N SER D 194 20.59 36.86 -26.72
CA SER D 194 20.48 36.37 -28.09
C SER D 194 19.22 35.54 -28.28
N LEU D 195 18.65 35.01 -27.20
CA LEU D 195 17.35 34.35 -27.24
C LEU D 195 16.19 35.34 -27.20
N GLY D 196 16.46 36.61 -26.93
CA GLY D 196 15.42 37.61 -26.82
C GLY D 196 14.84 37.77 -25.43
N ASN D 197 15.31 36.98 -24.47
CA ASN D 197 14.85 37.11 -23.09
C ASN D 197 15.32 38.41 -22.49
N THR D 198 14.38 39.20 -21.97
CA THR D 198 14.74 40.34 -21.16
C THR D 198 15.13 39.85 -19.77
N VAL D 199 15.44 40.78 -18.88
CA VAL D 199 15.81 40.36 -17.54
C VAL D 199 14.59 39.86 -16.78
N LEU D 200 13.37 40.26 -17.17
CA LEU D 200 12.20 39.77 -16.49
C LEU D 200 11.90 38.32 -16.85
N HIS D 201 12.21 37.93 -18.10
CA HIS D 201 12.12 36.54 -18.52
C HIS D 201 13.05 35.64 -17.73
N ILE D 202 14.25 36.13 -17.43
CA ILE D 202 15.29 35.28 -16.87
C ILE D 202 15.01 34.95 -15.41
N LEU D 203 14.35 35.86 -14.67
CA LEU D 203 13.98 35.57 -13.29
C LEU D 203 12.98 34.43 -13.19
N ILE D 204 12.10 34.29 -14.17
CA ILE D 204 11.15 33.19 -14.21
C ILE D 204 11.86 31.86 -14.42
N LEU D 205 13.02 31.87 -15.06
CA LEU D 205 13.76 30.64 -15.30
C LEU D 205 14.64 30.23 -14.14
N GLN D 206 14.59 30.92 -13.00
CA GLN D 206 15.57 30.65 -11.98
C GLN D 206 15.13 29.51 -11.07
N PRO D 207 16.07 28.77 -10.46
CA PRO D 207 15.66 27.68 -9.56
C PRO D 207 15.15 28.16 -8.22
N ASN D 208 15.36 29.42 -7.86
CA ASN D 208 15.01 29.92 -6.54
C ASN D 208 13.84 30.89 -6.72
N LYS D 209 12.63 30.36 -6.52
CA LYS D 209 11.41 30.97 -7.05
C LYS D 209 11.04 32.24 -6.29
N THR D 210 11.09 32.20 -4.96
CA THR D 210 10.56 33.29 -4.15
C THR D 210 11.43 34.54 -4.23
N PHE D 211 12.75 34.34 -4.32
CA PHE D 211 13.66 35.47 -4.52
C PHE D 211 13.48 36.11 -5.89
N ALA D 212 13.00 35.34 -6.87
CA ALA D 212 12.73 35.91 -8.18
C ALA D 212 11.52 36.82 -8.17
N CYS D 213 10.57 36.57 -7.26
CA CYS D 213 9.39 37.44 -7.14
C CYS D 213 9.79 38.83 -6.66
N GLN D 214 10.77 38.91 -5.74
CA GLN D 214 11.18 40.21 -5.21
C GLN D 214 12.01 40.99 -6.23
N MET D 215 12.84 40.30 -6.99
CA MET D 215 13.56 40.94 -8.09
C MET D 215 12.60 41.43 -9.16
N TYR D 216 11.54 40.66 -9.42
CA TYR D 216 10.56 41.06 -10.41
C TYR D 216 9.86 42.36 -10.01
N ASN D 217 9.50 42.51 -8.73
CA ASN D 217 8.91 43.78 -8.29
C ASN D 217 9.93 44.91 -8.26
N LEU D 218 11.21 44.59 -8.03
CA LEU D 218 12.22 45.64 -8.01
C LEU D 218 12.55 46.12 -9.42
N LEU D 219 12.66 45.20 -10.37
CA LEU D 219 13.11 45.55 -11.70
C LEU D 219 12.01 46.14 -12.56
N LEU D 220 10.75 45.75 -12.33
CA LEU D 220 9.64 46.28 -13.12
C LEU D 220 9.33 47.73 -12.77
N SER D 221 9.70 48.17 -11.58
CA SER D 221 9.40 49.50 -11.08
C SER D 221 10.32 50.59 -11.65
N TYR D 222 11.02 50.32 -12.75
CA TYR D 222 11.88 51.29 -13.42
C TYR D 222 11.49 51.46 -14.90
N ASP D 223 10.20 51.54 -15.22
CA ASP D 223 9.84 51.84 -16.61
C ASP D 223 10.00 53.33 -16.90
N ARG D 224 9.14 54.16 -16.31
CA ARG D 224 9.29 55.62 -16.14
C ARG D 224 9.51 56.38 -17.45
N HIS D 225 8.95 55.90 -18.56
CA HIS D 225 9.09 56.58 -19.85
C HIS D 225 7.80 56.42 -20.65
N GLY D 226 7.18 57.54 -20.99
CA GLY D 226 5.93 57.53 -21.73
C GLY D 226 6.09 57.58 -23.24
N ASP D 227 7.24 58.06 -23.72
CA ASP D 227 7.47 58.12 -25.16
C ASP D 227 7.69 56.72 -25.74
N HIS D 228 8.36 55.85 -24.99
CA HIS D 228 8.39 54.44 -25.34
C HIS D 228 7.04 53.82 -25.04
N LEU D 229 6.58 52.95 -25.94
CA LEU D 229 5.23 52.43 -25.86
C LEU D 229 5.13 51.09 -25.14
N GLN D 230 6.22 50.34 -25.06
CA GLN D 230 6.08 48.95 -24.64
C GLN D 230 6.37 48.81 -23.16
N PRO D 231 5.46 48.23 -22.39
CA PRO D 231 5.79 47.85 -21.01
C PRO D 231 6.79 46.71 -20.99
N LEU D 232 7.60 46.68 -19.93
CA LEU D 232 8.65 45.65 -19.84
C LEU D 232 8.10 44.25 -19.61
N ASP D 233 6.95 44.13 -18.96
CA ASP D 233 6.34 42.83 -18.77
C ASP D 233 5.51 42.38 -19.97
N LEU D 234 5.45 43.18 -21.04
CA LEU D 234 4.80 42.81 -22.29
C LEU D 234 5.79 42.45 -23.38
N VAL D 235 7.08 42.66 -23.16
CA VAL D 235 8.10 42.46 -24.20
C VAL D 235 8.32 40.97 -24.43
N PRO D 236 8.17 40.46 -25.66
CA PRO D 236 8.35 39.03 -25.89
C PRO D 236 9.78 38.67 -26.26
N ASN D 237 10.13 37.44 -25.91
CA ASN D 237 11.36 36.83 -26.42
C ASN D 237 11.09 36.27 -27.82
N HIS D 238 12.05 35.53 -28.38
CA HIS D 238 11.98 35.15 -29.78
C HIS D 238 10.98 34.02 -30.05
N GLN D 239 10.50 33.35 -29.01
CA GLN D 239 9.37 32.45 -29.15
C GLN D 239 8.04 33.16 -29.01
N GLY D 240 8.05 34.50 -28.97
CA GLY D 240 6.82 35.26 -28.88
C GLY D 240 6.12 35.14 -27.55
N LEU D 241 6.85 34.89 -26.48
CA LEU D 241 6.26 34.63 -25.18
C LEU D 241 6.53 35.82 -24.29
N THR D 242 5.51 36.26 -23.55
CA THR D 242 5.69 37.25 -22.51
C THR D 242 6.36 36.60 -21.30
N PRO D 243 6.72 37.38 -20.26
CA PRO D 243 7.06 36.72 -18.99
C PRO D 243 5.92 35.93 -18.38
N PHE D 244 4.68 36.42 -18.54
CA PHE D 244 3.52 35.71 -18.01
C PHE D 244 3.35 34.34 -18.67
N LYS D 245 3.45 34.30 -19.99
CA LYS D 245 3.36 33.02 -20.68
C LYS D 245 4.60 32.16 -20.44
N LEU D 246 5.76 32.78 -20.21
CA LEU D 246 6.94 31.99 -19.87
C LEU D 246 6.80 31.34 -18.50
N ALA D 247 6.10 31.98 -17.57
CA ALA D 247 5.79 31.32 -16.31
C ALA D 247 4.84 30.17 -16.51
N GLY D 248 3.95 30.25 -17.51
CA GLY D 248 3.05 29.14 -17.80
C GLY D 248 3.75 27.94 -18.41
N VAL D 249 4.61 28.19 -19.39
CA VAL D 249 5.31 27.11 -20.10
C VAL D 249 6.27 26.35 -19.18
N GLU D 250 6.89 27.05 -18.23
CA GLU D 250 7.94 26.44 -17.42
C GLU D 250 7.44 25.82 -16.13
N GLY D 251 6.16 25.96 -15.81
CA GLY D 251 5.66 25.41 -14.57
C GLY D 251 5.99 26.21 -13.35
N ASN D 252 6.34 27.49 -13.50
CA ASN D 252 6.65 28.36 -12.37
C ASN D 252 5.33 28.86 -11.81
N THR D 253 4.80 28.13 -10.83
CA THR D 253 3.45 28.43 -10.36
C THR D 253 3.41 29.62 -9.42
N VAL D 254 4.49 29.93 -8.70
CA VAL D 254 4.40 31.05 -7.78
C VAL D 254 4.67 32.37 -8.48
N MET D 255 5.39 32.35 -9.61
CA MET D 255 5.42 33.51 -10.47
C MET D 255 4.18 33.62 -11.34
N PHE D 256 3.44 32.53 -11.51
CA PHE D 256 2.18 32.61 -12.25
C PHE D 256 1.12 33.32 -11.43
N GLN D 257 0.98 32.95 -10.16
CA GLN D 257 -0.01 33.55 -9.27
C GLN D 257 0.32 35.00 -8.98
N HIS D 258 1.60 35.30 -8.84
CA HIS D 258 2.07 36.66 -8.64
C HIS D 258 1.78 37.53 -9.85
N LEU D 259 2.02 37.03 -11.05
CA LEU D 259 1.71 37.77 -12.27
C LEU D 259 0.21 37.94 -12.48
N MET D 260 -0.61 37.12 -11.82
CA MET D 260 -2.03 37.14 -12.05
C MET D 260 -2.72 38.34 -11.39
N GLN D 261 -2.09 38.95 -10.37
CA GLN D 261 -2.67 40.14 -9.73
C GLN D 261 -2.64 41.37 -10.62
N LYS D 262 -1.78 41.41 -11.63
CA LYS D 262 -1.87 42.46 -12.64
C LYS D 262 -3.11 42.27 -13.51
N ARG D 263 -3.68 41.07 -13.51
CA ARG D 263 -4.76 40.72 -14.42
C ARG D 263 -6.06 40.40 -13.70
N LYS D 264 -6.15 40.69 -12.40
CA LYS D 264 -7.39 40.61 -11.64
C LYS D 264 -8.02 41.99 -11.51
N HIS D 265 -9.30 41.99 -11.14
CA HIS D 265 -9.98 43.20 -10.70
C HIS D 265 -11.10 42.80 -9.76
N THR D 266 -11.07 43.31 -8.53
CA THR D 266 -12.04 42.95 -7.51
C THR D 266 -13.27 43.85 -7.66
N GLN D 267 -14.40 43.26 -8.05
CA GLN D 267 -15.61 44.03 -8.29
C GLN D 267 -16.24 44.51 -6.98
N TRP D 268 -16.44 43.59 -6.04
CA TRP D 268 -17.04 43.92 -4.76
C TRP D 268 -16.67 42.84 -3.75
N THR D 269 -16.84 43.18 -2.48
CA THR D 269 -16.67 42.24 -1.39
C THR D 269 -17.91 42.27 -0.52
N TYR D 270 -18.54 41.12 -0.35
CA TYR D 270 -19.79 40.99 0.39
C TYR D 270 -19.56 40.00 1.51
N GLY D 271 -19.12 40.51 2.65
CA GLY D 271 -18.74 39.70 3.80
C GLY D 271 -17.68 38.69 3.44
N PRO D 272 -18.04 37.42 3.50
CA PRO D 272 -17.13 36.36 3.08
C PRO D 272 -17.01 36.18 1.57
N LEU D 273 -17.81 36.87 0.77
CA LEU D 273 -17.79 36.72 -0.67
C LEU D 273 -17.00 37.84 -1.33
N THR D 274 -16.41 37.53 -2.47
CA THR D 274 -15.93 38.57 -3.37
C THR D 274 -16.05 38.11 -4.82
N SER D 275 -16.25 39.07 -5.70
CA SER D 275 -16.43 38.84 -7.13
C SER D 275 -15.20 39.37 -7.85
N THR D 276 -14.38 38.46 -8.37
CA THR D 276 -13.15 38.82 -9.03
C THR D 276 -13.32 38.65 -10.52
N LEU D 277 -12.83 39.61 -11.28
CA LEU D 277 -12.91 39.57 -12.74
C LEU D 277 -11.50 39.39 -13.28
N TYR D 278 -11.31 38.34 -14.10
CA TYR D 278 -10.01 37.95 -14.62
C TYR D 278 -9.84 38.39 -16.07
N ASP D 279 -8.62 38.82 -16.40
CA ASP D 279 -8.40 39.52 -17.66
C ASP D 279 -8.50 38.59 -18.87
N LEU D 280 -7.95 37.38 -18.75
CA LEU D 280 -8.22 36.25 -19.64
C LEU D 280 -7.76 36.50 -21.08
N THR D 281 -6.94 37.52 -21.31
CA THR D 281 -6.53 37.92 -22.65
C THR D 281 -5.38 37.08 -23.16
N GLU D 282 -4.37 36.86 -22.32
CA GLU D 282 -3.22 36.03 -22.69
C GLU D 282 -3.38 34.59 -22.25
N ILE D 283 -4.50 34.22 -21.66
CA ILE D 283 -4.74 32.85 -21.23
C ILE D 283 -5.59 32.10 -22.25
N ASP D 284 -6.59 32.77 -22.80
CA ASP D 284 -7.43 32.19 -23.83
C ASP D 284 -6.91 32.60 -25.20
N SER D 285 -7.43 31.96 -26.23
CA SER D 285 -6.91 32.12 -27.59
C SER D 285 -7.52 33.34 -28.27
N SER D 286 -6.70 34.03 -29.06
CA SER D 286 -7.12 35.24 -29.77
C SER D 286 -6.79 35.18 -31.25
N GLY D 287 -6.82 33.99 -31.85
CA GLY D 287 -6.61 33.86 -33.29
C GLY D 287 -5.42 33.01 -33.66
N ASP D 288 -4.49 33.60 -34.44
CA ASP D 288 -3.30 32.87 -34.86
C ASP D 288 -2.17 32.93 -33.84
N GLU D 289 -2.22 33.86 -32.90
CA GLU D 289 -1.23 33.93 -31.85
C GLU D 289 -1.43 32.78 -30.86
N GLN D 290 -0.33 32.18 -30.42
CA GLN D 290 -0.41 31.02 -29.55
C GLN D 290 -0.74 31.43 -28.13
N SER D 291 -1.44 30.54 -27.42
CA SER D 291 -2.11 30.88 -26.18
C SER D 291 -1.66 29.97 -25.05
N LEU D 292 -2.04 30.34 -23.83
CA LEU D 292 -1.51 29.69 -22.63
C LEU D 292 -2.03 28.27 -22.48
N LEU D 293 -3.31 28.04 -22.81
CA LEU D 293 -3.87 26.69 -22.73
C LEU D 293 -3.20 25.75 -23.72
N GLU D 294 -2.99 26.21 -24.95
CA GLU D 294 -2.34 25.38 -25.94
C GLU D 294 -0.85 25.22 -25.69
N LEU D 295 -0.21 26.18 -25.01
CA LEU D 295 1.21 26.06 -24.73
C LEU D 295 1.50 25.03 -23.64
N ILE D 296 0.65 24.95 -22.61
CA ILE D 296 0.84 23.98 -21.53
C ILE D 296 0.73 22.56 -22.06
N ILE D 297 -0.22 22.33 -22.95
CA ILE D 297 -0.44 21.02 -23.53
C ILE D 297 0.72 20.64 -24.46
N THR D 298 1.09 21.53 -25.36
CA THR D 298 2.04 21.23 -26.40
C THR D 298 3.49 21.50 -26.00
N THR D 299 3.76 21.70 -24.72
CA THR D 299 5.15 21.79 -24.28
C THR D 299 5.57 20.45 -23.71
N LYS D 300 6.87 20.21 -23.73
CA LYS D 300 7.45 18.96 -23.27
C LYS D 300 7.54 18.88 -21.76
N LYS D 301 7.33 20.00 -21.06
CA LYS D 301 7.52 20.04 -19.62
C LYS D 301 6.27 19.58 -18.88
N ARG D 302 6.48 18.90 -17.77
CA ARG D 302 5.38 18.33 -17.01
C ARG D 302 4.94 19.17 -15.84
N GLU D 303 5.77 20.10 -15.38
CA GLU D 303 5.40 20.99 -14.28
C GLU D 303 4.42 22.07 -14.70
N ALA D 304 4.23 22.25 -16.01
CA ALA D 304 3.25 23.19 -16.51
C ALA D 304 1.82 22.76 -16.25
N ARG D 305 1.58 21.46 -16.03
CA ARG D 305 0.23 20.97 -15.78
C ARG D 305 -0.29 21.35 -14.39
N GLN D 306 0.57 21.79 -13.47
CA GLN D 306 0.08 22.31 -12.21
C GLN D 306 -0.64 23.64 -12.40
N ILE D 307 -0.22 24.42 -13.39
CA ILE D 307 -0.84 25.71 -13.72
C ILE D 307 -2.24 25.54 -14.27
N LEU D 308 -2.54 24.35 -14.78
CA LEU D 308 -3.85 24.04 -15.34
C LEU D 308 -4.92 23.93 -14.27
N ASP D 309 -4.55 23.99 -12.98
CA ASP D 309 -5.44 24.01 -11.83
C ASP D 309 -5.56 25.37 -11.17
N GLN D 310 -5.00 26.44 -11.75
CA GLN D 310 -4.98 27.73 -11.09
C GLN D 310 -6.28 28.50 -11.33
N THR D 311 -6.47 29.57 -10.54
CA THR D 311 -7.73 30.31 -10.41
C THR D 311 -8.29 31.09 -11.60
N PRO D 312 -7.56 31.44 -12.67
CA PRO D 312 -8.28 31.82 -13.89
C PRO D 312 -8.42 30.68 -14.88
N VAL D 313 -7.63 29.62 -14.73
CA VAL D 313 -7.46 28.61 -15.76
C VAL D 313 -8.33 27.40 -15.51
N LYS D 314 -8.44 26.99 -14.25
CA LYS D 314 -9.30 25.89 -13.86
C LYS D 314 -10.76 26.20 -14.15
N GLU D 315 -11.17 27.44 -13.95
CA GLU D 315 -12.55 27.83 -14.22
C GLU D 315 -12.80 28.00 -15.70
N LEU D 316 -11.81 28.50 -16.44
CA LEU D 316 -11.93 28.66 -17.88
C LEU D 316 -12.08 27.32 -18.58
N VAL D 317 -11.34 26.31 -18.14
CA VAL D 317 -11.40 25.00 -18.76
C VAL D 317 -12.73 24.32 -18.47
N SER D 318 -13.13 24.29 -17.20
CA SER D 318 -14.43 23.75 -16.83
C SER D 318 -15.60 24.50 -17.45
N LEU D 319 -15.39 25.76 -17.82
CA LEU D 319 -16.43 26.52 -18.50
C LEU D 319 -16.66 25.98 -19.90
N LYS D 320 -15.62 25.93 -20.72
CA LYS D 320 -15.78 25.55 -22.11
C LYS D 320 -15.89 24.05 -22.33
N TRP D 321 -15.52 23.21 -21.35
CA TRP D 321 -15.82 21.80 -21.49
C TRP D 321 -17.28 21.51 -21.15
N LYS D 322 -17.78 22.03 -20.02
CA LYS D 322 -19.15 21.77 -19.62
C LYS D 322 -20.17 22.40 -20.54
N ARG D 323 -19.81 23.45 -21.27
CA ARG D 323 -20.75 24.14 -22.12
C ARG D 323 -20.63 23.79 -23.59
N TYR D 324 -19.42 23.64 -24.10
CA TYR D 324 -19.26 23.42 -25.53
C TYR D 324 -18.43 22.18 -25.83
N GLY D 325 -17.46 21.87 -24.98
CA GLY D 325 -16.56 20.76 -25.23
C GLY D 325 -17.24 19.41 -25.15
N ARG D 326 -17.81 19.11 -23.99
CA ARG D 326 -18.49 17.83 -23.78
C ARG D 326 -19.69 17.58 -24.69
N PRO D 327 -20.59 18.54 -25.00
CA PRO D 327 -21.64 18.23 -26.00
C PRO D 327 -21.11 17.91 -27.40
N TYR D 328 -20.08 18.61 -27.85
CA TYR D 328 -19.55 18.37 -29.18
C TYR D 328 -18.76 17.07 -29.23
N PHE D 329 -18.08 16.74 -28.15
CA PHE D 329 -17.32 15.51 -28.07
C PHE D 329 -18.23 14.30 -28.00
N CYS D 330 -19.45 14.47 -27.51
CA CYS D 330 -20.43 13.39 -27.51
C CYS D 330 -21.16 13.28 -28.83
N MET D 331 -21.35 14.38 -29.56
CA MET D 331 -21.90 14.28 -30.90
C MET D 331 -20.87 13.80 -31.90
N LEU D 332 -19.60 13.95 -31.60
CA LEU D 332 -18.56 13.45 -32.45
C LEU D 332 -18.33 11.96 -32.23
N GLY D 333 -18.50 11.50 -31.00
CA GLY D 333 -18.43 10.09 -30.70
C GLY D 333 -19.66 9.30 -31.05
N ALA D 334 -20.80 9.96 -31.15
CA ALA D 334 -22.00 9.28 -31.62
C ALA D 334 -22.02 9.15 -33.13
N ILE D 335 -21.39 10.10 -33.84
CA ILE D 335 -21.23 9.95 -35.28
C ILE D 335 -20.19 8.89 -35.59
N TYR D 336 -19.08 8.88 -34.83
CA TYR D 336 -18.02 7.92 -35.07
C TYR D 336 -18.48 6.50 -34.81
N LEU D 337 -19.33 6.32 -33.81
CA LEU D 337 -19.84 5.00 -33.48
C LEU D 337 -20.77 4.47 -34.56
N LEU D 338 -21.62 5.33 -35.12
CA LEU D 338 -22.47 4.92 -36.24
C LEU D 338 -21.66 4.65 -37.50
N TYR D 339 -20.58 5.39 -37.68
CA TYR D 339 -19.72 5.19 -38.84
C TYR D 339 -19.02 3.84 -38.80
N ILE D 340 -18.59 3.40 -37.62
CA ILE D 340 -17.91 2.13 -37.49
C ILE D 340 -18.89 0.97 -37.53
N ILE D 341 -20.11 1.16 -37.01
CA ILE D 341 -21.16 0.16 -37.16
C ILE D 341 -21.56 0.00 -38.61
N CYS D 342 -21.56 1.09 -39.37
CA CYS D 342 -21.78 0.99 -40.81
C CYS D 342 -20.62 0.28 -41.50
N PHE D 343 -19.38 0.59 -41.09
CA PHE D 343 -18.22 -0.10 -41.64
C PHE D 343 -18.21 -1.58 -41.27
N THR D 344 -18.66 -1.92 -40.07
CA THR D 344 -18.65 -3.32 -39.63
C THR D 344 -19.63 -4.16 -40.44
N MET D 345 -20.78 -3.59 -40.78
CA MET D 345 -21.74 -4.32 -41.59
C MET D 345 -21.25 -4.56 -43.01
N CYS D 346 -20.44 -3.65 -43.55
CA CYS D 346 -19.92 -3.84 -44.90
C CYS D 346 -18.88 -4.95 -44.96
N CYS D 347 -18.22 -5.21 -43.84
CA CYS D 347 -17.27 -6.32 -43.79
C CYS D 347 -17.97 -7.64 -43.53
N ILE D 348 -19.05 -7.62 -42.73
CA ILE D 348 -19.83 -8.84 -42.48
C ILE D 348 -20.53 -9.28 -43.75
N TYR D 349 -20.94 -8.35 -44.60
CA TYR D 349 -21.63 -8.68 -45.84
C TYR D 349 -20.74 -8.58 -47.06
N ARG D 350 -19.43 -8.73 -46.89
CA ARG D 350 -18.48 -8.64 -48.00
C ARG D 350 -18.73 -9.75 -49.01
N PRO D 351 -18.48 -9.50 -50.31
CA PRO D 351 -18.94 -10.41 -51.36
C PRO D 351 -18.10 -11.69 -51.42
N LEU D 352 -18.75 -12.83 -51.23
CA LEU D 352 -18.06 -14.11 -51.20
C LEU D 352 -18.86 -15.10 -52.04
N LYS D 353 -18.14 -16.01 -52.69
CA LYS D 353 -18.74 -17.01 -53.55
C LYS D 353 -18.08 -18.34 -53.27
N PRO D 354 -18.73 -19.46 -53.63
CA PRO D 354 -18.05 -20.77 -53.53
C PRO D 354 -16.79 -20.85 -54.37
N ARG D 355 -15.81 -21.59 -53.86
CA ARG D 355 -14.50 -21.66 -54.50
C ARG D 355 -14.57 -22.40 -55.83
N THR D 356 -13.70 -22.01 -56.75
CA THR D 356 -13.73 -22.53 -58.11
C THR D 356 -12.86 -23.77 -58.28
N ASN D 357 -11.57 -23.66 -57.99
CA ASN D 357 -10.73 -24.83 -58.07
C ASN D 357 -10.98 -25.76 -56.88
N ASN D 358 -10.57 -27.00 -57.04
CA ASN D 358 -10.74 -27.96 -55.97
C ASN D 358 -9.64 -27.78 -54.92
N ARG D 359 -9.80 -28.43 -53.77
CA ARG D 359 -8.80 -28.29 -52.72
C ARG D 359 -7.53 -29.03 -53.11
N THR D 360 -6.41 -28.50 -52.66
CA THR D 360 -5.11 -28.98 -53.11
C THR D 360 -4.52 -30.03 -52.19
N SER D 361 -5.08 -30.19 -51.00
CA SER D 361 -4.51 -31.01 -49.94
C SER D 361 -5.58 -31.19 -48.86
N PRO D 362 -5.45 -32.21 -47.99
CA PRO D 362 -6.39 -32.32 -46.88
C PRO D 362 -6.23 -31.25 -45.81
N ARG D 363 -5.14 -30.48 -45.82
CA ARG D 363 -5.00 -29.34 -44.93
C ARG D 363 -5.67 -28.09 -45.47
N ASP D 364 -6.26 -28.14 -46.67
CA ASP D 364 -6.90 -26.98 -47.24
C ASP D 364 -8.31 -26.86 -46.68
N ASN D 365 -8.58 -25.76 -45.98
CA ASN D 365 -9.83 -25.59 -45.26
C ASN D 365 -10.80 -24.66 -45.96
N THR D 366 -10.36 -24.00 -47.02
CA THR D 366 -11.11 -22.90 -47.62
C THR D 366 -12.33 -23.41 -48.36
N LEU D 367 -13.49 -22.84 -48.06
CA LEU D 367 -14.70 -23.15 -48.82
C LEU D 367 -15.05 -22.07 -49.81
N LEU D 368 -14.69 -20.83 -49.53
CA LEU D 368 -15.25 -19.67 -50.21
C LEU D 368 -14.11 -18.78 -50.67
N GLN D 369 -14.35 -18.03 -51.73
CA GLN D 369 -13.44 -16.98 -52.12
C GLN D 369 -14.24 -15.74 -52.43
N GLN D 370 -13.56 -14.62 -52.55
CA GLN D 370 -14.24 -13.37 -52.77
C GLN D 370 -14.57 -13.18 -54.24
N LYS D 371 -15.63 -12.42 -54.50
CA LYS D 371 -16.09 -12.19 -55.85
C LYS D 371 -15.23 -11.15 -56.54
N LEU D 372 -15.29 -11.15 -57.87
CA LEU D 372 -14.68 -10.10 -58.67
C LEU D 372 -15.56 -8.86 -58.63
N LEU D 373 -15.03 -7.74 -59.11
CA LEU D 373 -15.79 -6.49 -59.13
C LEU D 373 -17.00 -6.56 -60.05
N GLN D 374 -16.89 -7.31 -61.14
CA GLN D 374 -18.01 -7.43 -62.07
C GLN D 374 -19.14 -8.28 -61.49
N GLU D 375 -18.82 -9.11 -60.50
CA GLU D 375 -19.76 -10.02 -59.88
C GLU D 375 -20.29 -9.52 -58.54
N ALA D 376 -19.59 -8.57 -57.92
CA ALA D 376 -19.90 -8.17 -56.56
C ALA D 376 -20.96 -7.08 -56.45
N TYR D 377 -21.47 -6.56 -57.58
CA TYR D 377 -22.57 -5.59 -57.52
C TYR D 377 -23.58 -5.98 -58.60
N MET D 378 -24.45 -6.94 -58.27
CA MET D 378 -25.41 -7.48 -59.22
C MET D 378 -26.75 -7.81 -58.58
N THR D 379 -27.08 -7.24 -57.44
CA THR D 379 -28.34 -7.50 -56.76
C THR D 379 -28.70 -6.26 -55.94
N PRO D 380 -29.99 -6.06 -55.64
CA PRO D 380 -30.36 -4.99 -54.69
C PRO D 380 -29.76 -5.14 -53.30
N LYS D 381 -29.33 -6.33 -52.91
CA LYS D 381 -28.66 -6.51 -51.63
C LYS D 381 -27.23 -5.96 -51.67
N ASP D 382 -26.65 -5.87 -52.85
CA ASP D 382 -25.33 -5.28 -53.02
C ASP D 382 -25.35 -3.76 -52.98
N ASP D 383 -26.43 -3.14 -53.46
CA ASP D 383 -26.46 -1.68 -53.50
C ASP D 383 -26.74 -1.06 -52.14
N ILE D 384 -27.38 -1.80 -51.22
CA ILE D 384 -27.41 -1.36 -49.84
C ILE D 384 -26.00 -1.39 -49.25
N ARG D 385 -25.20 -2.37 -49.66
CA ARG D 385 -23.83 -2.42 -49.18
C ARG D 385 -22.95 -1.35 -49.84
N LEU D 386 -23.25 -1.00 -51.09
CA LEU D 386 -22.46 0.02 -51.78
C LEU D 386 -22.64 1.40 -51.16
N VAL D 387 -23.82 1.68 -50.60
CA VAL D 387 -24.04 2.91 -49.85
C VAL D 387 -23.14 2.95 -48.62
N GLY D 388 -23.12 1.86 -47.86
CA GLY D 388 -22.28 1.81 -46.68
C GLY D 388 -20.80 1.78 -47.01
N GLU D 389 -20.44 1.16 -48.13
CA GLU D 389 -19.04 1.16 -48.54
C GLU D 389 -18.61 2.53 -48.99
N LEU D 390 -19.49 3.26 -49.68
CA LEU D 390 -19.13 4.62 -50.10
C LEU D 390 -19.07 5.57 -48.92
N VAL D 391 -19.98 5.41 -47.95
CA VAL D 391 -19.92 6.16 -46.69
C VAL D 391 -18.62 5.88 -45.96
N THR D 392 -18.20 4.61 -45.93
CA THR D 392 -16.95 4.24 -45.29
C THR D 392 -15.76 4.87 -45.99
N VAL D 393 -15.77 4.85 -47.33
CA VAL D 393 -14.68 5.45 -48.10
C VAL D 393 -14.65 6.96 -47.94
N ILE D 394 -15.82 7.60 -48.00
CA ILE D 394 -15.92 9.05 -47.81
C ILE D 394 -15.44 9.43 -46.41
N GLY D 395 -15.76 8.61 -45.41
CA GLY D 395 -15.32 8.90 -44.06
C GLY D 395 -13.81 8.81 -43.89
N ALA D 396 -13.17 7.84 -44.56
CA ALA D 396 -11.73 7.69 -44.46
C ALA D 396 -10.98 8.82 -45.16
N ILE D 397 -11.57 9.38 -46.22
CA ILE D 397 -10.95 10.52 -46.87
C ILE D 397 -11.05 11.76 -45.99
N ILE D 398 -12.19 11.98 -45.34
CA ILE D 398 -12.36 13.14 -44.45
C ILE D 398 -11.48 13.00 -43.21
N ILE D 399 -11.19 11.78 -42.77
CA ILE D 399 -10.20 11.57 -41.71
C ILE D 399 -8.82 11.96 -42.19
N LEU D 400 -8.47 11.62 -43.43
CA LEU D 400 -7.17 12.00 -43.97
C LEU D 400 -7.11 13.44 -44.45
N LEU D 401 -8.23 14.15 -44.55
CA LEU D 401 -8.19 15.55 -44.93
C LEU D 401 -8.09 16.49 -43.73
N VAL D 402 -8.29 16.01 -42.51
CA VAL D 402 -8.20 16.87 -41.35
C VAL D 402 -7.06 16.46 -40.43
N GLU D 403 -6.25 15.48 -40.84
CA GLU D 403 -5.16 14.98 -40.01
C GLU D 403 -3.83 14.99 -40.75
N VAL D 404 -3.87 14.68 -42.04
CA VAL D 404 -2.68 14.72 -42.89
C VAL D 404 -2.33 16.14 -43.35
N PRO D 405 -3.26 17.03 -43.76
CA PRO D 405 -2.81 18.42 -44.04
C PRO D 405 -2.36 19.20 -42.82
N ASP D 406 -2.50 18.67 -41.61
CA ASP D 406 -2.00 19.32 -40.41
C ASP D 406 -0.63 18.79 -39.99
N ILE D 407 0.20 18.37 -40.95
CA ILE D 407 1.61 18.15 -40.69
C ILE D 407 2.51 18.88 -41.69
N PHE D 408 1.99 19.31 -42.84
CA PHE D 408 2.84 19.91 -43.85
C PHE D 408 3.08 21.39 -43.58
N ARG D 409 2.16 22.03 -42.89
CA ARG D 409 2.43 23.33 -42.27
C ARG D 409 2.95 23.18 -40.85
N MET D 410 2.69 22.05 -40.22
CA MET D 410 3.13 21.72 -38.87
C MET D 410 4.45 20.96 -39.00
N GLY D 411 4.90 20.26 -37.96
CA GLY D 411 6.03 19.36 -38.11
C GLY D 411 5.65 18.13 -38.92
N VAL D 412 6.47 17.80 -39.92
CA VAL D 412 6.13 16.76 -40.88
C VAL D 412 6.12 15.38 -40.22
N THR D 413 7.22 15.01 -39.55
CA THR D 413 7.23 13.85 -38.68
C THR D 413 7.79 14.19 -37.30
N ARG D 414 8.21 15.42 -37.06
CA ARG D 414 8.85 15.80 -35.81
C ARG D 414 7.86 16.35 -34.79
N PHE D 415 7.18 17.45 -35.13
CA PHE D 415 6.27 18.07 -34.17
C PHE D 415 4.96 17.32 -34.09
N PHE D 416 4.54 16.70 -35.19
CA PHE D 416 3.50 15.67 -35.08
C PHE D 416 4.04 14.47 -34.32
N GLY D 417 5.31 14.12 -34.53
CA GLY D 417 5.91 12.99 -33.85
C GLY D 417 6.07 13.18 -32.35
N GLN D 418 6.22 14.43 -31.90
CA GLN D 418 6.28 14.69 -30.47
C GLN D 418 4.93 14.45 -29.81
N THR D 419 3.85 14.88 -30.47
CA THR D 419 2.47 14.77 -30.00
C THR D 419 1.95 13.34 -29.90
N ILE D 420 2.73 12.34 -30.32
CA ILE D 420 2.26 10.96 -30.29
C ILE D 420 2.16 10.43 -28.86
N LEU D 421 3.01 10.93 -27.96
CA LEU D 421 2.91 10.54 -26.55
C LEU D 421 1.66 11.11 -25.90
N GLY D 422 1.20 12.28 -26.37
CA GLY D 422 -0.10 12.77 -25.94
C GLY D 422 -1.23 11.98 -26.57
N GLY D 423 -1.11 11.69 -27.87
CA GLY D 423 -2.12 10.89 -28.54
C GLY D 423 -1.61 9.82 -29.48
N PRO D 424 -1.86 8.55 -29.13
CA PRO D 424 -1.74 7.48 -30.13
C PRO D 424 -2.94 7.37 -31.04
N PHE D 425 -4.08 7.97 -30.67
CA PHE D 425 -5.27 7.89 -31.50
C PHE D 425 -5.16 8.72 -32.77
N HIS D 426 -4.22 9.66 -32.84
CA HIS D 426 -3.87 10.25 -34.14
C HIS D 426 -3.37 9.18 -35.08
N VAL D 427 -2.45 8.35 -34.61
CA VAL D 427 -1.86 7.30 -35.43
C VAL D 427 -2.91 6.26 -35.77
N LEU D 428 -3.76 5.92 -34.79
CA LEU D 428 -4.75 4.87 -34.96
C LEU D 428 -5.84 5.27 -35.96
N ILE D 429 -6.23 6.54 -35.98
CA ILE D 429 -7.30 6.92 -36.90
C ILE D 429 -6.76 7.13 -38.31
N ILE D 430 -5.47 7.42 -38.46
CA ILE D 430 -4.88 7.49 -39.79
C ILE D 430 -4.57 6.09 -40.31
N THR D 431 -4.16 5.19 -39.41
CA THR D 431 -3.94 3.80 -39.80
C THR D 431 -5.24 3.12 -40.17
N TYR D 432 -6.32 3.44 -39.47
CA TYR D 432 -7.66 3.01 -39.88
C TYR D 432 -7.98 3.48 -41.29
N ALA D 433 -7.85 4.79 -41.53
CA ALA D 433 -8.21 5.36 -42.82
C ALA D 433 -7.26 4.92 -43.92
N PHE D 434 -6.02 4.58 -43.58
CA PHE D 434 -5.13 3.94 -44.55
C PHE D 434 -5.64 2.56 -44.93
N MET D 435 -6.04 1.75 -43.95
CA MET D 435 -6.48 0.39 -44.25
C MET D 435 -7.84 0.34 -44.92
N VAL D 436 -8.66 1.37 -44.76
CA VAL D 436 -9.90 1.44 -45.51
C VAL D 436 -9.62 1.63 -46.99
N LEU D 437 -8.72 2.55 -47.32
CA LEU D 437 -8.46 2.88 -48.71
C LEU D 437 -7.64 1.82 -49.42
N VAL D 438 -6.83 1.06 -48.68
CA VAL D 438 -6.19 -0.11 -49.28
C VAL D 438 -7.23 -1.16 -49.65
N THR D 439 -8.23 -1.35 -48.79
CA THR D 439 -9.35 -2.24 -49.11
C THR D 439 -10.15 -1.72 -50.29
N MET D 440 -10.26 -0.40 -50.41
CA MET D 440 -10.90 0.21 -51.58
C MET D 440 -10.14 -0.11 -52.86
N VAL D 441 -8.82 0.06 -52.84
CA VAL D 441 -7.99 -0.22 -54.01
C VAL D 441 -8.05 -1.70 -54.37
N MET D 442 -7.98 -2.58 -53.36
CA MET D 442 -8.05 -4.02 -53.61
C MET D 442 -9.43 -4.45 -54.09
N ARG D 443 -10.48 -3.71 -53.70
CA ARG D 443 -11.79 -3.97 -54.28
C ARG D 443 -11.88 -3.47 -55.71
N LEU D 444 -11.19 -2.38 -56.03
CA LEU D 444 -11.24 -1.83 -57.39
C LEU D 444 -10.48 -2.68 -58.39
N ILE D 445 -9.38 -3.31 -57.98
CA ILE D 445 -8.52 -4.04 -58.91
C ILE D 445 -8.65 -5.54 -58.74
N SER D 446 -9.64 -5.99 -57.96
CA SER D 446 -9.94 -7.41 -57.69
C SER D 446 -8.73 -8.14 -57.11
N ALA D 447 -7.99 -7.48 -56.24
CA ALA D 447 -6.85 -8.12 -55.60
C ALA D 447 -7.33 -9.07 -54.52
N SER D 448 -6.62 -10.18 -54.38
CA SER D 448 -6.97 -11.19 -53.40
C SER D 448 -6.36 -10.84 -52.06
N GLY D 449 -7.15 -11.00 -51.01
CA GLY D 449 -6.64 -10.82 -49.67
C GLY D 449 -7.16 -9.59 -48.97
N GLU D 450 -8.43 -9.24 -49.22
CA GLU D 450 -9.03 -8.07 -48.60
C GLU D 450 -9.25 -8.27 -47.11
N VAL D 451 -9.24 -9.50 -46.63
CA VAL D 451 -9.36 -9.77 -45.21
C VAL D 451 -8.15 -9.25 -44.44
N VAL D 452 -7.01 -9.06 -45.09
CA VAL D 452 -5.82 -8.56 -44.40
C VAL D 452 -6.01 -7.07 -44.09
N PRO D 453 -6.34 -6.15 -45.03
CA PRO D 453 -6.57 -4.77 -44.58
C PRO D 453 -7.85 -4.58 -43.78
N MET D 454 -8.88 -5.39 -44.02
CA MET D 454 -10.13 -5.25 -43.28
C MET D 454 -9.96 -5.60 -41.81
N SER D 455 -9.20 -6.66 -41.50
CA SER D 455 -9.08 -7.11 -40.12
C SER D 455 -8.29 -6.12 -39.29
N PHE D 456 -7.25 -5.51 -39.87
CA PHE D 456 -6.61 -4.37 -39.24
C PHE D 456 -7.60 -3.23 -39.04
N ALA D 457 -8.43 -2.96 -40.05
CA ALA D 457 -9.35 -1.84 -39.97
C ALA D 457 -10.48 -2.07 -38.96
N LEU D 458 -10.93 -3.33 -38.81
CA LEU D 458 -11.95 -3.60 -37.80
C LEU D 458 -11.39 -3.43 -36.39
N VAL D 459 -10.15 -3.83 -36.18
CA VAL D 459 -9.55 -3.71 -34.87
C VAL D 459 -9.17 -2.25 -34.59
N LEU D 460 -8.55 -1.59 -35.57
CA LEU D 460 -8.19 -0.18 -35.42
C LEU D 460 -9.41 0.70 -35.27
N GLY D 461 -10.44 0.45 -36.07
CA GLY D 461 -11.62 1.31 -36.04
C GLY D 461 -12.45 1.17 -34.78
N TRP D 462 -12.57 -0.05 -34.27
CA TRP D 462 -13.31 -0.23 -33.03
C TRP D 462 -12.53 0.20 -31.80
N CYS D 463 -11.22 -0.06 -31.75
CA CYS D 463 -10.46 0.38 -30.59
C CYS D 463 -10.24 1.89 -30.53
N ASN D 464 -10.55 2.62 -31.60
CA ASN D 464 -10.62 4.08 -31.57
C ASN D 464 -11.83 4.62 -30.85
N VAL D 465 -12.81 3.79 -30.53
CA VAL D 465 -13.94 4.23 -29.72
C VAL D 465 -13.45 4.54 -28.30
N MET D 466 -12.37 3.88 -27.86
CA MET D 466 -11.75 4.18 -26.57
C MET D 466 -11.19 5.59 -26.46
N TYR D 467 -10.99 6.28 -27.59
CA TYR D 467 -10.66 7.70 -27.54
C TYR D 467 -11.76 8.52 -26.90
N PHE D 468 -13.01 8.18 -27.16
CA PHE D 468 -14.12 8.96 -26.65
C PHE D 468 -14.46 8.64 -25.21
N ALA D 469 -13.72 7.72 -24.59
CA ALA D 469 -13.84 7.46 -23.16
C ALA D 469 -13.41 8.66 -22.32
N ARG D 470 -12.55 9.53 -22.85
CA ARG D 470 -12.05 10.67 -22.08
C ARG D 470 -13.11 11.72 -21.85
N GLY D 471 -14.19 11.72 -22.61
CA GLY D 471 -15.29 12.62 -22.38
C GLY D 471 -16.30 12.16 -21.35
N PHE D 472 -15.88 11.30 -20.42
CA PHE D 472 -16.76 10.80 -19.37
C PHE D 472 -15.99 10.74 -18.07
N GLN D 473 -16.71 10.96 -16.96
CA GLN D 473 -16.10 10.93 -15.64
C GLN D 473 -15.63 9.52 -15.28
N MET D 474 -16.39 8.51 -15.68
CA MET D 474 -16.08 7.13 -15.31
C MET D 474 -14.91 6.58 -16.09
N LEU D 475 -14.84 6.87 -17.38
CA LEU D 475 -13.96 6.13 -18.27
C LEU D 475 -12.66 6.85 -18.55
N GLY D 476 -12.59 8.13 -18.27
CA GLY D 476 -11.42 8.92 -18.55
C GLY D 476 -10.14 8.52 -17.84
N PRO D 477 -10.12 8.55 -16.50
CA PRO D 477 -8.91 8.14 -15.78
C PRO D 477 -8.57 6.66 -15.91
N PHE D 478 -9.53 5.80 -16.24
CA PHE D 478 -9.20 4.41 -16.46
C PHE D 478 -8.50 4.20 -17.79
N THR D 479 -8.85 4.98 -18.80
CA THR D 479 -8.32 4.77 -20.14
C THR D 479 -6.88 5.27 -20.27
N ILE D 480 -6.48 6.23 -19.44
CA ILE D 480 -5.09 6.69 -19.40
C ILE D 480 -4.18 5.61 -18.79
N MET D 481 -4.70 4.88 -17.81
CA MET D 481 -3.98 3.75 -17.22
C MET D 481 -3.60 2.71 -18.26
N ILE D 482 -4.44 2.53 -19.29
CA ILE D 482 -4.17 1.55 -20.33
C ILE D 482 -2.93 1.94 -21.15
N GLN D 483 -2.82 3.22 -21.50
CA GLN D 483 -1.69 3.70 -22.29
C GLN D 483 -0.38 3.60 -21.53
N LYS D 484 -0.38 3.97 -20.26
CA LYS D 484 0.86 4.01 -19.53
C LYS D 484 1.35 2.64 -19.08
N MET D 485 0.51 1.62 -19.19
CA MET D 485 1.01 0.29 -18.96
C MET D 485 1.41 -0.45 -20.23
N ILE D 486 0.84 -0.10 -21.39
CA ILE D 486 1.31 -0.74 -22.62
C ILE D 486 2.65 -0.17 -23.05
N PHE D 487 2.87 1.13 -22.91
CA PHE D 487 4.15 1.70 -23.28
C PHE D 487 5.11 1.74 -22.10
N GLY D 488 4.73 1.13 -20.99
CA GLY D 488 5.64 0.89 -19.89
C GLY D 488 5.77 -0.59 -19.63
N ASP D 489 4.98 -1.09 -18.69
CA ASP D 489 5.20 -2.40 -18.12
C ASP D 489 4.79 -3.55 -19.03
N LEU D 490 3.86 -3.33 -19.97
CA LEU D 490 3.53 -4.42 -20.88
C LEU D 490 4.64 -4.64 -21.90
N MET D 491 5.18 -3.54 -22.46
CA MET D 491 6.29 -3.63 -23.38
C MET D 491 7.54 -4.10 -22.68
N ARG D 492 7.70 -3.73 -21.42
CA ARG D 492 8.78 -4.23 -20.59
C ARG D 492 8.67 -5.72 -20.38
N PHE D 493 7.46 -6.22 -20.13
CA PHE D 493 7.24 -7.65 -19.98
C PHE D 493 7.41 -8.41 -21.29
N CYS D 494 7.06 -7.79 -22.42
CA CYS D 494 7.08 -8.49 -23.70
C CYS D 494 8.48 -8.84 -24.17
N TRP D 495 9.49 -8.03 -23.83
CA TRP D 495 10.86 -8.40 -24.18
C TRP D 495 11.29 -9.65 -23.42
N LEU D 496 11.00 -9.69 -22.13
CA LEU D 496 11.36 -10.83 -21.32
C LEU D 496 10.51 -12.04 -21.67
N MET D 497 9.27 -11.80 -22.10
CA MET D 497 8.40 -12.87 -22.55
C MET D 497 8.89 -13.48 -23.86
N ALA D 498 9.37 -12.63 -24.79
CA ALA D 498 9.84 -13.12 -26.09
C ALA D 498 11.07 -14.01 -25.94
N VAL D 499 11.92 -13.69 -24.97
CA VAL D 499 13.11 -14.47 -24.67
C VAL D 499 12.74 -15.88 -24.19
N VAL D 500 11.79 -15.95 -23.27
CA VAL D 500 11.37 -17.24 -22.73
C VAL D 500 10.60 -18.04 -23.78
N ILE D 501 9.76 -17.37 -24.56
CA ILE D 501 9.02 -18.03 -25.64
C ILE D 501 9.97 -18.63 -26.66
N LEU D 502 10.98 -17.86 -27.08
CA LEU D 502 11.93 -18.34 -28.10
C LEU D 502 12.75 -19.53 -27.65
N GLY D 503 13.10 -19.59 -26.37
CA GLY D 503 13.89 -20.71 -25.90
C GLY D 503 13.08 -21.97 -25.71
N PHE D 504 11.87 -21.83 -25.22
CA PHE D 504 11.05 -23.01 -24.98
C PHE D 504 10.35 -23.50 -26.23
N ALA D 505 10.01 -22.60 -27.16
CA ALA D 505 9.42 -23.05 -28.43
C ALA D 505 10.42 -23.86 -29.23
N SER D 506 11.69 -23.47 -29.17
CA SER D 506 12.74 -24.18 -29.87
C SER D 506 13.00 -25.53 -29.25
N ALA D 507 12.94 -25.62 -27.93
CA ALA D 507 13.05 -26.91 -27.25
C ALA D 507 11.84 -27.79 -27.55
N PHE D 508 10.63 -27.24 -27.43
CA PHE D 508 9.40 -27.96 -27.76
C PHE D 508 9.38 -28.41 -29.21
N TYR D 509 9.93 -27.60 -30.12
CA TYR D 509 10.03 -27.99 -31.52
C TYR D 509 10.92 -29.21 -31.70
N ILE D 510 12.11 -29.20 -31.11
CA ILE D 510 13.04 -30.30 -31.35
C ILE D 510 12.71 -31.53 -30.53
N ILE D 511 11.96 -31.39 -29.43
CA ILE D 511 11.51 -32.55 -28.68
C ILE D 511 10.49 -33.36 -29.47
N PHE D 512 9.53 -32.68 -30.09
CA PHE D 512 8.49 -33.32 -30.88
C PHE D 512 8.85 -33.41 -32.36
N GLN D 513 10.11 -33.17 -32.71
CA GLN D 513 10.53 -33.18 -34.10
C GLN D 513 10.60 -34.58 -34.68
N THR D 514 10.75 -35.60 -33.82
CA THR D 514 10.79 -36.99 -34.22
C THR D 514 9.49 -37.72 -33.98
N GLU D 515 8.42 -37.04 -33.58
CA GLU D 515 7.18 -37.69 -33.23
C GLU D 515 6.21 -37.62 -34.41
N ASP D 516 5.05 -38.22 -34.22
CA ASP D 516 3.97 -38.10 -35.19
C ASP D 516 3.08 -36.93 -34.81
N PRO D 517 2.97 -35.90 -35.65
CA PRO D 517 2.15 -34.73 -35.28
C PRO D 517 0.66 -34.98 -35.35
N GLU D 518 0.22 -36.09 -35.93
CA GLU D 518 -1.20 -36.42 -35.98
C GLU D 518 -1.77 -36.65 -34.59
N GLU D 519 -0.93 -37.11 -33.67
CA GLU D 519 -1.35 -37.35 -32.32
C GLU D 519 -1.05 -36.20 -31.38
N LEU D 520 -0.13 -35.30 -31.76
CA LEU D 520 0.13 -34.08 -30.99
C LEU D 520 0.76 -33.07 -31.95
N GLY D 521 -0.05 -32.11 -32.38
CA GLY D 521 0.35 -31.22 -33.46
C GLY D 521 0.71 -29.81 -33.09
N HIS D 522 0.87 -29.50 -31.80
CA HIS D 522 1.11 -28.15 -31.32
C HIS D 522 2.41 -27.57 -31.85
N PHE D 523 3.38 -28.42 -32.16
CA PHE D 523 4.71 -27.96 -32.51
C PHE D 523 5.12 -28.53 -33.86
N TYR D 524 4.17 -28.68 -34.81
CA TYR D 524 4.42 -29.47 -36.00
C TYR D 524 5.42 -28.80 -36.94
N ASP D 525 5.42 -27.48 -37.04
CA ASP D 525 6.54 -26.77 -37.64
C ASP D 525 6.94 -25.62 -36.73
N TYR D 526 7.99 -24.92 -37.11
CA TYR D 526 8.57 -23.96 -36.18
C TYR D 526 7.75 -22.68 -35.98
N PRO D 527 7.07 -22.11 -36.98
CA PRO D 527 6.13 -21.02 -36.65
C PRO D 527 4.93 -21.45 -35.83
N MET D 528 4.44 -22.68 -35.95
CA MET D 528 3.37 -23.12 -35.07
C MET D 528 3.89 -23.34 -33.65
N ALA D 529 5.11 -23.85 -33.52
CA ALA D 529 5.71 -24.05 -32.21
C ALA D 529 5.89 -22.72 -31.46
N LEU D 530 6.23 -21.66 -32.19
CA LEU D 530 6.30 -20.33 -31.59
C LEU D 530 4.94 -19.83 -31.17
N PHE D 531 3.92 -20.05 -32.01
CA PHE D 531 2.59 -19.58 -31.68
C PHE D 531 1.97 -20.40 -30.56
N SER D 532 2.26 -21.70 -30.52
CA SER D 532 1.73 -22.55 -29.46
C SER D 532 2.36 -22.21 -28.12
N THR D 533 3.67 -21.94 -28.11
CA THR D 533 4.37 -21.62 -26.87
C THR D 533 3.93 -20.28 -26.32
N PHE D 534 3.66 -19.32 -27.21
CA PHE D 534 3.04 -18.05 -26.82
C PHE D 534 1.70 -18.26 -26.14
N GLU D 535 0.85 -19.09 -26.74
CA GLU D 535 -0.45 -19.41 -26.15
C GLU D 535 -0.30 -20.21 -24.86
N LEU D 536 0.71 -21.07 -24.78
CA LEU D 536 0.98 -21.80 -23.55
C LEU D 536 1.51 -20.90 -22.45
N PHE D 537 2.28 -19.88 -22.82
CA PHE D 537 2.80 -18.92 -21.86
C PHE D 537 1.65 -18.20 -21.15
N LEU D 538 0.69 -17.74 -21.93
CA LEU D 538 -0.49 -17.06 -21.41
C LEU D 538 -1.53 -18.01 -20.85
N THR D 539 -1.31 -19.33 -20.97
CA THR D 539 -2.22 -20.40 -20.53
C THR D 539 -3.59 -20.28 -21.18
N ILE D 540 -3.63 -19.77 -22.40
CA ILE D 540 -4.90 -19.62 -23.09
C ILE D 540 -5.22 -20.79 -23.99
N ILE D 541 -4.28 -21.69 -24.24
CA ILE D 541 -4.61 -23.00 -24.76
C ILE D 541 -4.20 -24.01 -23.71
N ASP D 542 -4.83 -25.18 -23.78
CA ASP D 542 -4.67 -26.16 -22.73
C ASP D 542 -3.33 -26.85 -22.88
N GLY D 543 -2.96 -27.19 -24.08
CA GLY D 543 -1.62 -27.62 -24.33
C GLY D 543 -1.32 -29.05 -23.97
N PRO D 544 -0.30 -29.58 -24.63
CA PRO D 544 -0.17 -30.93 -25.12
C PRO D 544 -0.33 -32.05 -24.12
N ALA D 545 -1.29 -32.91 -24.41
CA ALA D 545 -1.49 -34.16 -23.71
C ALA D 545 -2.16 -35.12 -24.67
N ASN D 546 -1.79 -36.39 -24.60
CA ASN D 546 -2.55 -37.38 -25.34
C ASN D 546 -3.11 -38.48 -24.47
N TYR D 547 -2.26 -39.10 -23.63
CA TYR D 547 -2.49 -40.16 -22.64
C TYR D 547 -2.72 -41.53 -23.28
N ASN D 548 -2.92 -41.57 -24.58
CA ASN D 548 -2.95 -42.83 -25.31
C ASN D 548 -1.59 -43.18 -25.87
N VAL D 549 -0.63 -42.25 -25.81
CA VAL D 549 0.64 -42.43 -26.46
C VAL D 549 1.74 -41.99 -25.49
N ASP D 550 2.95 -42.49 -25.72
CA ASP D 550 4.09 -42.05 -24.93
C ASP D 550 4.63 -40.75 -25.48
N LEU D 551 4.55 -39.71 -24.68
CA LEU D 551 5.23 -38.47 -25.02
C LEU D 551 6.71 -38.59 -24.64
N PRO D 552 7.59 -37.82 -25.28
CA PRO D 552 9.00 -37.83 -24.86
C PRO D 552 9.15 -37.36 -23.43
N PHE D 553 10.12 -37.94 -22.73
CA PHE D 553 10.29 -37.58 -21.32
C PHE D 553 10.82 -36.16 -21.17
N MET D 554 11.52 -35.65 -22.18
CA MET D 554 11.98 -34.27 -22.14
C MET D 554 10.83 -33.28 -22.20
N TYR D 555 9.70 -33.66 -22.78
CA TYR D 555 8.53 -32.79 -22.79
C TYR D 555 8.01 -32.53 -21.39
N SER D 556 7.92 -33.56 -20.55
CA SER D 556 7.42 -33.37 -19.19
C SER D 556 8.38 -32.57 -18.33
N ILE D 557 9.68 -32.64 -18.63
CA ILE D 557 10.65 -31.83 -17.89
C ILE D 557 10.58 -30.39 -18.35
N THR D 558 10.51 -30.18 -19.67
CA THR D 558 10.59 -28.84 -20.22
C THR D 558 9.29 -28.08 -19.99
N TYR D 559 8.15 -28.76 -20.07
CA TYR D 559 6.90 -28.05 -19.89
C TYR D 559 6.61 -27.76 -18.42
N ALA D 560 7.11 -28.59 -17.50
CA ALA D 560 7.01 -28.26 -16.10
C ALA D 560 7.85 -27.04 -15.76
N ALA D 561 9.05 -26.97 -16.32
CA ALA D 561 9.91 -25.82 -16.16
C ALA D 561 9.32 -24.58 -16.84
N PHE D 562 8.71 -24.77 -18.01
CA PHE D 562 8.05 -23.67 -18.71
C PHE D 562 6.86 -23.14 -17.93
N ALA D 563 6.07 -24.03 -17.33
CA ALA D 563 4.88 -23.63 -16.60
C ALA D 563 5.21 -22.91 -15.29
N ILE D 564 6.31 -23.26 -14.64
CA ILE D 564 6.70 -22.52 -13.45
C ILE D 564 7.18 -21.13 -13.82
N ILE D 565 8.01 -21.02 -14.86
CA ILE D 565 8.53 -19.74 -15.30
C ILE D 565 7.43 -18.84 -15.84
N ALA D 566 6.47 -19.41 -16.58
CA ALA D 566 5.41 -18.61 -17.18
C ALA D 566 4.46 -18.06 -16.13
N THR D 567 4.13 -18.83 -15.08
CA THR D 567 3.28 -18.28 -14.03
C THR D 567 4.05 -17.37 -13.08
N LEU D 568 5.33 -17.64 -12.82
CA LEU D 568 6.23 -16.67 -12.17
C LEU D 568 6.24 -15.33 -12.89
N LEU D 569 6.46 -15.35 -14.21
CA LEU D 569 6.50 -14.12 -14.99
C LEU D 569 5.14 -13.44 -15.04
N MET D 570 4.05 -14.22 -15.22
CA MET D 570 2.72 -13.64 -15.29
C MET D 570 2.33 -12.98 -13.97
N LEU D 571 2.67 -13.61 -12.85
CA LEU D 571 2.42 -12.98 -11.56
C LEU D 571 3.37 -11.82 -11.29
N ASN D 572 4.49 -11.74 -11.99
CA ASN D 572 5.40 -10.60 -11.89
C ASN D 572 4.92 -9.40 -12.70
N LEU D 573 4.26 -9.65 -13.85
CA LEU D 573 3.61 -8.55 -14.56
C LEU D 573 2.50 -7.93 -13.74
N LEU D 574 1.82 -8.74 -12.94
CA LEU D 574 0.76 -8.26 -12.08
C LEU D 574 1.31 -7.36 -10.98
N ILE D 575 2.54 -7.63 -10.53
CA ILE D 575 3.24 -6.76 -9.60
C ILE D 575 3.45 -5.40 -10.23
N ALA D 576 4.15 -5.39 -11.37
CA ALA D 576 4.67 -4.16 -11.95
C ALA D 576 3.56 -3.23 -12.39
N MET D 577 2.40 -3.78 -12.73
CA MET D 577 1.23 -2.98 -12.98
C MET D 577 0.62 -2.40 -11.71
N MET D 578 1.01 -2.87 -10.52
CA MET D 578 0.52 -2.26 -9.30
C MET D 578 1.48 -1.24 -8.68
N GLY D 579 2.78 -1.36 -8.95
CA GLY D 579 3.64 -0.22 -8.67
C GLY D 579 3.50 0.88 -9.70
N ASP D 580 2.99 0.55 -10.88
CA ASP D 580 2.83 1.56 -11.92
C ASP D 580 1.68 2.48 -11.61
N THR D 581 0.59 1.92 -11.09
CA THR D 581 -0.61 2.73 -10.95
C THR D 581 -0.64 3.45 -9.62
N HIS D 582 -0.68 2.68 -8.53
CA HIS D 582 -0.90 3.25 -7.21
C HIS D 582 0.28 4.06 -6.72
N TRP D 583 1.48 3.84 -7.27
CA TRP D 583 2.64 4.61 -6.87
C TRP D 583 3.13 5.59 -7.91
N ARG D 584 2.61 5.55 -9.14
CA ARG D 584 2.94 6.60 -10.09
C ARG D 584 1.71 7.28 -10.66
N VAL D 585 0.70 6.56 -11.12
CA VAL D 585 -0.34 7.21 -11.90
C VAL D 585 -1.74 7.01 -11.31
N ALA D 586 -1.85 6.70 -10.01
CA ALA D 586 -3.16 6.84 -9.36
C ALA D 586 -3.30 8.13 -8.59
N HIS D 587 -2.18 8.73 -8.18
CA HIS D 587 -2.24 10.04 -7.51
C HIS D 587 -2.58 11.13 -8.52
N GLU D 588 -2.27 10.90 -9.78
CA GLU D 588 -2.49 11.86 -10.85
C GLU D 588 -3.52 11.36 -11.86
N ARG D 589 -4.55 10.63 -11.40
CA ARG D 589 -5.60 10.22 -12.33
C ARG D 589 -6.42 11.41 -12.79
N ASP D 590 -6.88 12.22 -11.84
CA ASP D 590 -7.68 13.39 -12.19
C ASP D 590 -6.85 14.43 -12.93
N GLU D 591 -5.59 14.62 -12.54
CA GLU D 591 -4.73 15.61 -13.19
C GLU D 591 -4.38 15.22 -14.62
N LEU D 592 -4.09 13.94 -14.85
CA LEU D 592 -3.87 13.50 -16.23
C LEU D 592 -5.16 13.50 -17.03
N TRP D 593 -6.30 13.31 -16.39
CA TRP D 593 -7.56 13.33 -17.12
C TRP D 593 -8.05 14.73 -17.37
N ARG D 594 -7.82 15.67 -16.43
CA ARG D 594 -8.19 17.05 -16.67
C ARG D 594 -7.31 17.66 -17.76
N ALA D 595 -6.06 17.25 -17.82
CA ALA D 595 -5.19 17.68 -18.92
C ALA D 595 -5.65 17.09 -20.25
N GLN D 596 -6.24 15.90 -20.25
CA GLN D 596 -6.85 15.38 -21.46
C GLN D 596 -8.09 16.16 -21.88
N ILE D 597 -8.83 16.72 -20.93
CA ILE D 597 -9.97 17.57 -21.29
C ILE D 597 -9.48 18.86 -21.91
N VAL D 598 -8.37 19.42 -21.42
CA VAL D 598 -7.82 20.63 -22.00
C VAL D 598 -7.29 20.38 -23.41
N ALA D 599 -6.53 19.30 -23.58
CA ALA D 599 -6.02 18.93 -24.91
C ALA D 599 -7.13 18.61 -25.87
N THR D 600 -8.23 18.06 -25.39
CA THR D 600 -9.37 17.83 -26.27
C THR D 600 -10.09 19.12 -26.58
N THR D 601 -10.28 19.99 -25.59
CA THR D 601 -11.06 21.21 -25.80
C THR D 601 -10.31 22.20 -26.68
N VAL D 602 -8.98 22.27 -26.55
CA VAL D 602 -8.16 23.09 -27.44
C VAL D 602 -8.23 22.57 -28.86
N MET D 603 -8.11 21.25 -29.03
CA MET D 603 -8.15 20.64 -30.35
C MET D 603 -9.51 20.79 -31.00
N LEU D 604 -10.57 20.63 -30.23
CA LEU D 604 -11.93 20.62 -30.73
C LEU D 604 -12.48 22.02 -30.95
N GLU D 605 -11.67 23.06 -30.72
CA GLU D 605 -11.99 24.43 -31.05
C GLU D 605 -11.21 24.92 -32.26
N ARG D 606 -9.98 24.46 -32.40
CA ARG D 606 -9.14 24.84 -33.54
C ARG D 606 -9.61 24.18 -34.82
N LYS D 607 -10.12 22.95 -34.74
CA LYS D 607 -10.61 22.22 -35.90
C LYS D 607 -12.13 22.24 -35.96
N LEU D 608 -12.73 23.37 -35.61
CA LEU D 608 -14.17 23.56 -35.58
C LEU D 608 -14.41 25.02 -35.93
N PRO D 609 -15.52 25.37 -36.60
CA PRO D 609 -15.69 26.75 -37.07
C PRO D 609 -15.88 27.80 -35.98
N ARG D 610 -16.00 29.06 -36.42
CA ARG D 610 -16.11 30.18 -35.50
C ARG D 610 -17.55 30.37 -35.02
N CYS D 611 -18.52 30.17 -35.91
CA CYS D 611 -19.91 30.47 -35.58
C CYS D 611 -20.51 29.46 -34.62
N LEU D 612 -19.97 28.23 -34.57
CA LEU D 612 -20.45 27.21 -33.65
C LEU D 612 -19.86 27.36 -32.24
N TRP D 613 -18.79 28.12 -32.09
CA TRP D 613 -18.06 28.19 -30.83
C TRP D 613 -18.06 29.62 -30.31
N PRO D 614 -18.95 29.96 -29.37
CA PRO D 614 -18.85 31.26 -28.71
C PRO D 614 -17.56 31.37 -27.90
N ARG D 615 -16.99 32.56 -27.92
CA ARG D 615 -15.73 32.79 -27.22
C ARG D 615 -15.99 32.87 -25.72
N SER D 616 -15.08 32.30 -24.93
CA SER D 616 -15.27 32.20 -23.50
C SER D 616 -15.00 33.53 -22.82
N GLY D 617 -15.77 33.77 -21.76
CA GLY D 617 -15.70 35.04 -21.06
C GLY D 617 -16.74 36.02 -21.55
N ILE D 618 -16.75 37.19 -20.91
CA ILE D 618 -17.67 38.27 -21.25
C ILE D 618 -16.85 39.37 -21.88
N CYS D 619 -17.23 39.78 -23.08
CA CYS D 619 -16.51 40.84 -23.76
C CYS D 619 -16.91 42.18 -23.17
N GLY D 620 -15.95 43.09 -23.12
CA GLY D 620 -16.22 44.48 -22.77
C GLY D 620 -16.90 45.23 -23.89
N ARG D 621 -16.65 46.55 -23.92
CA ARG D 621 -17.15 47.56 -24.88
C ARG D 621 -18.65 47.85 -24.67
N GLU D 622 -19.34 47.01 -23.91
CA GLU D 622 -20.63 47.33 -23.34
C GLU D 622 -20.55 47.52 -21.84
N TYR D 623 -19.34 47.52 -21.28
CA TYR D 623 -19.17 47.69 -19.84
C TYR D 623 -18.01 48.61 -19.50
N GLY D 624 -17.45 49.32 -20.48
CA GLY D 624 -16.35 50.22 -20.20
C GLY D 624 -15.06 49.52 -19.87
N LEU D 625 -14.86 48.32 -20.41
CA LEU D 625 -13.71 47.50 -20.05
C LEU D 625 -12.73 47.27 -21.19
N GLY D 626 -13.04 47.74 -22.39
CA GLY D 626 -12.18 47.55 -23.54
C GLY D 626 -12.71 46.50 -24.50
N ASP D 627 -11.83 46.08 -25.42
CA ASP D 627 -12.13 44.99 -26.33
C ASP D 627 -11.69 43.64 -25.78
N ARG D 628 -11.60 43.52 -24.47
CA ARG D 628 -11.13 42.32 -23.79
C ARG D 628 -12.31 41.45 -23.39
N TRP D 629 -12.03 40.16 -23.26
CA TRP D 629 -12.98 39.17 -22.77
C TRP D 629 -12.58 38.79 -21.35
N PHE D 630 -13.54 38.87 -20.41
CA PHE D 630 -13.27 38.75 -18.99
C PHE D 630 -13.99 37.54 -18.39
N LEU D 631 -13.36 36.89 -17.41
CA LEU D 631 -13.99 35.82 -16.67
C LEU D 631 -14.21 36.24 -15.24
N ARG D 632 -15.44 36.06 -14.76
CA ARG D 632 -15.82 36.41 -13.41
C ARG D 632 -15.81 35.18 -12.52
N VAL D 633 -15.15 35.29 -11.37
CA VAL D 633 -15.09 34.21 -10.40
C VAL D 633 -15.52 34.76 -9.06
N GLU D 634 -16.61 34.21 -8.52
CA GLU D 634 -17.12 34.58 -7.22
C GLU D 634 -16.82 33.44 -6.26
N ASP D 635 -16.05 33.73 -5.21
CA ASP D 635 -15.66 32.73 -4.24
C ASP D 635 -16.05 33.17 -2.82
N ARG D 636 -15.77 32.29 -1.87
CA ARG D 636 -15.98 32.56 -0.46
C ARG D 636 -14.66 32.41 0.28
N GLN D 637 -14.33 33.40 1.11
CA GLN D 637 -13.03 33.49 1.76
C GLN D 637 -12.98 32.83 3.13
N ASP D 638 -14.14 32.43 3.67
CA ASP D 638 -14.28 31.77 4.97
C ASP D 638 -13.67 32.58 6.12
#